data_5TDV
#
_entry.id   5TDV
#
_cell.length_a   100.293
_cell.length_b   115.757
_cell.length_c   181.654
_cell.angle_alpha   90.00
_cell.angle_beta   90.00
_cell.angle_gamma   90.00
#
_symmetry.space_group_name_H-M   'P 21 21 21'
#
loop_
_entity.id
_entity.type
_entity.pdbx_description
1 polymer 'Toluene-4-monooxygenase system protein A'
2 polymer 'Toluene-4-monooxygenase system protein E'
3 polymer 'Toluene-4-monooxygenase system protein B'
4 polymer 'Toluene-4-monooxygenase system protein D'
5 non-polymer 'PEROXIDE ION'
6 non-polymer 'FE (III) ION'
7 water water
#
loop_
_entity_poly.entity_id
_entity_poly.type
_entity_poly.pdbx_seq_one_letter_code
_entity_poly.pdbx_strand_id
1 'polypeptide(L)'
;MAMHPRKDWYELTRATNWTPSYVTEEQLFPERMSGHMGIPLEKWESYDEPYKTSYPEYVSIQREKDAGAYSVKAALERAK
IYENSDPGWISTLKSHYGAIAVGEYAAVTGEGRMARFSKAPGNRNMATFGMMDELRHGQLQLFFPHEYCKKDRQFDWAWR
AYHSNEWAAIAAKHFFDDIITGRDAISVAIMLTFSFETGFTNMQFLGLAADAAEAGDYTFANLISSIATDESRHAQQGGP
ALQLLIENGKREEAQKKVDMAIWRAWRLFAVLTGPVMDYYTPLEDRSQSFKEFMYEWIIGQFERSLIDLGLDKPWYWDLF
LKDIDELHHSYHMGVWYWRTTAWWNPAAGVTPEERDWLEEKYPGWNKRWGRCWDVITENVLDDRMDLVSPETLPSVCNMS
QIPLVGVPGDDWNIEVFSLEHNGRLYHFGSEVDRWVFQQDPVQYQNHMNIVDRFLAGQIQPMTLDGALKYMGFQSIEEMG
KDAHDFAWADKCKPAMKKSA
;
A,D
2 'polypeptide(L)'
;MSFESKKPMRTWSHLAEMRKKPSEYDIVSRKLHYSTNNPDSPWELSPDSPMNLWYKQYRNASPLKHDNWDAFTDPDQLVY
RTYNLMQDGQESYVQSLFDQFNEREHDQMVREGWEHTMARCYSPLRYLFHCLQMSSAYVQQMAPASTISNCCILQTADSL
RWLTHTAYRTHELSLTYPDAGLGEHERELWEKEPGWQGLRELMEKQLTAFDWGEAFVSLNLVVKPMIVESIFKPLQQQAY
ENNDTLLPLLIDSQLKDAERHSRWSKALVKHALENPDNHAVIEGWIEKWRPLADRAAEAYLSMLSSDILHAQYLERSTSL
RASILTV
;
B,F
3 'polypeptide(L)'
;MSAFPVHAAFEKDFLVQLVVVDLNDSMDQVAEKVAYHCVNRRVAPREGVMRVRKHRSTELFPRDMTIAESGLNPTEVIDV
VFEE
;
C,G
4 'polypeptide(L)'
;MSTLAQQALHNNNVGPIIRAGDLVEPVIETAEIDNPGKEITVEDRRAYVRIAAEGELILTRKTLEEQLGRPFNMQELEIN
LASFAGQIQADEDQIRFYFDKTM
;
E,H
#
# COMPACT_ATOMS: atom_id res chain seq x y z
N ALA A 2 -14.61 12.37 25.24
CA ALA A 2 -15.54 11.88 24.23
C ALA A 2 -15.58 12.83 23.03
N MET A 3 -15.95 12.30 21.87
CA MET A 3 -16.07 13.08 20.64
C MET A 3 -17.54 13.23 20.26
N HIS A 4 -17.86 14.33 19.70
CA HIS A 4 -19.26 14.44 19.35
C HIS A 4 -19.48 14.16 17.87
N PRO A 5 -20.53 13.41 17.54
CA PRO A 5 -20.70 12.91 16.17
C PRO A 5 -20.97 14.02 15.17
N ARG A 6 -20.56 13.79 13.93
CA ARG A 6 -20.76 14.77 12.86
C ARG A 6 -22.18 15.32 12.87
N LYS A 7 -23.16 14.42 12.89
CA LYS A 7 -24.56 14.82 12.91
C LYS A 7 -24.91 15.57 14.18
N ASP A 8 -23.97 16.37 14.68
CA ASP A 8 -24.17 17.13 15.90
C ASP A 8 -23.62 18.55 15.76
N TRP A 9 -22.74 18.74 14.76
CA TRP A 9 -22.13 20.04 14.52
C TRP A 9 -21.96 20.38 13.05
N TYR A 10 -22.32 19.46 12.14
CA TYR A 10 -22.09 19.68 10.71
C TYR A 10 -22.80 20.93 10.22
N GLU A 11 -24.01 21.18 10.69
CA GLU A 11 -24.77 22.31 10.17
C GLU A 11 -24.01 23.61 10.35
N LEU A 12 -23.29 23.75 11.46
CA LEU A 12 -22.55 24.98 11.68
C LEU A 12 -21.39 25.15 10.71
N THR A 13 -20.85 24.06 10.14
CA THR A 13 -19.78 24.25 9.15
C THR A 13 -20.29 24.91 7.88
N ARG A 14 -21.58 24.80 7.57
CA ARG A 14 -22.12 25.45 6.39
C ARG A 14 -23.08 26.59 6.71
N ALA A 15 -23.13 27.05 7.96
CA ALA A 15 -23.82 28.29 8.32
C ALA A 15 -22.88 29.47 8.07
N THR A 16 -22.67 29.77 6.78
CA THR A 16 -21.69 30.78 6.40
C THR A 16 -22.24 31.87 5.47
N ASN A 17 -23.51 31.83 5.10
CA ASN A 17 -24.11 32.91 4.32
C ASN A 17 -24.43 34.08 5.24
N TRP A 18 -24.26 35.29 4.74
CA TRP A 18 -24.71 36.48 5.45
C TRP A 18 -25.20 37.49 4.44
N THR A 19 -25.88 38.54 4.94
CA THR A 19 -26.41 39.62 4.12
C THR A 19 -25.35 40.70 4.00
N PRO A 20 -24.73 40.88 2.84
CA PRO A 20 -23.66 41.90 2.73
C PRO A 20 -24.22 43.32 2.81
N SER A 21 -23.40 44.22 3.34
CA SER A 21 -23.84 45.58 3.67
C SER A 21 -22.92 46.64 3.06
N TYR A 22 -21.64 46.31 2.91
CA TYR A 22 -20.63 47.27 2.46
C TYR A 22 -20.34 47.14 0.98
N VAL A 23 -20.68 46.00 0.38
CA VAL A 23 -20.87 45.87 -1.05
C VAL A 23 -22.24 45.24 -1.24
N THR A 24 -22.73 45.26 -2.47
CA THR A 24 -24.01 44.62 -2.72
C THR A 24 -23.83 43.12 -2.92
N GLU A 25 -24.93 42.38 -2.72
CA GLU A 25 -24.95 40.95 -3.01
C GLU A 25 -24.47 40.66 -4.43
N GLU A 26 -24.85 41.50 -5.38
CA GLU A 26 -24.47 41.26 -6.78
C GLU A 26 -23.01 41.57 -7.02
N GLN A 27 -22.42 42.50 -6.27
CA GLN A 27 -20.99 42.73 -6.38
C GLN A 27 -20.20 41.57 -5.78
N LEU A 28 -20.70 41.01 -4.68
CA LEU A 28 -20.01 39.90 -4.02
C LEU A 28 -20.10 38.63 -4.87
N PHE A 29 -21.25 38.42 -5.52
CA PHE A 29 -21.53 37.22 -6.31
C PHE A 29 -21.97 37.62 -7.71
N PRO A 30 -21.06 38.18 -8.50
CA PRO A 30 -21.47 38.68 -9.83
C PRO A 30 -21.90 37.53 -10.74
N GLU A 31 -22.94 37.81 -11.54
CA GLU A 31 -23.61 36.75 -12.28
C GLU A 31 -22.66 36.06 -13.26
N ARG A 32 -21.74 36.81 -13.88
CA ARG A 32 -20.86 36.19 -14.86
C ARG A 32 -19.92 35.17 -14.21
N MET A 33 -19.66 35.29 -12.91
CA MET A 33 -18.82 34.34 -12.19
C MET A 33 -19.63 33.33 -11.39
N SER A 34 -20.81 33.73 -10.93
CA SER A 34 -21.62 32.93 -10.02
C SER A 34 -22.76 32.18 -10.70
N GLY A 35 -23.43 32.80 -11.66
CA GLY A 35 -24.47 32.10 -12.40
C GLY A 35 -25.70 31.76 -11.59
N HIS A 36 -26.06 32.60 -10.62
CA HIS A 36 -27.18 32.30 -9.74
C HIS A 36 -28.54 32.50 -10.42
N MET A 37 -28.57 33.07 -11.64
CA MET A 37 -29.79 33.22 -12.42
C MET A 37 -30.83 34.07 -11.70
N GLY A 38 -30.37 35.01 -10.88
CA GLY A 38 -31.25 35.88 -10.13
C GLY A 38 -31.93 35.23 -8.95
N ILE A 39 -31.54 34.01 -8.58
CA ILE A 39 -32.13 33.35 -7.43
C ILE A 39 -31.51 33.93 -6.16
N PRO A 40 -32.32 34.45 -5.25
CA PRO A 40 -31.78 35.17 -4.09
C PRO A 40 -31.01 34.25 -3.14
N LEU A 41 -30.09 34.89 -2.41
CA LEU A 41 -29.19 34.21 -1.48
C LEU A 41 -29.94 33.27 -0.54
N GLU A 42 -31.05 33.72 0.04
CA GLU A 42 -31.76 32.89 1.01
C GLU A 42 -32.20 31.56 0.42
N LYS A 43 -32.52 31.53 -0.88
CA LYS A 43 -32.95 30.27 -1.48
C LYS A 43 -31.82 29.26 -1.56
N TRP A 44 -30.56 29.72 -1.61
CA TRP A 44 -29.43 28.80 -1.73
C TRP A 44 -29.08 28.10 -0.43
N GLU A 45 -29.63 28.55 0.70
CA GLU A 45 -29.30 27.92 1.97
C GLU A 45 -29.93 26.54 2.12
N SER A 46 -30.87 26.16 1.26
CA SER A 46 -31.46 24.83 1.32
C SER A 46 -30.64 23.76 0.60
N TYR A 47 -29.56 24.14 -0.10
CA TYR A 47 -28.62 23.19 -0.70
C TYR A 47 -28.13 22.19 0.33
N ASP A 48 -28.30 20.90 0.06
CA ASP A 48 -27.88 19.84 1.00
C ASP A 48 -27.09 18.78 0.24
N GLU A 49 -25.77 18.84 0.36
CA GLU A 49 -24.90 17.85 -0.27
C GLU A 49 -25.16 16.46 0.33
N PRO A 50 -25.44 15.44 -0.49
CA PRO A 50 -25.75 14.12 0.08
C PRO A 50 -24.54 13.28 0.45
N TYR A 51 -23.36 13.59 -0.07
CA TYR A 51 -22.15 12.83 0.21
C TYR A 51 -21.22 13.76 0.98
N LYS A 52 -21.38 13.79 2.29
CA LYS A 52 -20.69 14.76 3.14
C LYS A 52 -19.31 14.26 3.53
N THR A 53 -18.44 15.22 3.87
CA THR A 53 -17.22 14.91 4.58
C THR A 53 -16.83 16.13 5.41
N SER A 54 -15.88 15.93 6.31
CA SER A 54 -15.38 17.00 7.15
C SER A 54 -13.86 16.95 7.11
N TYR A 55 -13.24 18.08 7.44
CA TYR A 55 -11.79 18.19 7.31
C TYR A 55 -11.02 17.08 8.03
N PRO A 56 -11.29 16.76 9.31
CA PRO A 56 -10.52 15.65 9.92
C PRO A 56 -10.69 14.34 9.20
N GLU A 57 -11.90 13.99 8.77
CA GLU A 57 -12.08 12.72 8.08
C GLU A 57 -11.40 12.74 6.72
N TYR A 58 -11.48 13.89 6.03
CA TYR A 58 -10.89 14.02 4.70
C TYR A 58 -9.40 13.71 4.73
N VAL A 59 -8.62 14.43 5.55
CA VAL A 59 -7.18 14.25 5.49
C VAL A 59 -6.79 12.83 5.90
N SER A 60 -7.51 12.26 6.87
CA SER A 60 -7.21 10.90 7.31
C SER A 60 -7.53 9.87 6.23
N ILE A 61 -8.68 9.99 5.58
CA ILE A 61 -9.03 9.01 4.56
C ILE A 61 -8.18 9.19 3.30
N GLN A 62 -7.93 10.43 2.90
CA GLN A 62 -7.12 10.64 1.69
C GLN A 62 -5.68 10.24 1.91
N ARG A 63 -5.18 10.36 3.14
CA ARG A 63 -3.86 9.82 3.46
C ARG A 63 -3.81 8.32 3.17
N GLU A 64 -4.86 7.60 3.58
CA GLU A 64 -4.90 6.16 3.32
C GLU A 64 -5.01 5.85 1.83
N LYS A 65 -5.79 6.63 1.08
CA LYS A 65 -5.94 6.36 -0.36
C LYS A 65 -4.60 6.45 -1.07
N ASP A 66 -3.86 7.52 -0.82
CA ASP A 66 -2.57 7.72 -1.48
C ASP A 66 -1.53 6.70 -1.03
N ALA A 67 -1.55 6.33 0.25
CA ALA A 67 -0.59 5.31 0.70
C ALA A 67 -0.76 4.05 -0.14
N GLY A 68 -2.00 3.62 -0.37
CA GLY A 68 -2.24 2.45 -1.19
C GLY A 68 -1.83 2.63 -2.64
N ALA A 69 -2.17 3.77 -3.25
CA ALA A 69 -1.84 4.00 -4.65
C ALA A 69 -0.33 3.90 -4.89
N TYR A 70 0.46 4.58 -4.06
CA TYR A 70 1.90 4.61 -4.27
C TYR A 70 2.58 3.30 -3.87
N SER A 71 2.09 2.61 -2.84
CA SER A 71 2.80 1.40 -2.47
C SER A 71 2.55 0.28 -3.48
N VAL A 72 1.38 0.29 -4.13
CA VAL A 72 1.13 -0.67 -5.21
C VAL A 72 2.05 -0.36 -6.40
N LYS A 73 2.14 0.91 -6.77
CA LYS A 73 3.09 1.30 -7.81
C LYS A 73 4.51 0.84 -7.47
N ALA A 74 4.95 1.07 -6.24
CA ALA A 74 6.32 0.68 -5.90
C ALA A 74 6.51 -0.83 -5.97
N ALA A 75 5.53 -1.61 -5.50
CA ALA A 75 5.75 -3.05 -5.44
C ALA A 75 5.76 -3.69 -6.83
N LEU A 76 5.21 -3.02 -7.83
CA LEU A 76 5.07 -3.57 -9.17
C LEU A 76 6.03 -2.94 -10.18
N GLU A 77 6.98 -2.10 -9.74
CA GLU A 77 7.83 -1.41 -10.70
C GLU A 77 8.65 -2.38 -11.55
N ARG A 78 8.92 -3.59 -11.05
CA ARG A 78 9.66 -4.57 -11.82
C ARG A 78 8.74 -5.60 -12.50
N ALA A 79 7.44 -5.34 -12.58
CA ALA A 79 6.52 -6.29 -13.21
C ALA A 79 6.67 -6.32 -14.73
N LYS A 80 7.59 -5.54 -15.29
CA LYS A 80 7.90 -5.54 -16.71
C LYS A 80 6.74 -5.04 -17.57
N ILE A 81 5.93 -4.10 -17.05
CA ILE A 81 4.74 -3.66 -17.78
C ILE A 81 5.13 -3.03 -19.11
N TYR A 82 6.05 -2.07 -19.08
CA TYR A 82 6.41 -1.37 -20.32
C TYR A 82 6.98 -2.33 -21.35
N GLU A 83 7.94 -3.16 -20.95
CA GLU A 83 8.66 -3.99 -21.90
C GLU A 83 7.82 -5.16 -22.37
N ASN A 84 6.91 -5.66 -21.54
CA ASN A 84 6.18 -6.87 -21.87
C ASN A 84 4.76 -6.61 -22.38
N SER A 85 4.20 -5.44 -22.12
CA SER A 85 2.82 -5.21 -22.55
C SER A 85 2.73 -5.11 -24.06
N ASP A 86 1.57 -5.51 -24.58
CA ASP A 86 1.25 -5.26 -25.97
C ASP A 86 1.39 -3.76 -26.25
N PRO A 87 1.98 -3.36 -27.38
CA PRO A 87 2.12 -1.92 -27.65
C PRO A 87 0.79 -1.17 -27.69
N GLY A 88 -0.30 -1.85 -28.05
CA GLY A 88 -1.60 -1.21 -28.00
C GLY A 88 -1.94 -0.77 -26.59
N TRP A 89 -1.58 -1.58 -25.59
CA TRP A 89 -1.82 -1.22 -24.20
C TRP A 89 -0.96 -0.03 -23.77
N ILE A 90 0.32 -0.01 -24.19
CA ILE A 90 1.18 1.13 -23.89
C ILE A 90 0.62 2.40 -24.50
N SER A 91 0.11 2.32 -25.73
CA SER A 91 -0.48 3.50 -26.36
C SER A 91 -1.69 3.98 -25.58
N THR A 92 -2.47 3.06 -25.03
CA THR A 92 -3.61 3.46 -24.19
C THR A 92 -3.14 4.28 -22.99
N LEU A 93 -2.03 3.89 -22.36
CA LEU A 93 -1.48 4.67 -21.25
C LEU A 93 -1.05 6.06 -21.73
N LYS A 94 -0.32 6.11 -22.85
CA LYS A 94 0.18 7.38 -23.36
C LYS A 94 -0.95 8.34 -23.68
N SER A 95 -1.99 7.82 -24.35
CA SER A 95 -3.16 8.60 -24.68
C SER A 95 -3.88 9.07 -23.42
N HIS A 96 -4.08 8.16 -22.46
CA HIS A 96 -4.79 8.54 -21.24
C HIS A 96 -4.05 9.65 -20.50
N TYR A 97 -2.76 9.44 -20.22
CA TYR A 97 -2.03 10.40 -19.39
C TYR A 97 -1.94 11.77 -20.06
N GLY A 98 -1.62 11.80 -21.37
CA GLY A 98 -1.58 13.07 -22.08
C GLY A 98 -2.92 13.79 -22.10
N ALA A 99 -4.01 13.06 -22.30
CA ALA A 99 -5.32 13.72 -22.42
C ALA A 99 -5.90 14.17 -21.07
N ILE A 100 -5.49 13.57 -19.95
CA ILE A 100 -6.21 13.70 -18.70
C ILE A 100 -5.43 14.48 -17.64
N ALA A 101 -4.10 14.27 -17.55
CA ALA A 101 -3.39 14.69 -16.33
C ALA A 101 -3.50 16.21 -16.08
N VAL A 102 -3.12 17.03 -17.06
CA VAL A 102 -3.21 18.48 -16.83
C VAL A 102 -4.65 18.95 -16.94
N GLY A 103 -5.53 18.14 -17.54
CA GLY A 103 -6.94 18.43 -17.48
C GLY A 103 -7.50 18.31 -16.07
N GLU A 104 -7.01 17.33 -15.30
CA GLU A 104 -7.37 17.26 -13.88
C GLU A 104 -6.94 18.53 -13.15
N TYR A 105 -5.74 19.00 -13.41
CA TYR A 105 -5.29 20.20 -12.71
C TYR A 105 -6.15 21.40 -13.07
N ALA A 106 -6.63 21.48 -14.31
CA ALA A 106 -7.57 22.52 -14.68
C ALA A 106 -8.88 22.41 -13.90
N ALA A 107 -9.32 21.18 -13.58
CA ALA A 107 -10.55 21.03 -12.81
C ALA A 107 -10.44 21.62 -11.42
N VAL A 108 -9.22 21.82 -10.91
CA VAL A 108 -9.07 22.58 -9.67
C VAL A 108 -9.70 23.96 -9.81
N THR A 109 -9.51 24.60 -10.96
CA THR A 109 -10.07 25.94 -11.17
C THR A 109 -11.59 25.91 -11.24
N GLY A 110 -12.16 24.86 -11.85
CA GLY A 110 -13.61 24.70 -11.84
C GLY A 110 -14.15 24.59 -10.43
N GLU A 111 -13.50 23.78 -9.60
CA GLU A 111 -13.89 23.67 -8.19
C GLU A 111 -13.66 24.99 -7.45
N GLY A 112 -12.53 25.65 -7.72
CA GLY A 112 -12.27 26.95 -7.11
C GLY A 112 -13.32 27.99 -7.48
N ARG A 113 -13.81 27.94 -8.73
CA ARG A 113 -14.88 28.85 -9.15
C ARG A 113 -16.10 28.71 -8.26
N MET A 114 -16.46 27.47 -7.90
CA MET A 114 -17.61 27.25 -7.03
C MET A 114 -17.30 27.59 -5.58
N ALA A 115 -16.08 27.26 -5.11
CA ALA A 115 -15.71 27.58 -3.74
C ALA A 115 -15.79 29.09 -3.47
N ARG A 116 -15.48 29.91 -4.46
CA ARG A 116 -15.60 31.36 -4.25
C ARG A 116 -16.98 31.91 -4.63
N PHE A 117 -17.56 31.46 -5.74
CA PHE A 117 -18.67 32.20 -6.34
C PHE A 117 -20.02 31.51 -6.22
N SER A 118 -20.10 30.30 -5.67
CA SER A 118 -21.40 29.69 -5.46
C SER A 118 -22.12 30.35 -4.29
N LYS A 119 -23.42 30.60 -4.46
CA LYS A 119 -24.16 31.19 -3.35
C LYS A 119 -24.59 30.17 -2.30
N ALA A 120 -24.39 28.86 -2.56
CA ALA A 120 -24.78 27.82 -1.62
C ALA A 120 -23.61 27.49 -0.69
N PRO A 121 -23.77 27.65 0.62
CA PRO A 121 -22.62 27.43 1.52
C PRO A 121 -22.10 26.00 1.51
N GLY A 122 -22.99 25.01 1.43
CA GLY A 122 -22.53 23.63 1.35
C GLY A 122 -21.78 23.33 0.07
N ASN A 123 -22.18 23.95 -1.05
CA ASN A 123 -21.43 23.86 -2.29
C ASN A 123 -20.02 24.40 -2.12
N ARG A 124 -19.88 25.55 -1.45
CA ARG A 124 -18.57 26.17 -1.30
C ARG A 124 -17.63 25.29 -0.48
N ASN A 125 -18.16 24.61 0.54
CA ASN A 125 -17.34 23.69 1.34
C ASN A 125 -16.97 22.43 0.56
N MET A 126 -17.95 21.80 -0.10
CA MET A 126 -17.64 20.59 -0.85
C MET A 126 -16.75 20.88 -2.04
N ALA A 127 -16.85 22.08 -2.61
CA ALA A 127 -15.93 22.48 -3.67
C ALA A 127 -14.52 22.67 -3.16
N THR A 128 -14.34 22.96 -1.87
CA THR A 128 -13.00 23.06 -1.33
C THR A 128 -12.32 21.69 -1.28
N PHE A 129 -13.04 20.67 -0.81
CA PHE A 129 -12.54 19.31 -0.92
C PHE A 129 -12.39 18.91 -2.39
N GLY A 130 -13.30 19.39 -3.25
CA GLY A 130 -13.16 19.14 -4.68
C GLY A 130 -11.86 19.70 -5.25
N MET A 131 -11.48 20.92 -4.83
CA MET A 131 -10.21 21.48 -5.24
CA MET A 131 -10.21 21.49 -5.24
C MET A 131 -9.06 20.56 -4.85
N MET A 132 -9.10 20.05 -3.63
CA MET A 132 -8.05 19.14 -3.18
C MET A 132 -8.06 17.84 -3.96
N ASP A 133 -9.24 17.29 -4.23
CA ASP A 133 -9.32 16.05 -4.99
C ASP A 133 -8.66 16.19 -6.36
N GLU A 134 -8.95 17.29 -7.07
CA GLU A 134 -8.40 17.44 -8.41
C GLU A 134 -6.91 17.73 -8.38
N LEU A 135 -6.44 18.44 -7.34
CA LEU A 135 -4.99 18.54 -7.08
C LEU A 135 -4.37 17.15 -6.98
N ARG A 136 -4.98 16.28 -6.16
CA ARG A 136 -4.52 14.91 -6.05
C ARG A 136 -4.46 14.24 -7.42
N HIS A 137 -5.53 14.37 -8.20
CA HIS A 137 -5.65 13.65 -9.46
C HIS A 137 -4.61 14.16 -10.47
N GLY A 138 -4.38 15.47 -10.49
CA GLY A 138 -3.36 15.99 -11.40
C GLY A 138 -1.96 15.53 -11.01
N GLN A 139 -1.68 15.49 -9.71
CA GLN A 139 -0.34 15.12 -9.28
C GLN A 139 -0.10 13.62 -9.41
N LEU A 140 -1.10 12.80 -9.11
CA LEU A 140 -0.97 11.36 -9.34
C LEU A 140 -0.67 11.07 -10.80
N GLN A 141 -1.38 11.73 -11.70
CA GLN A 141 -1.31 11.37 -13.10
C GLN A 141 -0.18 12.06 -13.84
N LEU A 142 0.61 12.90 -13.16
CA LEU A 142 1.93 13.29 -13.61
C LEU A 142 3.03 12.41 -13.00
N PHE A 143 2.89 12.08 -11.71
CA PHE A 143 3.91 11.28 -11.04
C PHE A 143 4.00 9.88 -11.62
N PHE A 144 2.86 9.26 -11.93
CA PHE A 144 2.87 7.87 -12.40
C PHE A 144 3.52 7.72 -13.76
N PRO A 145 3.19 8.52 -14.80
CA PRO A 145 3.90 8.35 -16.08
C PRO A 145 5.33 8.86 -16.08
N HIS A 146 5.71 9.72 -15.12
CA HIS A 146 7.04 10.33 -15.16
C HIS A 146 8.15 9.28 -15.21
N GLU A 147 7.97 8.14 -14.54
CA GLU A 147 9.03 7.13 -14.58
C GLU A 147 9.27 6.57 -15.98
N TYR A 148 8.29 6.67 -16.89
CA TYR A 148 8.49 6.16 -18.24
C TYR A 148 9.11 7.16 -19.20
N CYS A 149 9.32 8.41 -18.76
CA CYS A 149 10.04 9.39 -19.58
C CYS A 149 11.35 8.84 -20.11
N LYS A 150 12.13 8.18 -19.25
CA LYS A 150 13.44 7.71 -19.66
C LYS A 150 13.36 6.62 -20.71
N LYS A 151 12.18 6.04 -20.93
CA LYS A 151 12.01 4.98 -21.91
C LYS A 151 11.46 5.47 -23.24
N ASP A 152 10.68 6.55 -23.25
CA ASP A 152 9.93 6.91 -24.45
C ASP A 152 9.57 8.39 -24.36
N ARG A 153 10.01 9.18 -25.36
CA ARG A 153 9.66 10.60 -25.39
C ARG A 153 8.16 10.84 -25.45
N GLN A 154 7.38 9.89 -25.97
CA GLN A 154 5.94 10.12 -26.03
C GLN A 154 5.31 10.26 -24.63
N PHE A 155 5.94 9.70 -23.59
CA PHE A 155 5.42 9.92 -22.24
C PHE A 155 5.65 11.35 -21.74
N ASP A 156 6.52 12.13 -22.40
CA ASP A 156 6.63 13.54 -22.07
C ASP A 156 5.31 14.27 -22.27
N TRP A 157 4.45 13.75 -23.13
CA TRP A 157 3.18 14.42 -23.40
C TRP A 157 2.19 14.31 -22.25
N ALA A 158 2.45 13.47 -21.24
CA ALA A 158 1.64 13.54 -20.02
C ALA A 158 1.70 14.95 -19.42
N TRP A 159 2.84 15.60 -19.55
CA TRP A 159 2.97 17.01 -19.16
C TRP A 159 2.72 17.95 -20.33
N ARG A 160 3.19 17.61 -21.54
CA ARG A 160 3.28 18.61 -22.60
C ARG A 160 1.98 18.82 -23.35
N ALA A 161 1.11 17.81 -23.43
CA ALA A 161 -0.03 17.86 -24.37
C ALA A 161 -0.83 19.16 -24.25
N TYR A 162 -1.16 19.57 -23.02
CA TYR A 162 -2.01 20.76 -22.86
C TYR A 162 -1.25 22.05 -23.14
N HIS A 163 0.06 21.99 -23.22
CA HIS A 163 0.86 23.13 -23.64
C HIS A 163 1.07 23.19 -25.16
N SER A 164 0.52 22.24 -25.90
CA SER A 164 0.70 22.15 -27.35
C SER A 164 -0.56 22.56 -28.09
N ASN A 165 -0.42 22.74 -29.40
CA ASN A 165 -1.54 22.87 -30.32
C ASN A 165 -1.78 21.59 -31.09
N GLU A 166 -1.38 20.44 -30.55
CA GLU A 166 -1.73 19.17 -31.17
C GLU A 166 -3.24 19.02 -31.18
N TRP A 167 -3.77 18.41 -32.25
CA TRP A 167 -5.19 18.56 -32.54
C TRP A 167 -6.06 17.90 -31.48
N ALA A 168 -5.62 16.76 -30.92
CA ALA A 168 -6.41 16.13 -29.85
C ALA A 168 -6.28 16.91 -28.55
N ALA A 169 -5.13 17.55 -28.34
CA ALA A 169 -4.97 18.44 -27.20
C ALA A 169 -5.91 19.62 -27.29
N ILE A 170 -6.06 20.20 -28.49
CA ILE A 170 -6.99 21.32 -28.67
C ILE A 170 -8.41 20.86 -28.41
N ALA A 171 -8.78 19.68 -28.92
CA ALA A 171 -10.12 19.13 -28.66
C ALA A 171 -10.37 18.97 -27.15
N ALA A 172 -9.38 18.48 -26.39
CA ALA A 172 -9.57 18.32 -24.96
C ALA A 172 -9.68 19.68 -24.26
N LYS A 173 -8.78 20.61 -24.58
CA LYS A 173 -8.85 21.93 -23.95
C LYS A 173 -10.11 22.69 -24.33
N HIS A 174 -10.58 22.54 -25.57
CA HIS A 174 -11.80 23.25 -25.96
C HIS A 174 -12.99 22.71 -25.17
N PHE A 175 -13.02 21.41 -24.91
CA PHE A 175 -14.09 20.84 -24.09
C PHE A 175 -13.97 21.28 -22.63
N PHE A 176 -12.80 21.07 -22.03
CA PHE A 176 -12.61 21.38 -20.61
C PHE A 176 -12.65 22.88 -20.35
N ASP A 177 -12.16 23.71 -21.26
CA ASP A 177 -12.35 25.13 -21.02
C ASP A 177 -13.82 25.53 -21.19
N ASP A 178 -14.60 24.78 -21.97
CA ASP A 178 -16.01 25.12 -22.11
C ASP A 178 -16.83 24.71 -20.88
N ILE A 179 -16.58 23.52 -20.33
CA ILE A 179 -17.43 23.04 -19.24
C ILE A 179 -16.81 23.21 -17.85
N ILE A 180 -15.51 23.48 -17.74
CA ILE A 180 -14.84 23.57 -16.43
C ILE A 180 -14.39 24.98 -16.12
N THR A 181 -13.56 25.56 -16.98
CA THR A 181 -12.85 26.78 -16.59
C THR A 181 -13.44 28.03 -17.20
N GLY A 182 -14.34 27.89 -18.18
CA GLY A 182 -14.86 29.04 -18.89
C GLY A 182 -16.27 29.47 -18.56
N ARG A 183 -16.90 28.94 -17.53
CA ARG A 183 -18.29 29.29 -17.22
C ARG A 183 -18.43 29.58 -15.72
N ASP A 184 -19.61 30.12 -15.36
CA ASP A 184 -19.90 30.53 -13.99
C ASP A 184 -20.06 29.31 -13.07
N ALA A 185 -20.13 29.58 -11.77
CA ALA A 185 -20.03 28.50 -10.79
C ALA A 185 -21.20 27.51 -10.92
N ILE A 186 -22.41 28.01 -11.16
CA ILE A 186 -23.55 27.10 -11.23
C ILE A 186 -23.48 26.26 -12.50
N SER A 187 -22.99 26.84 -13.60
CA SER A 187 -22.74 26.04 -14.79
C SER A 187 -21.72 24.95 -14.53
N VAL A 188 -20.64 25.27 -13.81
CA VAL A 188 -19.67 24.24 -13.43
C VAL A 188 -20.35 23.11 -12.67
N ALA A 189 -21.17 23.47 -11.67
CA ALA A 189 -21.86 22.46 -10.87
C ALA A 189 -22.66 21.50 -11.73
N ILE A 190 -23.34 22.03 -12.75
CA ILE A 190 -24.26 21.24 -13.57
C ILE A 190 -23.51 20.50 -14.66
N MET A 191 -22.62 21.20 -15.37
CA MET A 191 -21.96 20.63 -16.52
C MET A 191 -20.78 19.74 -16.14
N LEU A 192 -19.98 20.16 -15.17
CA LEU A 192 -18.85 19.32 -14.76
C LEU A 192 -19.29 18.26 -13.76
N THR A 193 -19.70 18.67 -12.57
CA THR A 193 -19.81 17.68 -11.50
C THR A 193 -20.99 16.75 -11.76
N PHE A 194 -22.11 17.28 -12.26
CA PHE A 194 -23.21 16.38 -12.54
C PHE A 194 -23.05 15.66 -13.88
N SER A 195 -22.99 16.40 -14.98
CA SER A 195 -23.05 15.76 -16.30
CA SER A 195 -23.04 15.77 -16.30
C SER A 195 -21.79 14.92 -16.56
N PHE A 196 -20.61 15.51 -16.42
CA PHE A 196 -19.38 14.80 -16.76
C PHE A 196 -18.94 13.80 -15.68
N GLU A 197 -18.99 14.21 -14.41
CA GLU A 197 -18.37 13.42 -13.36
C GLU A 197 -19.28 12.32 -12.80
N THR A 198 -20.55 12.28 -13.19
CA THR A 198 -21.35 11.08 -12.95
C THR A 198 -21.63 10.35 -14.25
N GLY A 199 -21.10 10.84 -15.37
CA GLY A 199 -21.33 10.22 -16.66
C GLY A 199 -20.05 9.68 -17.26
N PHE A 200 -19.43 10.46 -18.15
CA PHE A 200 -18.36 9.91 -18.98
C PHE A 200 -17.10 9.62 -18.20
N THR A 201 -16.92 10.24 -17.04
CA THR A 201 -15.72 9.96 -16.25
C THR A 201 -15.64 8.47 -15.91
N ASN A 202 -16.78 7.82 -15.68
CA ASN A 202 -16.75 6.40 -15.33
C ASN A 202 -16.28 5.56 -16.50
N MET A 203 -16.56 6.00 -17.73
CA MET A 203 -16.07 5.28 -18.89
C MET A 203 -14.55 5.24 -18.90
N GLN A 204 -13.93 6.39 -18.65
CA GLN A 204 -12.47 6.49 -18.73
C GLN A 204 -11.77 5.90 -17.51
N PHE A 205 -12.37 6.00 -16.32
CA PHE A 205 -11.63 5.60 -15.13
C PHE A 205 -12.02 4.25 -14.58
N LEU A 206 -13.17 3.72 -14.96
CA LEU A 206 -13.58 2.39 -14.50
C LEU A 206 -13.75 1.40 -15.63
N GLY A 207 -14.32 1.82 -16.76
CA GLY A 207 -14.30 0.96 -17.93
C GLY A 207 -12.88 0.63 -18.37
N LEU A 208 -12.02 1.65 -18.42
CA LEU A 208 -10.61 1.41 -18.73
C LEU A 208 -9.93 0.57 -17.66
N ALA A 209 -10.29 0.76 -16.39
CA ALA A 209 -9.70 -0.05 -15.33
C ALA A 209 -10.00 -1.53 -15.54
N ALA A 210 -11.22 -1.84 -15.98
CA ALA A 210 -11.57 -3.22 -16.27
C ALA A 210 -10.66 -3.81 -17.35
N ASP A 211 -10.44 -3.06 -18.43
CA ASP A 211 -9.51 -3.49 -19.46
C ASP A 211 -8.09 -3.58 -18.92
N ALA A 212 -7.72 -2.67 -18.01
CA ALA A 212 -6.38 -2.67 -17.43
C ALA A 212 -6.14 -3.92 -16.59
N ALA A 213 -7.13 -4.32 -15.78
CA ALA A 213 -7.00 -5.55 -15.00
C ALA A 213 -6.91 -6.78 -15.90
N GLU A 214 -7.69 -6.80 -17.00
CA GLU A 214 -7.58 -7.93 -17.93
C GLU A 214 -6.20 -7.98 -18.56
N ALA A 215 -5.61 -6.81 -18.85
CA ALA A 215 -4.28 -6.72 -19.44
C ALA A 215 -3.17 -7.00 -18.44
N GLY A 216 -3.47 -7.11 -17.15
CA GLY A 216 -2.43 -7.36 -16.17
C GLY A 216 -1.67 -6.14 -15.72
N ASP A 217 -2.21 -4.93 -15.93
CA ASP A 217 -1.56 -3.69 -15.46
C ASP A 217 -2.29 -3.20 -14.21
N TYR A 218 -1.91 -3.75 -13.06
CA TYR A 218 -2.63 -3.47 -11.82
C TYR A 218 -2.22 -2.13 -11.21
N THR A 219 -1.03 -1.63 -11.51
CA THR A 219 -0.69 -0.27 -11.07
C THR A 219 -1.69 0.74 -11.62
N PHE A 220 -1.96 0.65 -12.92
CA PHE A 220 -2.85 1.61 -13.56
C PHE A 220 -4.31 1.38 -13.16
N ALA A 221 -4.77 0.12 -13.17
CA ALA A 221 -6.13 -0.16 -12.74
C ALA A 221 -6.38 0.34 -11.32
N ASN A 222 -5.45 0.03 -10.41
CA ASN A 222 -5.57 0.45 -9.01
C ASN A 222 -5.58 1.97 -8.89
N LEU A 223 -4.75 2.65 -9.68
CA LEU A 223 -4.69 4.11 -9.62
C LEU A 223 -6.01 4.72 -10.08
N ILE A 224 -6.52 4.33 -11.24
CA ILE A 224 -7.63 5.11 -11.78
C ILE A 224 -8.93 4.75 -11.07
N SER A 225 -9.03 3.54 -10.50
CA SER A 225 -10.20 3.23 -9.68
C SER A 225 -10.13 3.94 -8.32
N SER A 226 -8.93 4.28 -7.85
CA SER A 226 -8.83 5.08 -6.63
C SER A 226 -9.24 6.53 -6.91
N ILE A 227 -8.83 7.06 -8.06
CA ILE A 227 -9.27 8.38 -8.49
C ILE A 227 -10.79 8.45 -8.57
N ALA A 228 -11.42 7.37 -9.08
CA ALA A 228 -12.87 7.37 -9.23
C ALA A 228 -13.60 7.46 -7.89
N THR A 229 -12.99 6.97 -6.80
CA THR A 229 -13.65 7.09 -5.49
C THR A 229 -13.78 8.54 -5.03
N ASP A 230 -12.81 9.40 -5.36
CA ASP A 230 -12.94 10.83 -5.10
C ASP A 230 -14.06 11.44 -5.92
N GLU A 231 -14.09 11.14 -7.22
CA GLU A 231 -15.10 11.70 -8.10
C GLU A 231 -16.51 11.37 -7.62
N SER A 232 -16.71 10.14 -7.15
CA SER A 232 -18.02 9.74 -6.61
C SER A 232 -18.51 10.67 -5.52
N ARG A 233 -17.60 11.21 -4.71
CA ARG A 233 -18.01 12.13 -3.65
C ARG A 233 -18.25 13.54 -4.19
N HIS A 234 -17.25 14.17 -4.82
CA HIS A 234 -17.44 15.57 -5.18
C HIS A 234 -18.34 15.75 -6.40
N ALA A 235 -18.59 14.70 -7.18
CA ALA A 235 -19.59 14.83 -8.25
C ALA A 235 -20.99 15.02 -7.69
N GLN A 236 -21.23 14.62 -6.44
CA GLN A 236 -22.55 14.80 -5.85
C GLN A 236 -22.88 16.26 -5.56
N GLN A 237 -22.01 17.21 -5.93
CA GLN A 237 -22.37 18.63 -5.85
C GLN A 237 -23.43 19.04 -6.86
N GLY A 238 -23.55 18.30 -7.97
CA GLY A 238 -24.38 18.75 -9.06
C GLY A 238 -25.87 18.56 -8.83
N GLY A 239 -26.26 17.40 -8.30
CA GLY A 239 -27.65 17.09 -8.02
C GLY A 239 -28.40 18.15 -7.22
N PRO A 240 -27.84 18.58 -6.08
CA PRO A 240 -28.54 19.60 -5.29
C PRO A 240 -28.64 20.94 -6.01
N ALA A 241 -27.63 21.33 -6.78
CA ALA A 241 -27.76 22.54 -7.56
C ALA A 241 -28.86 22.39 -8.60
N LEU A 242 -28.91 21.23 -9.25
CA LEU A 242 -29.95 20.93 -10.23
C LEU A 242 -31.34 21.04 -9.62
N GLN A 243 -31.53 20.41 -8.45
CA GLN A 243 -32.82 20.43 -7.80
C GLN A 243 -33.23 21.85 -7.42
N LEU A 244 -32.28 22.66 -6.95
N LEU A 244 -32.28 22.66 -6.95
CA LEU A 244 -32.59 24.04 -6.59
CA LEU A 244 -32.57 24.04 -6.60
C LEU A 244 -32.99 24.85 -7.83
C LEU A 244 -32.98 24.86 -7.82
N LEU A 245 -32.33 24.63 -8.96
CA LEU A 245 -32.72 25.32 -10.19
C LEU A 245 -34.13 24.94 -10.60
N ILE A 246 -34.47 23.65 -10.51
CA ILE A 246 -35.83 23.24 -10.89
C ILE A 246 -36.87 23.81 -9.94
N GLU A 247 -36.58 23.79 -8.64
CA GLU A 247 -37.53 24.30 -7.65
C GLU A 247 -37.80 25.79 -7.84
N ASN A 248 -36.85 26.50 -8.44
CA ASN A 248 -36.94 27.95 -8.57
C ASN A 248 -37.23 28.39 -10.01
N GLY A 249 -37.84 27.52 -10.81
CA GLY A 249 -38.33 27.90 -12.13
C GLY A 249 -37.32 27.86 -13.26
N LYS A 250 -36.16 27.23 -13.08
CA LYS A 250 -35.12 27.28 -14.10
C LYS A 250 -34.87 25.91 -14.74
N ARG A 251 -35.90 25.07 -14.82
CA ARG A 251 -35.70 23.72 -15.36
C ARG A 251 -35.22 23.76 -16.81
N GLU A 252 -35.81 24.64 -17.62
CA GLU A 252 -35.43 24.72 -19.04
C GLU A 252 -33.95 25.06 -19.19
N GLU A 253 -33.45 26.02 -18.40
CA GLU A 253 -32.04 26.36 -18.48
C GLU A 253 -31.16 25.21 -17.98
N ALA A 254 -31.61 24.50 -16.95
CA ALA A 254 -30.85 23.37 -16.44
C ALA A 254 -30.77 22.25 -17.47
N GLN A 255 -31.90 21.95 -18.11
CA GLN A 255 -31.96 20.94 -19.15
C GLN A 255 -31.00 21.26 -20.30
N LYS A 256 -30.99 22.52 -20.74
CA LYS A 256 -30.09 22.93 -21.83
C LYS A 256 -28.63 22.71 -21.47
N LYS A 257 -28.24 23.09 -20.26
CA LYS A 257 -26.85 22.93 -19.84
C LYS A 257 -26.43 21.47 -19.79
N VAL A 258 -27.29 20.60 -19.25
CA VAL A 258 -26.99 19.18 -19.20
C VAL A 258 -26.93 18.61 -20.61
N ASP A 259 -27.92 18.94 -21.46
CA ASP A 259 -27.93 18.44 -22.84
C ASP A 259 -26.63 18.83 -23.55
N MET A 260 -26.18 20.06 -23.35
N MET A 260 -26.20 20.09 -23.37
CA MET A 260 -24.97 20.51 -24.05
CA MET A 260 -24.98 20.59 -23.98
C MET A 260 -23.72 19.79 -23.52
C MET A 260 -23.77 19.78 -23.51
N ALA A 261 -23.57 19.72 -22.20
CA ALA A 261 -22.37 19.12 -21.64
C ALA A 261 -22.25 17.64 -21.99
N ILE A 262 -23.38 16.92 -22.02
CA ILE A 262 -23.36 15.49 -22.33
C ILE A 262 -22.90 15.26 -23.76
N TRP A 263 -23.43 16.04 -24.70
CA TRP A 263 -23.04 15.86 -26.10
C TRP A 263 -21.57 16.22 -26.30
N ARG A 264 -21.11 17.33 -25.73
CA ARG A 264 -19.71 17.70 -25.86
C ARG A 264 -18.79 16.62 -25.28
N ALA A 265 -19.13 16.07 -24.11
CA ALA A 265 -18.30 15.00 -23.55
C ALA A 265 -18.32 13.76 -24.43
N TRP A 266 -19.49 13.44 -24.99
CA TRP A 266 -19.63 12.27 -25.87
C TRP A 266 -18.66 12.34 -27.04
N ARG A 267 -18.60 13.47 -27.72
CA ARG A 267 -17.76 13.55 -28.91
C ARG A 267 -16.30 13.36 -28.55
N LEU A 268 -15.86 13.95 -27.43
CA LEU A 268 -14.46 13.80 -27.06
C LEU A 268 -14.14 12.36 -26.66
N PHE A 269 -15.00 11.74 -25.88
CA PHE A 269 -14.65 10.40 -25.45
C PHE A 269 -14.87 9.34 -26.51
N ALA A 270 -15.61 9.64 -27.56
CA ALA A 270 -15.65 8.73 -28.70
C ALA A 270 -14.30 8.67 -29.41
N VAL A 271 -13.51 9.74 -29.34
CA VAL A 271 -12.21 9.69 -30.01
C VAL A 271 -11.11 9.18 -29.08
N LEU A 272 -11.21 9.42 -27.77
CA LEU A 272 -10.15 8.96 -26.89
C LEU A 272 -10.39 7.55 -26.37
N THR A 273 -11.61 7.25 -25.94
CA THR A 273 -11.88 5.98 -25.29
C THR A 273 -12.38 4.91 -26.26
N GLY A 274 -13.19 5.29 -27.24
CA GLY A 274 -13.70 4.37 -28.24
C GLY A 274 -12.62 3.53 -28.91
N PRO A 275 -11.59 4.18 -29.48
CA PRO A 275 -10.51 3.39 -30.12
C PRO A 275 -9.73 2.54 -29.14
N VAL A 276 -9.53 3.03 -27.92
CA VAL A 276 -8.84 2.25 -26.89
C VAL A 276 -9.60 0.96 -26.62
N MET A 277 -10.92 1.05 -26.39
CA MET A 277 -11.65 -0.12 -25.94
C MET A 277 -11.89 -1.14 -27.05
N ASP A 278 -12.03 -0.70 -28.30
CA ASP A 278 -12.41 -1.60 -29.38
C ASP A 278 -11.27 -1.93 -30.33
N TYR A 279 -10.11 -1.29 -30.19
CA TYR A 279 -9.02 -1.49 -31.13
C TYR A 279 -7.65 -1.60 -30.47
N TYR A 280 -7.30 -0.70 -29.54
CA TYR A 280 -5.94 -0.73 -28.99
C TYR A 280 -5.77 -1.85 -27.96
N THR A 281 -6.76 -2.00 -27.09
CA THR A 281 -6.72 -3.04 -26.10
C THR A 281 -6.69 -4.39 -26.80
N PRO A 282 -5.73 -5.26 -26.48
CA PRO A 282 -5.67 -6.56 -27.17
C PRO A 282 -6.98 -7.31 -26.99
N LEU A 283 -7.36 -8.03 -28.05
CA LEU A 283 -8.67 -8.68 -28.11
C LEU A 283 -8.97 -9.47 -26.84
N GLU A 284 -7.99 -10.22 -26.33
CA GLU A 284 -8.22 -11.07 -25.16
C GLU A 284 -8.44 -10.28 -23.88
N ASP A 285 -8.18 -8.97 -23.89
CA ASP A 285 -8.34 -8.12 -22.71
C ASP A 285 -9.54 -7.20 -22.80
N ARG A 286 -10.39 -7.37 -23.81
CA ARG A 286 -11.55 -6.51 -23.98
C ARG A 286 -12.68 -7.03 -23.09
N SER A 287 -12.85 -6.40 -21.94
CA SER A 287 -13.85 -6.84 -20.98
C SER A 287 -15.25 -6.75 -21.59
N GLN A 288 -15.54 -5.64 -22.27
CA GLN A 288 -16.77 -5.39 -23.01
C GLN A 288 -16.42 -4.51 -24.19
N SER A 289 -17.32 -4.44 -25.17
CA SER A 289 -17.12 -3.48 -26.25
C SER A 289 -17.41 -2.07 -25.75
N PHE A 290 -16.89 -1.09 -26.50
CA PHE A 290 -17.18 0.32 -26.21
C PHE A 290 -18.69 0.57 -26.08
N LYS A 291 -19.48 0.03 -27.00
CA LYS A 291 -20.92 0.24 -26.95
C LYS A 291 -21.54 -0.44 -25.73
N GLU A 292 -21.08 -1.65 -25.41
CA GLU A 292 -21.57 -2.32 -24.20
C GLU A 292 -21.26 -1.48 -22.94
N PHE A 293 -20.07 -0.89 -22.86
CA PHE A 293 -19.74 -0.02 -21.74
C PHE A 293 -20.62 1.23 -21.72
N MET A 294 -20.88 1.79 -22.91
CA MET A 294 -21.77 2.94 -23.01
C MET A 294 -23.16 2.61 -22.50
N TYR A 295 -23.69 1.44 -22.86
CA TYR A 295 -25.02 1.09 -22.38
C TYR A 295 -25.02 0.84 -20.87
N GLU A 296 -23.91 0.35 -20.31
CA GLU A 296 -23.82 0.15 -18.86
C GLU A 296 -23.74 1.50 -18.13
N TRP A 297 -22.81 2.36 -18.55
CA TRP A 297 -22.46 3.53 -17.76
C TRP A 297 -23.28 4.76 -18.12
N ILE A 298 -23.57 4.98 -19.40
CA ILE A 298 -24.22 6.20 -19.83
C ILE A 298 -25.73 6.00 -19.97
N ILE A 299 -26.16 4.93 -20.61
CA ILE A 299 -27.59 4.72 -20.78
C ILE A 299 -28.19 4.13 -19.51
N GLY A 300 -27.60 3.04 -19.02
CA GLY A 300 -28.19 2.34 -17.88
C GLY A 300 -28.04 3.10 -16.58
N GLN A 301 -26.88 3.71 -16.35
CA GLN A 301 -26.65 4.38 -15.08
C GLN A 301 -26.93 5.89 -15.17
N PHE A 302 -26.18 6.61 -16.00
CA PHE A 302 -26.26 8.07 -15.97
C PHE A 302 -27.64 8.58 -16.40
N GLU A 303 -28.16 8.10 -17.53
CA GLU A 303 -29.41 8.68 -18.01
C GLU A 303 -30.58 8.31 -17.10
N ARG A 304 -30.54 7.13 -16.48
CA ARG A 304 -31.56 6.80 -15.49
C ARG A 304 -31.48 7.73 -14.28
N SER A 305 -30.26 8.10 -13.87
CA SER A 305 -30.12 9.04 -12.76
C SER A 305 -30.65 10.42 -13.13
N LEU A 306 -30.41 10.84 -14.37
CA LEU A 306 -30.97 12.10 -14.87
C LEU A 306 -32.49 12.10 -14.74
N ILE A 307 -33.13 11.02 -15.17
CA ILE A 307 -34.58 10.90 -15.05
C ILE A 307 -35.01 11.01 -13.60
N ASP A 308 -34.29 10.33 -12.70
CA ASP A 308 -34.72 10.32 -11.30
C ASP A 308 -34.67 11.70 -10.67
N LEU A 309 -33.75 12.57 -11.12
CA LEU A 309 -33.68 13.91 -10.55
C LEU A 309 -34.72 14.86 -11.12
N GLY A 310 -35.53 14.44 -12.09
CA GLY A 310 -36.59 15.29 -12.62
C GLY A 310 -36.31 15.92 -13.98
N LEU A 311 -35.19 15.59 -14.62
CA LEU A 311 -34.95 16.10 -15.96
C LEU A 311 -35.46 15.09 -16.99
N ASP A 312 -35.43 15.49 -18.26
CA ASP A 312 -35.89 14.64 -19.35
C ASP A 312 -34.73 14.08 -20.14
N LYS A 313 -34.99 12.96 -20.83
CA LYS A 313 -34.12 12.48 -21.89
C LYS A 313 -33.73 13.65 -22.78
N PRO A 314 -32.48 13.76 -23.19
CA PRO A 314 -32.09 14.86 -24.08
C PRO A 314 -32.82 14.74 -25.42
N TRP A 315 -33.05 15.90 -26.05
CA TRP A 315 -33.81 15.92 -27.29
C TRP A 315 -33.15 15.10 -28.39
N TYR A 316 -31.82 14.97 -28.36
CA TYR A 316 -31.08 14.26 -29.39
C TYR A 316 -30.93 12.77 -29.12
N TRP A 317 -31.73 12.23 -28.19
CA TRP A 317 -31.60 10.82 -27.78
C TRP A 317 -31.37 9.84 -28.94
N ASP A 318 -32.23 9.89 -29.97
CA ASP A 318 -32.09 8.90 -31.04
C ASP A 318 -30.84 9.16 -31.90
N LEU A 319 -30.40 10.41 -32.03
CA LEU A 319 -29.13 10.68 -32.71
C LEU A 319 -27.96 10.11 -31.92
N PHE A 320 -28.01 10.27 -30.59
CA PHE A 320 -26.99 9.72 -29.71
C PHE A 320 -26.87 8.21 -29.87
N LEU A 321 -28.00 7.49 -29.83
CA LEU A 321 -27.97 6.04 -29.93
C LEU A 321 -27.35 5.57 -31.23
N LYS A 322 -27.72 6.23 -32.34
CA LYS A 322 -27.11 5.91 -33.62
C LYS A 322 -25.61 6.20 -33.58
N ASP A 323 -25.21 7.33 -33.00
CA ASP A 323 -23.79 7.69 -32.91
C ASP A 323 -22.98 6.62 -32.16
N ILE A 324 -23.55 6.02 -31.11
CA ILE A 324 -22.82 5.03 -30.33
C ILE A 324 -22.47 3.82 -31.20
N ASP A 325 -23.28 3.56 -32.23
CA ASP A 325 -23.06 2.44 -33.15
C ASP A 325 -21.95 2.69 -34.17
N GLU A 326 -21.66 3.94 -34.50
CA GLU A 326 -20.92 4.32 -35.71
C GLU A 326 -19.74 5.22 -35.49
N LEU A 327 -19.86 6.22 -34.61
CA LEU A 327 -18.93 7.35 -34.60
C LEU A 327 -17.49 6.92 -34.29
N HIS A 328 -17.28 6.14 -33.23
CA HIS A 328 -15.89 5.86 -32.81
C HIS A 328 -15.14 4.99 -33.82
N HIS A 329 -15.84 4.19 -34.61
CA HIS A 329 -15.18 3.41 -35.66
C HIS A 329 -14.55 4.32 -36.70
N SER A 330 -15.20 5.43 -36.99
CA SER A 330 -14.65 6.38 -37.96
C SER A 330 -13.58 7.25 -37.33
N TYR A 331 -13.77 7.60 -36.06
CA TYR A 331 -12.74 8.36 -35.34
C TYR A 331 -11.46 7.53 -35.23
N HIS A 332 -11.60 6.22 -34.99
CA HIS A 332 -10.44 5.34 -34.96
C HIS A 332 -9.71 5.38 -36.29
N MET A 333 -10.45 5.25 -37.39
CA MET A 333 -9.85 5.27 -38.71
C MET A 333 -9.11 6.58 -38.97
N GLY A 334 -9.67 7.71 -38.52
CA GLY A 334 -9.01 8.98 -38.73
C GLY A 334 -7.73 9.11 -37.92
N VAL A 335 -7.80 8.74 -36.64
CA VAL A 335 -6.64 8.80 -35.78
C VAL A 335 -5.54 7.89 -36.31
N TRP A 336 -5.89 6.68 -36.75
CA TRP A 336 -4.87 5.77 -37.24
C TRP A 336 -4.28 6.27 -38.56
N TYR A 337 -5.12 6.69 -39.50
CA TYR A 337 -4.58 7.14 -40.79
C TYR A 337 -3.71 8.38 -40.62
N TRP A 338 -4.11 9.29 -39.74
CA TRP A 338 -3.29 10.44 -39.40
C TRP A 338 -2.46 10.20 -38.14
N ARG A 339 -2.03 8.95 -37.93
CA ARG A 339 -1.34 8.60 -36.69
C ARG A 339 -0.11 9.46 -36.45
N THR A 340 0.53 9.97 -37.50
CA THR A 340 1.72 10.79 -37.28
C THR A 340 1.41 12.08 -36.52
N THR A 341 0.14 12.45 -36.39
CA THR A 341 -0.26 13.66 -35.67
C THR A 341 -0.58 13.41 -34.21
N ALA A 342 -0.53 12.18 -33.74
CA ALA A 342 -0.79 11.83 -32.35
C ALA A 342 0.51 11.61 -31.59
N TRP A 343 0.44 11.78 -30.27
CA TRP A 343 1.60 11.52 -29.41
C TRP A 343 1.61 10.10 -28.88
N TRP A 344 0.71 9.25 -29.36
CA TRP A 344 0.71 7.83 -29.05
C TRP A 344 0.74 7.04 -30.35
N ASN A 345 0.93 5.73 -30.25
CA ASN A 345 0.99 4.92 -31.46
C ASN A 345 -0.30 4.12 -31.63
N PRO A 346 -1.23 4.56 -32.48
CA PRO A 346 -2.49 3.82 -32.64
C PRO A 346 -2.26 2.41 -33.15
N ALA A 347 -3.02 1.47 -32.58
CA ALA A 347 -3.08 0.10 -33.09
C ALA A 347 -4.23 -0.02 -34.08
N ALA A 348 -3.98 -0.63 -35.25
CA ALA A 348 -5.02 -0.75 -36.26
C ALA A 348 -6.16 -1.64 -35.78
N GLY A 349 -5.84 -2.76 -35.13
CA GLY A 349 -6.87 -3.62 -34.55
C GLY A 349 -7.79 -4.28 -35.55
N VAL A 350 -7.27 -4.66 -36.72
CA VAL A 350 -8.09 -5.25 -37.77
C VAL A 350 -7.46 -6.53 -38.33
N THR A 351 -6.88 -7.37 -37.46
CA THR A 351 -6.61 -8.74 -37.84
C THR A 351 -7.94 -9.48 -38.03
N PRO A 352 -7.97 -10.57 -38.81
CA PRO A 352 -9.24 -11.27 -39.03
C PRO A 352 -9.95 -11.68 -37.75
N GLU A 353 -9.19 -12.03 -36.72
CA GLU A 353 -9.78 -12.39 -35.43
C GLU A 353 -10.44 -11.18 -34.77
N GLU A 354 -9.79 -10.03 -34.83
CA GLU A 354 -10.42 -8.81 -34.33
C GLU A 354 -11.61 -8.40 -35.19
N ARG A 355 -11.51 -8.63 -36.50
CA ARG A 355 -12.61 -8.23 -37.39
C ARG A 355 -13.84 -9.09 -37.14
N ASP A 356 -13.67 -10.38 -36.82
CA ASP A 356 -14.79 -11.21 -36.39
C ASP A 356 -15.43 -10.67 -35.11
N TRP A 357 -14.61 -10.26 -34.14
CA TRP A 357 -15.13 -9.66 -32.92
C TRP A 357 -15.90 -8.38 -33.23
N LEU A 358 -15.32 -7.53 -34.08
CA LEU A 358 -15.98 -6.29 -34.49
C LEU A 358 -17.34 -6.56 -35.13
N GLU A 359 -17.39 -7.53 -36.06
CA GLU A 359 -18.64 -7.87 -36.72
C GLU A 359 -19.67 -8.38 -35.71
N GLU A 360 -19.22 -9.19 -34.75
CA GLU A 360 -20.17 -9.70 -33.75
C GLU A 360 -20.69 -8.58 -32.86
N LYS A 361 -19.84 -7.61 -32.51
CA LYS A 361 -20.27 -6.53 -31.62
C LYS A 361 -20.96 -5.39 -32.37
N TYR A 362 -20.76 -5.30 -33.68
CA TYR A 362 -21.32 -4.23 -34.51
C TYR A 362 -21.69 -4.82 -35.85
N PRO A 363 -22.84 -5.50 -35.93
CA PRO A 363 -23.19 -6.22 -37.16
C PRO A 363 -23.20 -5.28 -38.36
N GLY A 364 -22.60 -5.73 -39.46
CA GLY A 364 -22.41 -4.91 -40.64
C GLY A 364 -21.10 -4.16 -40.70
N TRP A 365 -20.24 -4.31 -39.70
CA TRP A 365 -18.98 -3.56 -39.65
C TRP A 365 -18.11 -3.81 -40.88
N ASN A 366 -18.09 -5.05 -41.37
CA ASN A 366 -17.15 -5.38 -42.45
C ASN A 366 -17.56 -4.76 -43.77
N LYS A 367 -18.86 -4.53 -43.99
CA LYS A 367 -19.34 -3.88 -45.20
C LYS A 367 -19.24 -2.35 -45.13
N ARG A 368 -18.86 -1.80 -43.98
CA ARG A 368 -18.67 -0.37 -43.83
C ARG A 368 -17.19 -0.10 -43.61
N TRP A 369 -16.73 0.06 -42.37
CA TRP A 369 -15.32 0.37 -42.12
C TRP A 369 -14.40 -0.73 -42.65
N GLY A 370 -14.89 -1.98 -42.68
CA GLY A 370 -14.08 -3.05 -43.23
C GLY A 370 -13.68 -2.84 -44.67
N ARG A 371 -14.50 -2.12 -45.44
CA ARG A 371 -14.14 -1.79 -46.82
C ARG A 371 -12.88 -0.93 -46.87
N CYS A 372 -12.79 0.06 -45.97
CA CYS A 372 -11.61 0.91 -45.93
C CYS A 372 -10.39 0.14 -45.45
N TRP A 373 -10.56 -0.67 -44.40
CA TRP A 373 -9.45 -1.47 -43.90
C TRP A 373 -9.01 -2.52 -44.90
N ASP A 374 -9.88 -2.95 -45.82
CA ASP A 374 -9.46 -3.85 -46.90
C ASP A 374 -8.42 -3.18 -47.79
N VAL A 375 -8.70 -1.93 -48.19
CA VAL A 375 -7.77 -1.21 -49.05
C VAL A 375 -6.46 -0.93 -48.31
N ILE A 376 -6.54 -0.50 -47.04
CA ILE A 376 -5.32 -0.24 -46.28
C ILE A 376 -4.49 -1.51 -46.15
N THR A 377 -5.16 -2.61 -45.78
CA THR A 377 -4.45 -3.87 -45.55
C THR A 377 -3.75 -4.35 -46.82
N GLU A 378 -4.40 -4.21 -47.97
CA GLU A 378 -3.77 -4.67 -49.20
C GLU A 378 -2.55 -3.82 -49.55
N ASN A 379 -2.61 -2.51 -49.29
CA ASN A 379 -1.43 -1.68 -49.53
C ASN A 379 -0.27 -2.10 -48.63
N VAL A 380 -0.55 -2.35 -47.35
CA VAL A 380 0.50 -2.78 -46.42
C VAL A 380 1.13 -4.09 -46.91
N LEU A 381 0.31 -5.01 -47.40
CA LEU A 381 0.86 -6.30 -47.84
C LEU A 381 1.69 -6.15 -49.11
N ASP A 382 1.34 -5.20 -49.97
CA ASP A 382 2.06 -4.96 -51.21
C ASP A 382 3.12 -3.88 -51.07
N ASP A 383 3.46 -3.49 -49.84
CA ASP A 383 4.51 -2.52 -49.56
C ASP A 383 4.32 -1.21 -50.32
N ARG A 384 3.06 -0.80 -50.47
CA ARG A 384 2.75 0.52 -51.01
C ARG A 384 2.44 1.45 -49.83
N MET A 385 3.50 1.76 -49.09
CA MET A 385 3.35 2.46 -47.81
C MET A 385 3.07 3.95 -47.96
N ASP A 386 3.44 4.56 -49.09
CA ASP A 386 3.09 5.97 -49.27
C ASP A 386 1.57 6.17 -49.32
N LEU A 387 0.79 5.12 -49.60
CA LEU A 387 -0.67 5.22 -49.59
C LEU A 387 -1.30 4.97 -48.21
N VAL A 388 -0.52 4.60 -47.19
CA VAL A 388 -1.05 4.50 -45.84
C VAL A 388 -0.70 5.71 -44.98
N SER A 389 -0.14 6.77 -45.59
CA SER A 389 0.13 8.03 -44.92
C SER A 389 -0.50 9.17 -45.71
N PRO A 390 -1.11 10.14 -45.04
CA PRO A 390 -1.85 11.18 -45.75
C PRO A 390 -0.93 12.27 -46.29
N GLU A 391 -1.46 12.97 -47.30
CA GLU A 391 -0.79 14.13 -47.90
C GLU A 391 -1.66 15.37 -47.84
N THR A 392 -2.74 15.36 -47.06
CA THR A 392 -3.56 16.54 -46.79
C THR A 392 -4.07 16.49 -45.35
N LEU A 393 -4.93 17.52 -44.96
CA LEU A 393 -5.48 17.55 -43.61
C LEU A 393 -6.95 17.12 -43.61
N PRO A 394 -7.44 16.48 -42.55
CA PRO A 394 -8.88 16.29 -42.43
C PRO A 394 -9.54 17.63 -42.17
N SER A 395 -10.77 17.78 -42.67
CA SER A 395 -11.62 18.87 -42.24
C SER A 395 -12.12 18.62 -40.83
N VAL A 396 -12.24 19.68 -40.03
CA VAL A 396 -12.39 19.59 -38.59
C VAL A 396 -13.64 20.32 -38.14
N CYS A 397 -14.38 19.74 -37.19
CA CYS A 397 -15.58 20.38 -36.63
C CYS A 397 -15.21 21.65 -35.85
N ASN A 398 -16.00 22.72 -36.04
CA ASN A 398 -15.80 23.98 -35.32
C ASN A 398 -16.29 23.95 -33.89
N MET A 399 -16.88 22.85 -33.44
CA MET A 399 -17.25 22.71 -32.04
C MET A 399 -16.31 21.71 -31.37
N SER A 400 -16.36 20.43 -31.76
CA SER A 400 -15.60 19.40 -31.07
C SER A 400 -14.12 19.41 -31.41
N GLN A 401 -13.71 20.12 -32.47
CA GLN A 401 -12.31 20.15 -32.92
C GLN A 401 -11.82 18.80 -33.43
N ILE A 402 -12.73 17.90 -33.80
CA ILE A 402 -12.36 16.56 -34.23
C ILE A 402 -12.75 16.44 -35.71
N PRO A 403 -12.02 15.64 -36.50
CA PRO A 403 -12.34 15.52 -37.94
C PRO A 403 -13.81 15.16 -38.22
N LEU A 404 -14.28 15.63 -39.38
CA LEU A 404 -15.65 15.44 -39.84
C LEU A 404 -15.77 14.07 -40.52
N VAL A 405 -16.57 13.17 -39.94
CA VAL A 405 -16.58 11.78 -40.39
C VAL A 405 -18.01 11.36 -40.72
N GLY A 406 -18.12 10.20 -41.37
CA GLY A 406 -19.40 9.56 -41.59
C GLY A 406 -19.23 8.06 -41.69
N VAL A 407 -20.22 7.38 -42.25
CA VAL A 407 -20.18 5.93 -42.40
C VAL A 407 -19.64 5.63 -43.78
N PRO A 408 -18.51 4.90 -43.90
CA PRO A 408 -17.94 4.58 -45.21
C PRO A 408 -18.53 3.30 -45.79
N GLY A 409 -18.06 2.89 -46.98
CA GLY A 409 -18.39 1.59 -47.52
C GLY A 409 -19.74 1.48 -48.21
N ASP A 410 -20.40 0.34 -48.02
CA ASP A 410 -21.52 -0.06 -48.88
C ASP A 410 -22.71 0.89 -48.75
N ASP A 411 -23.00 1.41 -47.56
CA ASP A 411 -24.07 2.40 -47.44
C ASP A 411 -23.52 3.73 -46.98
N TRP A 412 -22.62 4.28 -47.78
CA TRP A 412 -21.94 5.54 -47.48
C TRP A 412 -22.93 6.63 -47.08
N ASN A 413 -22.67 7.27 -45.95
CA ASN A 413 -23.47 8.42 -45.53
C ASN A 413 -22.58 9.34 -44.73
N ILE A 414 -22.40 10.56 -45.19
CA ILE A 414 -21.65 11.56 -44.45
C ILE A 414 -22.40 12.88 -44.54
N GLU A 415 -22.50 13.58 -43.41
CA GLU A 415 -23.18 14.87 -43.44
C GLU A 415 -22.42 15.88 -42.59
N VAL A 416 -22.23 17.07 -43.15
CA VAL A 416 -21.65 18.23 -42.48
C VAL A 416 -22.75 19.24 -42.27
N PHE A 417 -22.82 19.83 -41.07
CA PHE A 417 -23.87 20.80 -40.75
C PHE A 417 -23.21 22.17 -40.67
N SER A 418 -23.53 23.04 -41.61
CA SER A 418 -22.82 24.29 -41.77
C SER A 418 -23.69 25.46 -41.34
N LEU A 419 -23.02 26.61 -41.16
CA LEU A 419 -23.65 27.80 -40.61
C LEU A 419 -22.82 29.02 -40.98
N GLU A 420 -23.46 30.00 -41.63
CA GLU A 420 -22.88 31.33 -41.82
C GLU A 420 -23.22 32.20 -40.62
N HIS A 421 -22.22 32.87 -40.07
CA HIS A 421 -22.42 33.67 -38.86
C HIS A 421 -21.36 34.76 -38.83
N ASN A 422 -21.79 36.02 -38.84
CA ASN A 422 -20.89 37.18 -38.80
C ASN A 422 -19.80 37.08 -39.87
N GLY A 423 -20.22 36.85 -41.11
CA GLY A 423 -19.29 36.81 -42.22
C GLY A 423 -18.29 35.67 -42.18
N ARG A 424 -18.63 34.58 -41.52
CA ARG A 424 -17.75 33.43 -41.46
C ARG A 424 -18.57 32.15 -41.66
N LEU A 425 -17.99 31.17 -42.35
CA LEU A 425 -18.63 29.87 -42.58
C LEU A 425 -18.05 28.82 -41.63
N TYR A 426 -18.89 28.27 -40.76
CA TYR A 426 -18.53 27.23 -39.82
C TYR A 426 -19.11 25.88 -40.26
N HIS A 427 -18.41 24.80 -39.92
CA HIS A 427 -18.84 23.45 -40.26
C HIS A 427 -18.83 22.60 -39.00
N PHE A 428 -19.92 21.87 -38.77
CA PHE A 428 -20.08 21.06 -37.57
C PHE A 428 -20.33 19.62 -37.96
N GLY A 429 -19.90 18.70 -37.07
CA GLY A 429 -19.99 17.28 -37.31
C GLY A 429 -21.32 16.64 -36.99
N SER A 430 -22.26 17.40 -36.41
CA SER A 430 -23.59 16.88 -36.15
C SER A 430 -24.55 18.05 -35.98
N GLU A 431 -25.84 17.73 -36.00
CA GLU A 431 -26.88 18.72 -35.68
C GLU A 431 -26.70 19.25 -34.26
N VAL A 432 -26.30 18.39 -33.34
CA VAL A 432 -26.22 18.80 -31.93
C VAL A 432 -25.04 19.75 -31.73
N ASP A 433 -23.92 19.51 -32.42
CA ASP A 433 -22.79 20.43 -32.29
C ASP A 433 -23.10 21.82 -32.81
N ARG A 434 -23.81 21.92 -33.94
CA ARG A 434 -24.26 23.23 -34.40
C ARG A 434 -25.21 23.87 -33.39
N TRP A 435 -26.10 23.07 -32.80
CA TRP A 435 -27.03 23.59 -31.80
C TRP A 435 -26.30 24.09 -30.56
N VAL A 436 -25.26 23.38 -30.12
CA VAL A 436 -24.46 23.85 -28.99
C VAL A 436 -23.85 25.21 -29.28
N PHE A 437 -23.33 25.38 -30.50
CA PHE A 437 -22.78 26.68 -30.92
C PHE A 437 -23.85 27.76 -30.84
N GLN A 438 -25.07 27.45 -31.29
CA GLN A 438 -26.14 28.43 -31.28
C GLN A 438 -26.64 28.76 -29.87
N GLN A 439 -26.38 27.92 -28.89
CA GLN A 439 -26.81 28.25 -27.52
C GLN A 439 -25.97 29.36 -26.91
N ASP A 440 -24.75 29.59 -27.40
CA ASP A 440 -23.89 30.59 -26.78
C ASP A 440 -22.83 31.05 -27.78
N PRO A 441 -23.19 31.76 -28.85
CA PRO A 441 -22.20 32.10 -29.89
C PRO A 441 -21.00 32.89 -29.37
N VAL A 442 -21.18 33.74 -28.36
CA VAL A 442 -20.06 34.53 -27.87
C VAL A 442 -18.97 33.64 -27.25
N GLN A 443 -19.34 32.46 -26.76
CA GLN A 443 -18.34 31.54 -26.25
C GLN A 443 -17.41 31.02 -27.34
N TYR A 444 -17.90 30.93 -28.58
CA TYR A 444 -17.22 30.15 -29.60
C TYR A 444 -16.85 30.91 -30.86
N GLN A 445 -17.53 32.03 -31.19
CA GLN A 445 -17.62 32.49 -32.57
C GLN A 445 -16.27 32.87 -33.17
N ASN A 446 -15.34 33.37 -32.37
CA ASN A 446 -14.06 33.79 -32.93
C ASN A 446 -12.95 32.77 -32.66
N HIS A 447 -13.29 31.58 -32.18
CA HIS A 447 -12.31 30.52 -32.08
C HIS A 447 -11.99 29.97 -33.47
N MET A 448 -10.71 29.67 -33.71
N MET A 448 -10.70 29.69 -33.68
CA MET A 448 -10.26 29.17 -35.00
CA MET A 448 -10.20 29.15 -34.94
C MET A 448 -9.71 27.76 -34.82
C MET A 448 -9.77 27.70 -34.70
N ASN A 449 -10.35 26.78 -35.45
CA ASN A 449 -9.86 25.41 -35.33
C ASN A 449 -8.57 25.27 -36.13
N ILE A 450 -7.91 24.12 -35.95
CA ILE A 450 -6.54 24.03 -36.45
C ILE A 450 -6.51 24.13 -37.98
N VAL A 451 -7.56 23.69 -38.68
CA VAL A 451 -7.62 23.85 -40.13
C VAL A 451 -7.96 25.30 -40.51
N ASP A 452 -8.84 25.96 -39.77
CA ASP A 452 -9.03 27.40 -39.93
C ASP A 452 -7.71 28.14 -39.82
N ARG A 453 -6.90 27.76 -38.83
CA ARG A 453 -5.59 28.39 -38.65
C ARG A 453 -4.67 28.11 -39.84
N PHE A 454 -4.67 26.85 -40.31
CA PHE A 454 -3.86 26.46 -41.45
C PHE A 454 -4.19 27.33 -42.67
N LEU A 455 -5.49 27.51 -42.94
CA LEU A 455 -5.89 28.27 -44.11
C LEU A 455 -5.70 29.77 -43.94
N ALA A 456 -5.65 30.27 -42.70
CA ALA A 456 -5.52 31.71 -42.46
C ALA A 456 -4.07 32.18 -42.39
N GLY A 457 -3.10 31.29 -42.55
CA GLY A 457 -1.71 31.68 -42.57
C GLY A 457 -0.98 31.58 -41.24
N GLN A 458 -1.63 31.08 -40.19
CA GLN A 458 -1.00 31.02 -38.88
C GLN A 458 -0.11 29.81 -38.69
N ILE A 459 -0.05 28.90 -39.66
CA ILE A 459 0.78 27.71 -39.58
C ILE A 459 1.78 27.79 -40.73
N GLN A 460 3.06 27.98 -40.40
CA GLN A 460 4.10 28.13 -41.42
C GLN A 460 5.26 27.20 -41.11
N PRO A 461 5.79 26.48 -42.11
CA PRO A 461 5.22 26.50 -43.47
C PRO A 461 3.87 25.79 -43.56
N MET A 462 3.13 26.15 -44.60
CA MET A 462 1.77 25.67 -44.83
C MET A 462 1.85 24.29 -45.51
N THR A 463 2.37 23.33 -44.74
CA THR A 463 2.63 21.98 -45.20
C THR A 463 2.31 21.03 -44.05
N LEU A 464 2.22 19.74 -44.36
CA LEU A 464 1.98 18.75 -43.30
C LEU A 464 3.13 18.74 -42.30
N ASP A 465 4.37 18.84 -42.80
CA ASP A 465 5.53 19.02 -41.94
C ASP A 465 5.38 20.26 -41.04
N GLY A 466 4.99 21.39 -41.64
CA GLY A 466 4.84 22.61 -40.85
C GLY A 466 3.78 22.49 -39.78
N ALA A 467 2.68 21.81 -40.11
CA ALA A 467 1.60 21.63 -39.15
C ALA A 467 2.05 20.75 -37.99
N LEU A 468 2.78 19.68 -38.28
CA LEU A 468 3.32 18.82 -37.22
C LEU A 468 4.22 19.61 -36.28
N LYS A 469 5.02 20.53 -36.83
CA LYS A 469 5.90 21.32 -35.96
C LYS A 469 5.09 22.34 -35.17
N TYR A 470 4.09 22.93 -35.80
CA TYR A 470 3.17 23.83 -35.10
C TYR A 470 2.47 23.12 -33.93
N MET A 471 2.18 21.83 -34.10
CA MET A 471 1.49 21.04 -33.09
C MET A 471 2.37 20.71 -31.89
N GLY A 472 3.67 20.97 -31.96
CA GLY A 472 4.54 20.84 -30.81
C GLY A 472 5.47 19.64 -30.82
N PHE A 473 5.49 18.85 -31.88
CA PHE A 473 6.41 17.72 -31.91
C PHE A 473 7.83 18.23 -32.04
N GLN A 474 8.72 17.76 -31.15
CA GLN A 474 10.10 18.23 -31.08
C GLN A 474 11.09 17.22 -31.64
N SER A 475 10.63 16.04 -32.01
CA SER A 475 11.56 15.08 -32.61
C SER A 475 10.76 14.05 -33.36
N ILE A 476 11.44 13.35 -34.28
CA ILE A 476 10.71 12.36 -35.04
C ILE A 476 10.12 11.31 -34.09
N GLU A 477 10.86 10.90 -33.06
CA GLU A 477 10.38 9.82 -32.20
C GLU A 477 9.04 10.11 -31.53
N GLU A 478 8.63 11.37 -31.41
CA GLU A 478 7.40 11.68 -30.70
C GLU A 478 6.13 11.45 -31.53
N MET A 479 6.24 11.42 -32.85
CA MET A 479 5.02 11.32 -33.65
C MET A 479 4.55 9.87 -33.78
N GLY A 480 3.23 9.71 -33.84
CA GLY A 480 2.65 8.38 -33.78
C GLY A 480 3.00 7.52 -34.97
N LYS A 481 3.14 6.22 -34.71
CA LYS A 481 3.27 5.18 -35.72
C LYS A 481 2.26 4.09 -35.46
N ASP A 482 2.19 3.15 -36.39
CA ASP A 482 1.40 1.96 -36.12
C ASP A 482 1.97 1.24 -34.90
N ALA A 483 1.10 0.87 -33.96
CA ALA A 483 1.57 0.33 -32.69
C ALA A 483 2.44 -0.91 -32.88
N HIS A 484 2.12 -1.73 -33.88
CA HIS A 484 2.80 -3.01 -34.07
C HIS A 484 3.75 -2.99 -35.25
N ASP A 485 4.02 -1.81 -35.81
CA ASP A 485 4.89 -1.70 -37.01
C ASP A 485 4.37 -2.60 -38.12
N PHE A 486 3.05 -2.67 -38.26
CA PHE A 486 2.34 -3.35 -39.33
C PHE A 486 2.47 -4.87 -39.28
N ALA A 487 2.99 -5.42 -38.17
CA ALA A 487 3.05 -6.87 -38.02
C ALA A 487 1.67 -7.50 -38.06
N TRP A 488 0.61 -6.72 -37.82
CA TRP A 488 -0.75 -7.25 -37.93
C TRP A 488 -1.07 -7.70 -39.35
N ALA A 489 -0.44 -7.08 -40.36
CA ALA A 489 -0.76 -7.42 -41.74
C ALA A 489 -0.40 -8.86 -42.06
N ASP A 490 0.63 -9.40 -41.39
CA ASP A 490 1.05 -10.77 -41.64
C ASP A 490 0.01 -11.80 -41.22
N LYS A 491 -0.98 -11.40 -40.41
CA LYS A 491 -2.09 -12.28 -40.07
C LYS A 491 -3.28 -12.12 -41.01
N CYS A 492 -3.20 -11.20 -41.97
CA CYS A 492 -4.26 -11.01 -42.97
C CYS A 492 -3.86 -11.58 -44.35
N PHE B 3 12.96 17.00 -39.49
CA PHE B 3 12.74 16.63 -38.09
C PHE B 3 13.99 16.02 -37.42
N GLU B 4 14.37 16.57 -36.26
CA GLU B 4 15.54 16.12 -35.52
C GLU B 4 15.25 14.84 -34.73
N SER B 5 16.30 14.10 -34.42
CA SER B 5 16.21 12.97 -33.51
C SER B 5 16.75 13.39 -32.15
N LYS B 6 16.07 12.93 -31.10
CA LYS B 6 16.46 13.22 -29.73
C LYS B 6 16.23 11.97 -28.89
N LYS B 7 17.04 11.81 -27.86
CA LYS B 7 16.86 10.63 -27.03
C LYS B 7 15.83 10.91 -25.94
N PRO B 8 15.31 9.86 -25.30
CA PRO B 8 14.44 10.08 -24.14
C PRO B 8 15.17 10.86 -23.06
N MET B 9 14.40 11.63 -22.29
CA MET B 9 14.93 12.45 -21.22
C MET B 9 14.60 11.82 -19.88
N ARG B 10 15.38 12.16 -18.86
CA ARG B 10 15.18 11.61 -17.53
C ARG B 10 13.97 12.18 -16.81
N THR B 11 13.44 13.30 -17.30
CA THR B 11 12.33 13.99 -16.66
C THR B 11 11.56 14.74 -17.74
N TRP B 12 10.58 15.55 -17.33
CA TRP B 12 9.80 16.36 -18.27
C TRP B 12 10.73 17.25 -19.10
N SER B 13 10.30 17.57 -20.33
CA SER B 13 11.11 18.42 -21.19
C SER B 13 11.47 19.72 -20.50
N HIS B 14 10.52 20.34 -19.79
CA HIS B 14 10.79 21.65 -19.22
C HIS B 14 11.66 21.60 -17.98
N LEU B 15 11.93 20.41 -17.44
CA LEU B 15 12.82 20.25 -16.29
C LEU B 15 14.17 19.69 -16.66
N ALA B 16 14.34 19.25 -17.92
CA ALA B 16 15.52 18.47 -18.30
C ALA B 16 16.83 19.25 -18.18
N GLU B 17 16.78 20.58 -18.08
CA GLU B 17 17.99 21.38 -17.97
C GLU B 17 18.21 21.94 -16.55
N MET B 18 17.53 21.38 -15.56
CA MET B 18 17.87 21.68 -14.18
C MET B 18 19.25 21.15 -13.85
N ARG B 19 19.91 21.82 -12.88
CA ARG B 19 21.17 21.30 -12.36
C ARG B 19 20.92 20.03 -11.54
N LYS B 20 20.00 20.10 -10.59
CA LYS B 20 19.74 19.01 -9.65
C LYS B 20 18.70 18.04 -10.19
N LYS B 21 18.62 16.89 -9.54
CA LYS B 21 17.59 15.91 -9.90
C LYS B 21 16.21 16.46 -9.54
N PRO B 22 15.23 16.38 -10.46
CA PRO B 22 13.87 16.85 -10.13
C PRO B 22 13.29 16.15 -8.92
N SER B 23 12.72 16.93 -8.02
CA SER B 23 12.03 16.40 -6.86
C SER B 23 10.59 16.06 -7.21
N GLU B 24 9.95 15.27 -6.34
CA GLU B 24 8.51 15.03 -6.41
C GLU B 24 7.76 16.34 -6.64
N TYR B 25 8.10 17.37 -5.86
CA TYR B 25 7.44 18.66 -5.99
C TYR B 25 7.60 19.24 -7.39
N ASP B 26 8.83 19.22 -7.94
CA ASP B 26 9.09 19.74 -9.28
C ASP B 26 8.22 19.01 -10.31
N ILE B 27 8.18 17.68 -10.20
CA ILE B 27 7.53 16.85 -11.20
C ILE B 27 6.02 17.13 -11.25
N VAL B 28 5.38 17.29 -10.10
CA VAL B 28 3.92 17.29 -10.05
C VAL B 28 3.32 18.69 -9.90
N SER B 29 4.15 19.74 -9.75
CA SER B 29 3.63 21.06 -9.39
C SER B 29 3.95 22.17 -10.39
N ARG B 30 5.00 22.03 -11.21
CA ARG B 30 5.53 23.16 -11.97
C ARG B 30 4.96 23.25 -13.39
N LYS B 31 4.71 24.50 -13.80
CA LYS B 31 4.35 24.84 -15.18
C LYS B 31 3.11 24.08 -15.64
N LEU B 32 2.04 24.13 -14.83
CA LEU B 32 0.79 23.47 -15.18
C LEU B 32 -0.30 24.42 -15.69
N HIS B 33 -0.17 25.73 -15.51
CA HIS B 33 -1.18 26.65 -16.03
C HIS B 33 -0.95 26.86 -17.51
N TYR B 34 -1.63 26.07 -18.34
CA TYR B 34 -1.54 26.32 -19.78
C TYR B 34 -2.28 27.59 -20.18
N SER B 35 -3.14 28.13 -19.31
CA SER B 35 -3.91 29.33 -19.61
C SER B 35 -3.06 30.59 -19.70
N THR B 36 -1.78 30.51 -19.35
CA THR B 36 -0.89 31.66 -19.49
C THR B 36 -0.10 31.62 -20.79
N ASN B 37 -0.24 30.56 -21.60
CA ASN B 37 0.61 30.42 -22.78
C ASN B 37 0.25 31.44 -23.86
N ASN B 38 -1.04 31.64 -24.12
CA ASN B 38 -1.51 32.51 -25.19
C ASN B 38 -2.06 33.79 -24.59
N PRO B 39 -1.37 34.93 -24.72
CA PRO B 39 -1.86 36.17 -24.10
C PRO B 39 -3.24 36.62 -24.58
N ASP B 40 -3.55 36.43 -25.87
CA ASP B 40 -4.85 36.89 -26.34
C ASP B 40 -5.96 35.87 -26.10
N SER B 41 -5.66 34.63 -25.76
CA SER B 41 -6.68 33.60 -25.54
C SER B 41 -6.24 32.68 -24.42
N PRO B 42 -6.38 33.12 -23.16
CA PRO B 42 -6.06 32.21 -22.04
C PRO B 42 -6.70 30.84 -22.16
N TRP B 43 -7.99 30.78 -22.43
CA TRP B 43 -8.71 29.51 -22.54
C TRP B 43 -9.03 29.23 -24.00
N GLU B 44 -9.15 27.95 -24.33
CA GLU B 44 -9.27 27.54 -25.73
C GLU B 44 -10.72 27.73 -26.19
N LEU B 45 -11.10 29.00 -26.28
CA LEU B 45 -12.44 29.41 -26.67
C LEU B 45 -12.32 30.66 -27.52
N SER B 46 -13.45 31.30 -27.81
CA SER B 46 -13.39 32.59 -28.47
C SER B 46 -12.51 33.54 -27.66
N PRO B 47 -11.55 34.23 -28.27
CA PRO B 47 -10.66 35.13 -27.50
C PRO B 47 -11.42 36.16 -26.70
N ASP B 48 -12.65 36.51 -27.09
CA ASP B 48 -13.45 37.50 -26.36
C ASP B 48 -14.61 36.87 -25.60
N SER B 49 -14.54 35.56 -25.35
CA SER B 49 -15.44 34.88 -24.41
C SER B 49 -15.38 35.57 -23.05
N PRO B 50 -16.48 35.55 -22.28
CA PRO B 50 -16.49 36.28 -21.00
C PRO B 50 -15.36 35.90 -20.06
N MET B 51 -15.05 34.61 -19.93
CA MET B 51 -13.98 34.21 -19.02
C MET B 51 -12.62 34.63 -19.56
N ASN B 52 -12.43 34.60 -20.88
CA ASN B 52 -11.17 35.08 -21.44
C ASN B 52 -10.98 36.58 -21.17
N LEU B 53 -12.06 37.35 -21.26
CA LEU B 53 -11.96 38.78 -20.96
C LEU B 53 -11.67 39.00 -19.48
N TRP B 54 -12.28 38.19 -18.61
CA TRP B 54 -11.99 38.26 -17.18
C TRP B 54 -10.51 38.00 -16.89
N TYR B 55 -9.96 36.93 -17.45
CA TYR B 55 -8.54 36.61 -17.20
C TYR B 55 -7.60 37.59 -17.87
N LYS B 56 -7.99 38.16 -19.02
CA LYS B 56 -7.13 39.16 -19.64
C LYS B 56 -7.05 40.43 -18.78
N GLN B 57 -8.16 40.81 -18.15
CA GLN B 57 -8.19 42.02 -17.34
C GLN B 57 -7.55 41.79 -15.96
N TYR B 58 -7.96 40.71 -15.27
CA TYR B 58 -7.63 40.54 -13.86
C TYR B 58 -6.41 39.67 -13.61
N ARG B 59 -5.95 38.90 -14.58
CA ARG B 59 -4.66 38.23 -14.45
C ARG B 59 -3.61 38.87 -15.36
N ASN B 60 -3.82 38.84 -16.67
CA ASN B 60 -2.77 39.23 -17.60
C ASN B 60 -2.41 40.71 -17.43
N ALA B 61 -3.39 41.55 -17.14
CA ALA B 61 -3.15 42.98 -17.08
C ALA B 61 -2.81 43.49 -15.68
N SER B 62 -2.59 42.60 -14.71
CA SER B 62 -2.27 43.05 -13.36
C SER B 62 -1.02 43.93 -13.38
N PRO B 63 -0.96 44.99 -12.56
CA PRO B 63 0.26 45.81 -12.51
C PRO B 63 1.45 45.09 -11.90
N LEU B 64 1.23 44.01 -11.17
CA LEU B 64 2.32 43.19 -10.66
C LEU B 64 2.79 42.25 -11.76
N LYS B 65 4.04 42.42 -12.21
CA LYS B 65 4.51 41.76 -13.43
C LYS B 65 5.82 41.03 -13.21
N HIS B 66 5.97 39.91 -13.92
CA HIS B 66 7.16 39.09 -13.87
C HIS B 66 7.14 38.22 -15.11
N ASP B 67 8.31 38.03 -15.73
CA ASP B 67 8.36 37.23 -16.95
C ASP B 67 8.60 35.75 -16.69
N ASN B 68 8.64 35.33 -15.43
CA ASN B 68 8.73 33.92 -15.10
C ASN B 68 8.12 33.69 -13.72
N TRP B 69 6.82 33.96 -13.61
CA TRP B 69 6.08 33.57 -12.41
C TRP B 69 6.25 32.09 -12.11
N ASP B 70 6.35 31.26 -13.16
CA ASP B 70 6.38 29.81 -13.00
C ASP B 70 7.60 29.34 -12.21
N ALA B 71 8.65 30.15 -12.15
CA ALA B 71 9.82 29.79 -11.37
C ALA B 71 9.58 29.86 -9.86
N PHE B 72 8.44 30.43 -9.42
CA PHE B 72 8.17 30.50 -7.99
C PHE B 72 8.19 29.11 -7.35
N THR B 73 8.70 29.03 -6.13
CA THR B 73 8.83 27.77 -5.39
C THR B 73 8.25 27.94 -3.99
N ASP B 74 7.26 27.12 -3.64
CA ASP B 74 6.84 26.99 -2.25
C ASP B 74 8.06 26.62 -1.39
N PRO B 75 8.40 27.43 -0.38
CA PRO B 75 9.56 27.07 0.45
C PRO B 75 9.37 25.77 1.21
N ASP B 76 8.13 25.39 1.55
CA ASP B 76 7.87 24.10 2.16
C ASP B 76 7.77 22.97 1.15
N GLN B 77 7.73 23.29 -0.15
CA GLN B 77 7.68 22.31 -1.25
C GLN B 77 6.61 21.25 -1.00
N LEU B 78 5.43 21.69 -0.57
CA LEU B 78 4.36 20.77 -0.24
C LEU B 78 3.64 20.29 -1.49
N VAL B 79 3.37 18.99 -1.53
CA VAL B 79 2.48 18.40 -2.53
C VAL B 79 1.25 17.86 -1.78
N TYR B 80 0.26 17.42 -2.54
CA TYR B 80 -0.96 16.92 -1.91
C TYR B 80 -0.64 15.81 -0.92
N ARG B 81 0.20 14.86 -1.33
CA ARG B 81 0.54 13.72 -0.48
C ARG B 81 1.15 14.16 0.84
N THR B 82 2.11 15.09 0.80
CA THR B 82 2.78 15.48 2.05
C THR B 82 1.98 16.49 2.85
N TYR B 83 1.07 17.23 2.22
CA TYR B 83 0.14 18.05 2.99
C TYR B 83 -0.77 17.17 3.84
N ASN B 84 -1.33 16.11 3.25
CA ASN B 84 -2.23 15.26 4.02
C ASN B 84 -1.48 14.50 5.12
N LEU B 85 -0.25 14.07 4.84
CA LEU B 85 0.56 13.44 5.89
C LEU B 85 0.76 14.39 7.06
N MET B 86 1.16 15.63 6.77
CA MET B 86 1.36 16.63 7.81
C MET B 86 0.07 16.91 8.56
N GLN B 87 -1.03 17.18 7.84
CA GLN B 87 -2.25 17.60 8.51
C GLN B 87 -2.99 16.45 9.17
N ASP B 88 -2.89 15.23 8.65
CA ASP B 88 -3.47 14.12 9.40
C ASP B 88 -2.84 14.03 10.77
N GLY B 89 -1.52 14.25 10.86
CA GLY B 89 -0.87 14.29 12.16
C GLY B 89 -1.32 15.44 13.03
N GLN B 90 -1.33 16.66 12.49
CA GLN B 90 -1.73 17.82 13.30
C GLN B 90 -3.21 17.76 13.66
N GLU B 91 -4.04 17.31 12.72
CA GLU B 91 -5.46 17.27 13.01
C GLU B 91 -5.83 16.13 13.93
N SER B 92 -5.14 14.99 13.85
CA SER B 92 -5.44 13.96 14.83
C SER B 92 -4.93 14.34 16.22
N TYR B 93 -3.85 15.13 16.29
CA TYR B 93 -3.44 15.75 17.55
C TYR B 93 -4.55 16.64 18.13
N VAL B 94 -5.10 17.55 17.32
CA VAL B 94 -6.16 18.46 17.79
C VAL B 94 -7.40 17.66 18.21
N GLN B 95 -7.78 16.66 17.42
CA GLN B 95 -8.95 15.85 17.81
C GLN B 95 -8.72 15.08 19.09
N SER B 96 -7.49 14.62 19.33
CA SER B 96 -7.19 13.97 20.62
C SER B 96 -7.26 14.97 21.76
N LEU B 97 -6.85 16.22 21.54
CA LEU B 97 -7.00 17.28 22.54
C LEU B 97 -8.47 17.52 22.86
N PHE B 98 -9.31 17.60 21.83
CA PHE B 98 -10.74 17.78 22.03
C PHE B 98 -11.31 16.65 22.87
N ASP B 99 -10.91 15.41 22.53
CA ASP B 99 -11.42 14.24 23.23
C ASP B 99 -11.04 14.29 24.72
N GLN B 100 -9.78 14.57 25.03
CA GLN B 100 -9.30 14.48 26.41
C GLN B 100 -9.77 15.67 27.24
N PHE B 101 -9.77 16.88 26.68
CA PHE B 101 -10.27 18.02 27.43
C PHE B 101 -11.76 17.90 27.70
N ASN B 102 -12.50 17.29 26.77
CA ASN B 102 -13.88 16.93 27.04
C ASN B 102 -13.98 15.94 28.21
N GLU B 103 -13.14 14.91 28.22
CA GLU B 103 -13.18 13.93 29.31
C GLU B 103 -12.96 14.60 30.65
N ARG B 104 -12.05 15.58 30.70
N ARG B 104 -12.05 15.58 30.70
CA ARG B 104 -11.77 16.31 31.91
CA ARG B 104 -11.78 16.31 31.92
C ARG B 104 -12.77 17.42 32.20
C ARG B 104 -12.84 17.34 32.26
N GLU B 105 -13.80 17.57 31.36
CA GLU B 105 -14.82 18.62 31.53
C GLU B 105 -14.19 20.00 31.68
N HIS B 106 -13.23 20.27 30.79
CA HIS B 106 -12.54 21.54 30.74
C HIS B 106 -13.50 22.73 30.73
N ASP B 107 -14.56 22.63 29.92
CA ASP B 107 -15.44 23.78 29.72
C ASP B 107 -16.17 24.22 30.99
N GLN B 108 -16.38 23.30 31.94
CA GLN B 108 -17.04 23.69 33.19
C GLN B 108 -16.14 24.52 34.10
N MET B 109 -14.83 24.48 33.90
CA MET B 109 -13.91 25.10 34.84
C MET B 109 -13.45 26.48 34.39
N VAL B 110 -13.94 26.97 33.25
CA VAL B 110 -13.57 28.30 32.79
C VAL B 110 -14.11 29.34 33.77
N ARG B 111 -13.45 30.49 33.82
CA ARG B 111 -13.90 31.55 34.71
C ARG B 111 -15.29 32.01 34.27
N GLU B 112 -16.13 32.33 35.26
CA GLU B 112 -17.51 32.71 34.99
C GLU B 112 -17.58 33.81 33.94
N GLY B 113 -18.51 33.66 32.99
CA GLY B 113 -18.70 34.63 31.93
C GLY B 113 -17.86 34.42 30.69
N TRP B 114 -16.86 33.53 30.74
CA TRP B 114 -16.05 33.27 29.55
C TRP B 114 -16.89 32.77 28.38
N GLU B 115 -17.97 32.03 28.67
CA GLU B 115 -18.85 31.55 27.61
C GLU B 115 -19.51 32.68 26.83
N HIS B 116 -19.77 33.81 27.48
CA HIS B 116 -20.33 34.97 26.77
C HIS B 116 -19.29 35.61 25.87
N THR B 117 -18.04 35.71 26.34
CA THR B 117 -16.96 36.24 25.50
C THR B 117 -16.72 35.33 24.30
N MET B 118 -16.78 34.01 24.51
CA MET B 118 -16.66 33.08 23.40
C MET B 118 -17.80 33.26 22.41
N ALA B 119 -19.03 33.41 22.91
CA ALA B 119 -20.17 33.56 22.01
C ALA B 119 -20.05 34.81 21.17
N ARG B 120 -19.48 35.88 21.73
CA ARG B 120 -19.46 37.14 21.04
C ARG B 120 -18.19 37.32 20.21
N CYS B 121 -17.05 36.84 20.72
CA CYS B 121 -15.75 37.11 20.11
C CYS B 121 -15.11 35.90 19.44
N TYR B 122 -15.61 34.69 19.68
CA TYR B 122 -14.98 33.50 19.13
C TYR B 122 -15.88 32.80 18.11
N SER B 123 -17.09 32.39 18.51
CA SER B 123 -17.91 31.61 17.59
C SER B 123 -18.22 32.30 16.26
N PRO B 124 -18.38 33.63 16.16
CA PRO B 124 -18.57 34.22 14.83
C PRO B 124 -17.33 34.20 13.93
N LEU B 125 -16.17 33.71 14.40
CA LEU B 125 -15.00 33.59 13.53
C LEU B 125 -15.24 32.65 12.36
N ARG B 126 -16.25 31.77 12.46
CA ARG B 126 -16.54 30.89 11.34
C ARG B 126 -16.91 31.69 10.09
N TYR B 127 -17.54 32.86 10.26
CA TYR B 127 -17.77 33.73 9.10
C TYR B 127 -16.46 34.33 8.60
N LEU B 128 -15.61 34.81 9.51
CA LEU B 128 -14.33 35.36 9.08
C LEU B 128 -13.50 34.30 8.38
N PHE B 129 -13.43 33.09 8.96
CA PHE B 129 -12.61 32.02 8.39
C PHE B 129 -13.14 31.57 7.03
N HIS B 130 -14.46 31.57 6.87
CA HIS B 130 -15.02 31.23 5.57
C HIS B 130 -14.71 32.30 4.53
N CYS B 131 -14.63 33.57 4.94
CA CYS B 131 -14.19 34.60 4.01
C CYS B 131 -12.76 34.33 3.54
N LEU B 132 -11.88 33.95 4.46
CA LEU B 132 -10.51 33.61 4.08
C LEU B 132 -10.49 32.42 3.13
N GLN B 133 -11.37 31.46 3.37
CA GLN B 133 -11.50 30.30 2.49
C GLN B 133 -11.90 30.72 1.08
N MET B 134 -12.97 31.53 0.97
CA MET B 134 -13.42 31.99 -0.33
C MET B 134 -12.35 32.84 -1.01
N SER B 135 -11.70 33.72 -0.24
CA SER B 135 -10.68 34.61 -0.78
C SER B 135 -9.48 33.82 -1.27
N SER B 136 -9.05 32.79 -0.52
CA SER B 136 -7.94 31.95 -0.94
C SER B 136 -8.26 31.22 -2.23
N ALA B 137 -9.51 30.75 -2.37
CA ALA B 137 -9.91 30.07 -3.59
C ALA B 137 -9.87 31.01 -4.78
N TYR B 138 -10.13 32.30 -4.57
CA TYR B 138 -10.05 33.24 -5.68
C TYR B 138 -8.60 33.45 -6.12
N VAL B 139 -7.68 33.59 -5.16
CA VAL B 139 -6.28 33.73 -5.55
C VAL B 139 -5.83 32.49 -6.31
N GLN B 140 -6.31 31.32 -5.88
CA GLN B 140 -5.93 30.06 -6.53
C GLN B 140 -6.26 30.10 -8.00
N GLN B 141 -7.49 30.50 -8.34
CA GLN B 141 -7.94 30.41 -9.72
C GLN B 141 -7.37 31.52 -10.60
N MET B 142 -6.90 32.63 -10.02
CA MET B 142 -6.40 33.76 -10.80
C MET B 142 -4.88 33.82 -10.90
N ALA B 143 -4.15 33.12 -10.04
CA ALA B 143 -2.70 33.29 -9.96
C ALA B 143 -2.03 32.79 -11.23
N PRO B 144 -0.92 33.41 -11.63
CA PRO B 144 -0.30 33.12 -12.93
C PRO B 144 0.69 31.97 -12.95
N ALA B 145 0.82 31.18 -11.89
CA ALA B 145 1.69 30.01 -11.90
C ALA B 145 1.05 28.91 -11.05
N SER B 146 1.21 27.67 -11.49
CA SER B 146 0.63 26.57 -10.72
C SER B 146 1.30 26.41 -9.37
N THR B 147 2.59 26.76 -9.24
CA THR B 147 3.20 26.69 -7.91
C THR B 147 2.59 27.72 -6.95
N ILE B 148 2.16 28.88 -7.46
CA ILE B 148 1.44 29.82 -6.61
C ILE B 148 0.06 29.27 -6.28
N SER B 149 -0.68 28.84 -7.31
CA SER B 149 -2.03 28.33 -7.09
C SER B 149 -2.03 27.18 -6.11
N ASN B 150 -1.00 26.33 -6.16
CA ASN B 150 -0.97 25.18 -5.26
C ASN B 150 -0.89 25.62 -3.80
N CYS B 151 -0.10 26.65 -3.51
CA CYS B 151 -0.05 27.18 -2.15
C CYS B 151 -1.42 27.71 -1.71
N CYS B 152 -2.16 28.33 -2.64
CA CYS B 152 -3.47 28.86 -2.31
C CYS B 152 -4.48 27.74 -2.07
N ILE B 153 -4.39 26.64 -2.81
CA ILE B 153 -5.29 25.50 -2.57
C ILE B 153 -5.17 25.03 -1.12
N LEU B 154 -3.93 24.82 -0.67
CA LEU B 154 -3.73 24.31 0.68
C LEU B 154 -4.13 25.35 1.72
N GLN B 155 -3.96 26.63 1.38
CA GLN B 155 -4.42 27.69 2.27
C GLN B 155 -5.94 27.71 2.34
N THR B 156 -6.63 27.41 1.23
CA THR B 156 -8.08 27.28 1.24
C THR B 156 -8.52 26.13 2.16
N ALA B 157 -7.87 24.98 2.01
CA ALA B 157 -8.17 23.85 2.89
C ALA B 157 -7.89 24.18 4.35
N ASP B 158 -6.78 24.88 4.63
CA ASP B 158 -6.47 25.28 6.01
C ASP B 158 -7.55 26.20 6.58
N SER B 159 -8.06 27.11 5.75
CA SER B 159 -9.12 27.99 6.20
C SER B 159 -10.36 27.22 6.60
N LEU B 160 -10.73 26.20 5.80
CA LEU B 160 -11.85 25.35 6.15
C LEU B 160 -11.57 24.51 7.40
N ARG B 161 -10.32 24.07 7.58
CA ARG B 161 -9.94 23.40 8.84
C ARG B 161 -10.23 24.30 10.04
N TRP B 162 -9.83 25.58 9.96
CA TRP B 162 -10.10 26.51 11.06
C TRP B 162 -11.59 26.71 11.27
N LEU B 163 -12.34 26.87 10.18
CA LEU B 163 -13.79 26.97 10.23
C LEU B 163 -14.37 25.77 10.98
N THR B 164 -13.86 24.58 10.69
CA THR B 164 -14.44 23.36 11.26
C THR B 164 -14.09 23.22 12.73
N HIS B 165 -12.87 23.61 13.12
CA HIS B 165 -12.54 23.75 14.54
C HIS B 165 -13.57 24.64 15.24
N THR B 166 -13.84 25.80 14.66
CA THR B 166 -14.70 26.77 15.34
C THR B 166 -16.12 26.24 15.47
N ALA B 167 -16.63 25.57 14.43
CA ALA B 167 -17.96 24.95 14.46
C ALA B 167 -18.04 23.86 15.53
N TYR B 168 -17.02 23.00 15.58
CA TYR B 168 -17.01 21.94 16.57
C TYR B 168 -17.01 22.51 17.99
N ARG B 169 -16.17 23.51 18.24
CA ARG B 169 -16.04 24.06 19.59
C ARG B 169 -17.26 24.90 19.95
N THR B 170 -17.83 25.62 18.97
CA THR B 170 -19.09 26.32 19.21
C THR B 170 -20.16 25.36 19.70
N HIS B 171 -20.34 24.26 18.98
CA HIS B 171 -21.33 23.26 19.38
C HIS B 171 -20.98 22.67 20.73
N GLU B 172 -19.72 22.26 20.91
CA GLU B 172 -19.32 21.65 22.17
C GLU B 172 -19.55 22.59 23.33
N LEU B 173 -19.13 23.85 23.19
CA LEU B 173 -19.31 24.80 24.28
C LEU B 173 -20.79 25.01 24.60
N SER B 174 -21.65 25.00 23.56
CA SER B 174 -23.08 25.20 23.80
C SER B 174 -23.70 24.10 24.64
N LEU B 175 -23.06 22.92 24.70
CA LEU B 175 -23.59 21.84 25.52
CA LEU B 175 -23.58 21.83 25.53
C LEU B 175 -23.38 22.10 27.01
N THR B 176 -22.30 22.79 27.38
CA THR B 176 -22.12 23.18 28.78
C THR B 176 -22.85 24.47 29.10
N TYR B 177 -23.02 25.37 28.12
CA TYR B 177 -23.67 26.66 28.33
C TYR B 177 -24.75 26.82 27.27
N PRO B 178 -25.95 26.28 27.51
CA PRO B 178 -27.03 26.35 26.52
C PRO B 178 -27.69 27.71 26.39
N ASP B 179 -27.39 28.67 27.28
CA ASP B 179 -28.11 29.94 27.33
C ASP B 179 -27.22 31.12 26.95
N ALA B 180 -26.22 30.91 26.10
CA ALA B 180 -25.32 31.97 25.69
C ALA B 180 -25.46 32.32 24.21
N GLY B 181 -26.42 31.73 23.51
CA GLY B 181 -26.56 31.96 22.08
C GLY B 181 -25.55 31.25 21.22
N LEU B 182 -24.74 30.37 21.79
CA LEU B 182 -23.71 29.66 21.03
C LEU B 182 -24.35 28.81 19.95
N GLY B 183 -23.93 29.02 18.70
CA GLY B 183 -24.52 28.30 17.59
C GLY B 183 -25.87 28.78 17.16
N GLU B 184 -26.33 29.94 17.65
CA GLU B 184 -27.64 30.44 17.29
C GLU B 184 -27.58 31.88 16.78
N HIS B 185 -26.66 32.68 17.32
CA HIS B 185 -26.69 34.13 17.11
C HIS B 185 -25.48 34.66 16.36
N GLU B 186 -24.64 33.77 15.81
CA GLU B 186 -23.40 34.21 15.19
C GLU B 186 -23.65 35.07 13.95
N ARG B 187 -24.64 34.71 13.15
CA ARG B 187 -24.89 35.49 11.93
C ARG B 187 -25.31 36.92 12.28
N GLU B 188 -26.15 37.09 13.30
CA GLU B 188 -26.60 38.42 13.70
C GLU B 188 -25.45 39.24 14.28
N LEU B 189 -24.56 38.61 15.04
CA LEU B 189 -23.39 39.33 15.51
C LEU B 189 -22.46 39.69 14.37
N TRP B 190 -22.22 38.75 13.45
CA TRP B 190 -21.40 39.06 12.29
C TRP B 190 -21.97 40.23 11.50
N GLU B 191 -23.30 40.32 11.41
CA GLU B 191 -23.94 41.36 10.61
C GLU B 191 -24.16 42.67 11.34
N LYS B 192 -24.37 42.65 12.67
CA LYS B 192 -24.82 43.84 13.38
C LYS B 192 -23.91 44.29 14.53
N GLU B 193 -23.05 43.43 15.07
CA GLU B 193 -22.29 43.80 16.26
C GLU B 193 -21.13 44.73 15.88
N PRO B 194 -20.99 45.89 16.54
CA PRO B 194 -19.93 46.85 16.16
C PRO B 194 -18.54 46.24 16.03
N GLY B 195 -18.13 45.40 16.99
CA GLY B 195 -16.79 44.82 16.93
C GLY B 195 -16.52 43.98 15.70
N TRP B 196 -17.57 43.53 15.01
CA TRP B 196 -17.38 42.70 13.82
C TRP B 196 -17.44 43.49 12.54
N GLN B 197 -17.95 44.72 12.57
CA GLN B 197 -18.24 45.42 11.33
C GLN B 197 -16.98 45.88 10.63
N GLY B 198 -15.93 46.23 11.38
CA GLY B 198 -14.66 46.51 10.74
C GLY B 198 -14.16 45.31 9.94
N LEU B 199 -14.21 44.13 10.56
CA LEU B 199 -13.79 42.90 9.86
C LEU B 199 -14.70 42.60 8.68
N ARG B 200 -16.01 42.73 8.85
CA ARG B 200 -16.91 42.36 7.75
C ARG B 200 -16.76 43.32 6.57
N GLU B 201 -16.58 44.62 6.83
CA GLU B 201 -16.35 45.54 5.74
C GLU B 201 -15.04 45.22 5.03
N LEU B 202 -13.99 44.93 5.81
CA LEU B 202 -12.71 44.54 5.22
C LEU B 202 -12.88 43.35 4.29
N MET B 203 -13.55 42.30 4.77
CA MET B 203 -13.65 41.07 3.98
C MET B 203 -14.55 41.28 2.76
N GLU B 204 -15.65 42.02 2.92
CA GLU B 204 -16.54 42.23 1.77
C GLU B 204 -15.84 43.02 0.67
N LYS B 205 -15.04 44.01 1.04
CA LYS B 205 -14.31 44.76 0.02
C LYS B 205 -13.13 43.95 -0.51
N GLN B 206 -12.45 43.19 0.35
CA GLN B 206 -11.36 42.34 -0.12
C GLN B 206 -11.86 41.31 -1.11
N LEU B 207 -13.04 40.73 -0.85
CA LEU B 207 -13.57 39.72 -1.75
C LEU B 207 -14.02 40.31 -3.08
N THR B 208 -14.05 41.63 -3.22
CA THR B 208 -14.39 42.23 -4.51
C THR B 208 -13.17 42.86 -5.18
N ALA B 209 -11.97 42.55 -4.70
CA ALA B 209 -10.73 42.95 -5.37
C ALA B 209 -10.36 41.82 -6.33
N PHE B 210 -10.60 42.02 -7.62
CA PHE B 210 -10.50 40.91 -8.57
C PHE B 210 -9.16 40.81 -9.27
N ASP B 211 -8.31 41.84 -9.20
CA ASP B 211 -6.95 41.72 -9.72
C ASP B 211 -6.21 40.68 -8.89
N TRP B 212 -5.55 39.72 -9.56
CA TRP B 212 -4.91 38.63 -8.81
C TRP B 212 -3.85 39.17 -7.87
N GLY B 213 -3.07 40.16 -8.32
CA GLY B 213 -2.02 40.70 -7.49
C GLY B 213 -2.57 41.43 -6.29
N GLU B 214 -3.59 42.27 -6.50
CA GLU B 214 -4.18 42.98 -5.37
C GLU B 214 -4.90 42.00 -4.44
N ALA B 215 -5.50 40.95 -4.99
CA ALA B 215 -6.14 39.94 -4.15
C ALA B 215 -5.11 39.26 -3.26
N PHE B 216 -3.96 38.93 -3.84
CA PHE B 216 -2.92 38.24 -3.09
C PHE B 216 -2.35 39.14 -1.99
N VAL B 217 -2.02 40.38 -2.35
CA VAL B 217 -1.39 41.29 -1.39
C VAL B 217 -2.36 41.62 -0.25
N SER B 218 -3.60 41.96 -0.59
CA SER B 218 -4.53 42.36 0.46
C SER B 218 -4.83 41.19 1.39
N LEU B 219 -5.00 39.99 0.84
CA LEU B 219 -5.31 38.82 1.68
C LEU B 219 -4.10 38.36 2.50
N ASN B 220 -2.97 38.10 1.83
CA ASN B 220 -1.88 37.41 2.52
C ASN B 220 -0.88 38.35 3.17
N LEU B 221 -0.82 39.61 2.77
CA LEU B 221 0.14 40.53 3.35
C LEU B 221 -0.49 41.55 4.28
N VAL B 222 -1.82 41.70 4.27
CA VAL B 222 -2.48 42.70 5.09
C VAL B 222 -3.48 42.03 6.02
N VAL B 223 -4.48 41.34 5.45
CA VAL B 223 -5.56 40.75 6.25
C VAL B 223 -5.03 39.64 7.15
N LYS B 224 -4.33 38.68 6.58
CA LYS B 224 -4.00 37.49 7.37
C LYS B 224 -2.97 37.79 8.46
N PRO B 225 -1.93 38.60 8.22
CA PRO B 225 -1.07 39.00 9.35
C PRO B 225 -1.81 39.75 10.44
N MET B 226 -2.80 40.57 10.10
CA MET B 226 -3.55 41.27 11.13
C MET B 226 -4.35 40.28 11.99
N ILE B 227 -4.87 39.22 11.38
CA ILE B 227 -5.64 38.24 12.13
C ILE B 227 -4.76 37.49 13.12
N VAL B 228 -3.54 37.14 12.73
CA VAL B 228 -2.61 36.55 13.69
C VAL B 228 -2.34 37.51 14.83
N GLU B 229 -2.03 38.78 14.50
CA GLU B 229 -1.55 39.71 15.51
C GLU B 229 -2.67 40.28 16.37
N SER B 230 -3.87 40.47 15.80
CA SER B 230 -4.94 41.16 16.50
C SER B 230 -6.12 40.27 16.88
N ILE B 231 -6.16 39.02 16.43
CA ILE B 231 -7.25 38.13 16.80
C ILE B 231 -6.74 36.87 17.50
N PHE B 232 -5.86 36.12 16.84
CA PHE B 232 -5.39 34.85 17.39
C PHE B 232 -4.65 35.04 18.71
N LYS B 233 -3.62 35.89 18.70
CA LYS B 233 -2.79 36.01 19.88
C LYS B 233 -3.52 36.72 21.03
N PRO B 234 -4.35 37.75 20.79
CA PRO B 234 -5.13 38.31 21.91
C PRO B 234 -6.17 37.35 22.47
N LEU B 235 -6.75 36.47 21.64
CA LEU B 235 -7.63 35.45 22.17
C LEU B 235 -6.86 34.47 23.07
N GLN B 236 -5.66 34.07 22.64
CA GLN B 236 -4.83 33.22 23.49
C GLN B 236 -4.59 33.88 24.85
N GLN B 237 -4.32 35.19 24.85
CA GLN B 237 -4.07 35.88 26.11
C GLN B 237 -5.35 35.97 26.95
N GLN B 238 -6.48 36.25 26.30
CA GLN B 238 -7.75 36.29 27.02
C GLN B 238 -8.07 34.93 27.64
N ALA B 239 -7.87 33.85 26.88
CA ALA B 239 -8.15 32.51 27.40
C ALA B 239 -7.30 32.19 28.61
N TYR B 240 -6.03 32.60 28.60
CA TYR B 240 -5.18 32.42 29.76
C TYR B 240 -5.76 33.10 31.00
N GLU B 241 -6.26 34.33 30.83
CA GLU B 241 -6.85 35.05 31.96
C GLU B 241 -8.09 34.35 32.51
N ASN B 242 -8.74 33.50 31.72
CA ASN B 242 -10.05 32.99 32.05
C ASN B 242 -10.05 31.48 32.25
N ASN B 243 -8.86 30.90 32.51
CA ASN B 243 -8.71 29.47 32.79
C ASN B 243 -9.26 28.61 31.66
N ASP B 244 -9.09 29.05 30.42
CA ASP B 244 -9.36 28.24 29.24
C ASP B 244 -8.00 27.75 28.75
N THR B 245 -7.69 26.48 29.00
CA THR B 245 -6.40 25.94 28.58
C THR B 245 -6.47 25.22 27.25
N LEU B 246 -7.67 24.95 26.74
CA LEU B 246 -7.81 24.34 25.42
C LEU B 246 -7.55 25.35 24.31
N LEU B 247 -8.20 26.52 24.38
CA LEU B 247 -8.10 27.48 23.30
C LEU B 247 -6.67 27.86 22.92
N PRO B 248 -5.74 28.12 23.86
CA PRO B 248 -4.37 28.44 23.43
C PRO B 248 -3.71 27.31 22.67
N LEU B 249 -3.96 26.05 23.07
CA LEU B 249 -3.41 24.92 22.34
C LEU B 249 -4.00 24.79 20.95
N LEU B 250 -5.32 25.00 20.83
CA LEU B 250 -5.94 24.95 19.51
C LEU B 250 -5.39 26.05 18.61
N ILE B 251 -5.28 27.27 19.14
CA ILE B 251 -4.79 28.39 18.35
C ILE B 251 -3.33 28.18 17.95
N ASP B 252 -2.54 27.60 18.85
CA ASP B 252 -1.17 27.24 18.52
C ASP B 252 -1.11 26.36 17.28
N SER B 253 -2.03 25.40 17.15
CA SER B 253 -2.03 24.58 15.93
C SER B 253 -2.49 25.38 14.71
N GLN B 254 -3.49 26.24 14.86
CA GLN B 254 -3.88 27.09 13.75
C GLN B 254 -2.77 28.06 13.36
N LEU B 255 -1.99 28.54 14.34
CA LEU B 255 -0.91 29.46 14.03
C LEU B 255 0.20 28.80 13.20
N LYS B 256 0.41 27.49 13.36
CA LYS B 256 1.34 26.78 12.49
C LYS B 256 0.90 26.88 11.03
N ASP B 257 -0.40 26.69 10.76
CA ASP B 257 -0.93 26.93 9.43
C ASP B 257 -0.65 28.37 8.99
N ALA B 258 -0.92 29.33 9.88
CA ALA B 258 -0.79 30.74 9.48
C ALA B 258 0.65 31.11 9.18
N GLU B 259 1.60 30.55 9.94
N GLU B 259 1.61 30.56 9.94
CA GLU B 259 3.01 30.85 9.66
CA GLU B 259 3.00 30.90 9.63
C GLU B 259 3.45 30.24 8.34
C GLU B 259 3.45 30.24 8.33
N ARG B 260 2.89 29.08 7.99
CA ARG B 260 3.16 28.49 6.68
C ARG B 260 2.63 29.38 5.57
N HIS B 261 1.42 29.94 5.73
CA HIS B 261 0.89 30.87 4.74
C HIS B 261 1.79 32.08 4.61
N SER B 262 2.28 32.58 5.74
CA SER B 262 3.18 33.73 5.71
C SER B 262 4.48 33.38 4.99
N ARG B 263 4.96 32.14 5.13
CA ARG B 263 6.24 31.77 4.51
C ARG B 263 6.13 31.78 2.98
N TRP B 264 5.11 31.13 2.42
CA TRP B 264 5.03 31.13 0.97
C TRP B 264 4.69 32.52 0.44
N SER B 265 3.91 33.30 1.20
CA SER B 265 3.62 34.69 0.84
C SER B 265 4.88 35.52 0.71
N LYS B 266 5.77 35.41 1.69
CA LYS B 266 7.01 36.17 1.66
C LYS B 266 7.91 35.70 0.52
N ALA B 267 7.93 34.39 0.27
CA ALA B 267 8.73 33.89 -0.85
C ALA B 267 8.22 34.42 -2.19
N LEU B 268 6.90 34.60 -2.32
CA LEU B 268 6.37 35.12 -3.58
C LEU B 268 6.74 36.59 -3.74
N VAL B 269 6.65 37.35 -2.66
CA VAL B 269 7.08 38.75 -2.69
C VAL B 269 8.55 38.84 -3.12
N LYS B 270 9.41 37.99 -2.52
CA LYS B 270 10.82 38.05 -2.87
C LYS B 270 11.03 37.70 -4.35
N HIS B 271 10.28 36.72 -4.85
CA HIS B 271 10.30 36.41 -6.28
C HIS B 271 9.81 37.60 -7.11
N ALA B 272 8.73 38.24 -6.67
CA ALA B 272 8.19 39.39 -7.39
C ALA B 272 9.18 40.56 -7.41
N LEU B 273 9.90 40.78 -6.32
CA LEU B 273 10.80 41.93 -6.24
C LEU B 273 12.07 41.77 -7.08
N GLU B 274 12.28 40.61 -7.72
CA GLU B 274 13.27 40.54 -8.79
C GLU B 274 13.00 41.59 -9.86
N ASN B 275 11.72 41.94 -10.07
CA ASN B 275 11.33 43.07 -10.89
C ASN B 275 11.28 44.32 -10.00
N PRO B 276 12.18 45.29 -10.18
CA PRO B 276 12.19 46.46 -9.27
C PRO B 276 10.92 47.28 -9.33
N ASP B 277 10.20 47.23 -10.44
CA ASP B 277 8.93 47.94 -10.56
C ASP B 277 7.90 47.42 -9.56
N ASN B 278 8.01 46.16 -9.13
CA ASN B 278 6.94 45.60 -8.32
C ASN B 278 6.96 46.13 -6.89
N HIS B 279 8.08 46.70 -6.45
CA HIS B 279 8.13 47.21 -5.07
C HIS B 279 7.07 48.26 -4.84
N ALA B 280 7.04 49.29 -5.70
CA ALA B 280 6.03 50.34 -5.55
C ALA B 280 4.62 49.81 -5.70
N VAL B 281 4.42 48.80 -6.55
CA VAL B 281 3.08 48.23 -6.72
C VAL B 281 2.62 47.54 -5.45
N ILE B 282 3.49 46.72 -4.84
CA ILE B 282 3.13 46.01 -3.62
C ILE B 282 2.96 46.99 -2.46
N GLU B 283 3.89 47.93 -2.31
CA GLU B 283 3.77 48.93 -1.25
C GLU B 283 2.52 49.77 -1.45
N GLY B 284 2.18 50.08 -2.70
CA GLY B 284 0.96 50.84 -2.96
C GLY B 284 -0.29 50.12 -2.48
N TRP B 285 -0.38 48.81 -2.74
CA TRP B 285 -1.56 48.06 -2.31
C TRP B 285 -1.57 47.84 -0.80
N ILE B 286 -0.41 47.70 -0.20
CA ILE B 286 -0.35 47.55 1.22
C ILE B 286 -0.92 48.78 1.88
N GLU B 287 -0.44 49.95 1.47
CA GLU B 287 -0.92 51.22 2.02
C GLU B 287 -2.39 51.44 1.76
N LYS B 288 -2.88 50.97 0.64
CA LYS B 288 -4.28 51.11 0.34
C LYS B 288 -5.18 50.29 1.26
N TRP B 289 -4.76 49.11 1.67
CA TRP B 289 -5.61 48.23 2.45
C TRP B 289 -5.35 48.29 3.95
N ARG B 290 -4.18 48.79 4.35
CA ARG B 290 -3.81 48.78 5.77
C ARG B 290 -4.74 49.55 6.69
N PRO B 291 -5.26 50.75 6.35
CA PRO B 291 -6.19 51.41 7.27
C PRO B 291 -7.49 50.65 7.48
N LEU B 292 -7.99 49.94 6.46
CA LEU B 292 -9.17 49.10 6.66
C LEU B 292 -8.88 47.98 7.65
N ALA B 293 -7.68 47.39 7.54
CA ALA B 293 -7.32 46.29 8.44
C ALA B 293 -7.07 46.79 9.85
N ASP B 294 -6.49 48.00 9.99
CA ASP B 294 -6.29 48.57 11.32
C ASP B 294 -7.63 48.90 11.97
N ARG B 295 -8.55 49.50 11.22
CA ARG B 295 -9.91 49.72 11.69
C ARG B 295 -10.54 48.41 12.16
N ALA B 296 -10.37 47.33 11.39
CA ALA B 296 -10.98 46.06 11.75
C ALA B 296 -10.40 45.54 13.06
N ALA B 297 -9.08 45.60 13.20
CA ALA B 297 -8.42 45.15 14.43
C ALA B 297 -8.87 45.96 15.63
N GLU B 298 -8.90 47.30 15.50
CA GLU B 298 -9.26 48.15 16.63
C GLU B 298 -10.69 47.88 17.09
N ALA B 299 -11.61 47.67 16.14
CA ALA B 299 -12.99 47.38 16.51
C ALA B 299 -13.11 46.04 17.22
N TYR B 300 -12.39 45.02 16.73
CA TYR B 300 -12.46 43.69 17.34
C TYR B 300 -11.86 43.69 18.73
N LEU B 301 -10.72 44.36 18.91
CA LEU B 301 -10.03 44.31 20.20
C LEU B 301 -10.81 45.06 21.27
N SER B 302 -11.50 46.13 20.91
CA SER B 302 -12.28 46.87 21.89
C SER B 302 -13.51 46.08 22.32
N MET B 303 -14.07 45.28 21.42
CA MET B 303 -15.13 44.34 21.78
C MET B 303 -14.59 43.22 22.66
N LEU B 304 -13.40 42.71 22.35
CA LEU B 304 -12.83 41.57 23.09
C LEU B 304 -12.57 41.94 24.55
N SER B 305 -12.08 43.13 24.80
CA SER B 305 -11.72 43.55 26.15
C SER B 305 -12.85 44.26 26.89
N SER B 306 -14.10 44.05 26.49
CA SER B 306 -15.22 44.78 27.05
C SER B 306 -15.90 43.97 28.16
N ASP B 307 -16.79 44.64 28.90
CA ASP B 307 -17.54 44.02 29.99
C ASP B 307 -18.57 43.03 29.45
N SER C 2 -6.00 32.33 -57.09
CA SER C 2 -5.67 31.12 -57.84
C SER C 2 -5.99 29.87 -57.02
N ALA C 3 -5.31 29.72 -55.88
CA ALA C 3 -5.58 28.60 -54.99
C ALA C 3 -6.95 28.76 -54.35
N PHE C 4 -7.69 27.64 -54.26
CA PHE C 4 -9.09 27.64 -53.86
C PHE C 4 -9.33 26.45 -52.94
N PRO C 5 -9.41 26.66 -51.62
CA PRO C 5 -9.64 25.54 -50.70
C PRO C 5 -11.11 25.14 -50.68
N VAL C 6 -11.37 23.84 -50.70
CA VAL C 6 -12.69 23.31 -50.45
C VAL C 6 -12.57 22.13 -49.50
N HIS C 7 -13.71 21.75 -48.93
CA HIS C 7 -13.80 20.55 -48.11
C HIS C 7 -14.55 19.50 -48.92
N ALA C 8 -13.95 18.33 -49.10
CA ALA C 8 -14.49 17.36 -50.04
C ALA C 8 -14.72 16.00 -49.39
N ALA C 9 -15.86 15.40 -49.71
CA ALA C 9 -16.21 14.04 -49.29
C ALA C 9 -16.32 13.16 -50.52
N PHE C 10 -15.50 12.12 -50.58
CA PHE C 10 -15.52 11.19 -51.70
C PHE C 10 -16.41 9.99 -51.37
N GLU C 11 -17.18 9.55 -52.36
CA GLU C 11 -18.10 8.44 -52.20
C GLU C 11 -17.42 7.20 -51.64
N LYS C 12 -17.96 6.68 -50.54
CA LYS C 12 -17.56 5.47 -49.82
C LYS C 12 -16.39 5.74 -48.88
N ASP C 13 -15.84 6.95 -48.84
CA ASP C 13 -14.82 7.26 -47.85
C ASP C 13 -15.48 7.52 -46.50
N PHE C 14 -14.67 7.66 -45.46
CA PHE C 14 -15.20 7.85 -44.12
C PHE C 14 -15.14 9.29 -43.61
N LEU C 15 -14.49 10.22 -44.33
CA LEU C 15 -14.33 11.55 -43.77
C LEU C 15 -14.44 12.62 -44.85
N VAL C 16 -14.41 13.89 -44.41
CA VAL C 16 -14.29 15.06 -45.26
C VAL C 16 -12.86 15.56 -45.14
N GLN C 17 -12.24 15.91 -46.28
CA GLN C 17 -10.86 16.36 -46.29
C GLN C 17 -10.74 17.74 -46.95
N LEU C 18 -9.73 18.47 -46.49
CA LEU C 18 -9.32 19.70 -47.16
C LEU C 18 -8.57 19.34 -48.44
N VAL C 19 -9.06 19.85 -49.58
CA VAL C 19 -8.39 19.70 -50.87
C VAL C 19 -8.29 21.08 -51.50
N VAL C 20 -7.10 21.48 -51.90
CA VAL C 20 -6.92 22.78 -52.55
C VAL C 20 -6.95 22.57 -54.06
N VAL C 21 -7.87 23.28 -54.72
CA VAL C 21 -7.96 23.26 -56.18
C VAL C 21 -7.69 24.67 -56.69
N ASP C 22 -7.86 24.87 -58.00
CA ASP C 22 -7.61 26.15 -58.65
C ASP C 22 -8.94 26.72 -59.16
N LEU C 23 -9.02 28.05 -59.16
CA LEU C 23 -10.26 28.73 -59.54
C LEU C 23 -10.69 28.37 -60.96
N ASN C 24 -9.75 28.03 -61.83
CA ASN C 24 -10.05 27.71 -63.22
C ASN C 24 -10.05 26.21 -63.48
N ASP C 25 -10.11 25.40 -62.43
CA ASP C 25 -10.23 23.96 -62.60
C ASP C 25 -11.63 23.59 -63.04
N SER C 26 -11.71 22.70 -64.03
CA SER C 26 -12.98 22.07 -64.36
C SER C 26 -13.37 21.09 -63.25
N MET C 27 -14.66 20.71 -63.24
CA MET C 27 -15.13 19.75 -62.25
C MET C 27 -14.43 18.41 -62.41
N ASP C 28 -14.05 18.05 -63.65
CA ASP C 28 -13.33 16.80 -63.85
C ASP C 28 -11.95 16.84 -63.21
N GLN C 29 -11.27 17.99 -63.27
CA GLN C 29 -9.97 18.14 -62.62
C GLN C 29 -10.12 18.22 -61.10
N VAL C 30 -11.15 18.92 -60.62
CA VAL C 30 -11.46 18.93 -59.20
C VAL C 30 -11.64 17.49 -58.69
N ALA C 31 -12.42 16.70 -59.43
CA ALA C 31 -12.67 15.32 -59.05
C ALA C 31 -11.37 14.52 -58.95
N GLU C 32 -10.48 14.67 -59.94
CA GLU C 32 -9.21 13.94 -59.90
C GLU C 32 -8.36 14.34 -58.70
N LYS C 33 -8.43 15.61 -58.32
CA LYS C 33 -7.61 16.07 -57.19
C LYS C 33 -8.15 15.55 -55.87
N VAL C 34 -9.48 15.50 -55.71
CA VAL C 34 -10.06 14.86 -54.53
C VAL C 34 -9.72 13.37 -54.51
N ALA C 35 -9.93 12.69 -55.66
CA ALA C 35 -9.69 11.24 -55.71
C ALA C 35 -8.26 10.89 -55.34
N TYR C 36 -7.31 11.79 -55.65
CA TYR C 36 -5.92 11.56 -55.30
C TYR C 36 -5.75 11.22 -53.83
N HIS C 37 -6.57 11.81 -52.96
CA HIS C 37 -6.47 11.63 -51.52
C HIS C 37 -7.36 10.52 -50.98
N CYS C 38 -8.02 9.75 -51.85
CA CYS C 38 -9.00 8.77 -51.39
C CYS C 38 -8.89 7.42 -52.10
N VAL C 39 -8.92 7.43 -53.44
CA VAL C 39 -8.90 6.19 -54.20
C VAL C 39 -7.54 5.52 -54.05
N ASN C 40 -7.56 4.21 -53.82
CA ASN C 40 -6.40 3.35 -53.54
C ASN C 40 -5.77 3.61 -52.18
N ARG C 41 -6.34 4.50 -51.36
CA ARG C 41 -5.93 4.68 -49.97
C ARG C 41 -6.96 4.12 -49.02
N ARG C 42 -8.23 4.54 -49.15
CA ARG C 42 -9.31 3.99 -48.34
C ARG C 42 -10.49 3.56 -49.19
N VAL C 43 -10.46 3.81 -50.49
CA VAL C 43 -11.60 3.59 -51.37
C VAL C 43 -11.11 2.75 -52.54
N ALA C 44 -11.84 1.69 -52.86
CA ALA C 44 -11.44 0.84 -53.97
C ALA C 44 -11.67 1.56 -55.30
N PRO C 45 -10.77 1.39 -56.27
CA PRO C 45 -11.03 1.97 -57.59
C PRO C 45 -12.21 1.28 -58.25
N ARG C 46 -12.92 2.04 -59.09
CA ARG C 46 -14.08 1.51 -59.78
C ARG C 46 -14.20 2.21 -61.13
N GLU C 47 -14.87 1.52 -62.07
CA GLU C 47 -15.20 2.16 -63.34
C GLU C 47 -16.30 3.20 -63.14
N GLY C 48 -16.23 4.26 -63.92
CA GLY C 48 -17.27 5.26 -63.88
C GLY C 48 -16.76 6.69 -64.00
N VAL C 49 -17.68 7.60 -64.26
CA VAL C 49 -17.37 9.00 -64.43
C VAL C 49 -17.60 9.71 -63.10
N MET C 50 -16.55 10.34 -62.59
CA MET C 50 -16.64 11.08 -61.34
C MET C 50 -17.32 12.42 -61.58
N ARG C 51 -18.30 12.75 -60.74
CA ARG C 51 -18.98 14.03 -60.77
C ARG C 51 -18.83 14.74 -59.45
N VAL C 52 -19.10 16.04 -59.47
CA VAL C 52 -18.98 16.92 -58.30
C VAL C 52 -20.33 17.59 -58.08
N ARG C 53 -20.71 17.73 -56.81
CA ARG C 53 -21.91 18.46 -56.43
C ARG C 53 -21.66 19.18 -55.12
N LYS C 54 -22.48 20.20 -54.83
CA LYS C 54 -22.52 20.76 -53.50
C LYS C 54 -22.96 19.70 -52.51
N HIS C 55 -22.45 19.79 -51.28
CA HIS C 55 -22.66 18.74 -50.29
C HIS C 55 -24.15 18.46 -50.09
N ARG C 56 -24.53 17.19 -50.24
CA ARG C 56 -25.88 16.66 -50.13
C ARG C 56 -26.87 17.27 -51.13
N SER C 57 -26.40 17.99 -52.15
CA SER C 57 -27.31 18.53 -53.16
C SER C 57 -27.79 17.43 -54.09
N THR C 58 -28.95 17.67 -54.71
CA THR C 58 -29.43 16.75 -55.73
C THR C 58 -28.80 17.02 -57.09
N GLU C 59 -28.50 18.27 -57.39
CA GLU C 59 -27.94 18.63 -58.69
C GLU C 59 -26.43 18.36 -58.72
N LEU C 60 -25.94 18.03 -59.91
CA LEU C 60 -24.53 17.88 -60.19
C LEU C 60 -24.03 19.09 -60.96
N PHE C 61 -22.75 19.45 -60.75
CA PHE C 61 -22.19 20.49 -61.60
C PHE C 61 -21.73 19.89 -62.92
N PRO C 62 -21.91 20.59 -64.04
CA PRO C 62 -21.50 20.03 -65.33
C PRO C 62 -20.01 19.71 -65.36
N ARG C 63 -19.66 18.70 -66.16
CA ARG C 63 -18.30 18.16 -66.14
C ARG C 63 -17.28 19.21 -66.54
N ASP C 64 -17.59 20.03 -67.54
CA ASP C 64 -16.67 21.03 -68.07
C ASP C 64 -16.71 22.35 -67.32
N MET C 65 -17.64 22.51 -66.37
CA MET C 65 -17.80 23.78 -65.68
C MET C 65 -16.63 24.03 -64.73
N THR C 66 -16.18 25.28 -64.67
CA THR C 66 -15.04 25.60 -63.82
C THR C 66 -15.50 26.00 -62.42
N ILE C 67 -14.54 25.98 -61.49
CA ILE C 67 -14.81 26.42 -60.12
C ILE C 67 -15.31 27.87 -60.11
N ALA C 68 -14.66 28.73 -60.90
CA ALA C 68 -15.10 30.12 -60.99
C ALA C 68 -16.53 30.22 -61.50
N GLU C 69 -16.88 29.42 -62.52
CA GLU C 69 -18.22 29.43 -63.07
C GLU C 69 -19.25 28.84 -62.12
N SER C 70 -18.81 28.09 -61.11
CA SER C 70 -19.70 27.31 -60.27
C SER C 70 -20.47 28.14 -59.24
N GLY C 71 -19.96 29.31 -58.89
CA GLY C 71 -20.53 30.04 -57.78
C GLY C 71 -20.18 29.50 -56.41
N LEU C 72 -19.30 28.50 -56.32
CA LEU C 72 -18.86 28.00 -55.02
C LEU C 72 -18.01 29.05 -54.31
N ASN C 73 -18.11 29.08 -52.98
CA ASN C 73 -17.25 29.94 -52.16
C ASN C 73 -16.13 29.11 -51.56
N PRO C 74 -14.96 29.72 -51.32
CA PRO C 74 -13.87 28.94 -50.69
C PRO C 74 -14.31 28.32 -49.37
N THR C 75 -13.82 27.11 -49.13
CA THR C 75 -14.08 26.30 -47.94
C THR C 75 -15.52 25.77 -47.86
N GLU C 76 -16.31 25.88 -48.93
CA GLU C 76 -17.58 25.16 -48.99
C GLU C 76 -17.33 23.65 -49.13
N VAL C 77 -18.36 22.86 -48.80
CA VAL C 77 -18.25 21.39 -48.82
C VAL C 77 -18.81 20.86 -50.14
N ILE C 78 -18.05 20.00 -50.80
CA ILE C 78 -18.51 19.34 -52.01
C ILE C 78 -18.44 17.83 -51.83
N ASP C 79 -19.27 17.12 -52.60
CA ASP C 79 -19.22 15.68 -52.75
C ASP C 79 -18.66 15.34 -54.12
N VAL C 80 -17.90 14.25 -54.18
CA VAL C 80 -17.50 13.65 -55.46
C VAL C 80 -18.09 12.24 -55.46
N VAL C 81 -18.94 11.97 -56.46
CA VAL C 81 -19.70 10.73 -56.54
C VAL C 81 -19.65 10.20 -57.98
N PHE C 82 -20.22 9.02 -58.17
CA PHE C 82 -20.27 8.40 -59.48
C PHE C 82 -21.70 8.43 -60.02
N GLU C 83 -21.81 8.45 -61.34
CA GLU C 83 -23.12 8.43 -61.99
C GLU C 83 -23.74 7.04 -61.93
N THR D 3 -35.14 0.48 -28.32
CA THR D 3 -35.21 -0.97 -28.39
C THR D 3 -34.43 -1.55 -27.21
N LEU D 4 -33.23 -2.03 -27.47
CA LEU D 4 -32.33 -2.39 -26.37
C LEU D 4 -32.07 -1.18 -25.49
N ALA D 5 -32.06 0.02 -26.06
CA ALA D 5 -31.74 1.22 -25.28
C ALA D 5 -32.84 1.56 -24.30
N GLN D 6 -34.10 1.52 -24.75
CA GLN D 6 -35.22 1.82 -23.86
C GLN D 6 -35.24 0.86 -22.68
N GLN D 7 -34.97 -0.42 -22.94
CA GLN D 7 -34.89 -1.41 -21.87
C GLN D 7 -33.71 -1.11 -20.94
N ALA D 8 -32.56 -0.74 -21.50
CA ALA D 8 -31.42 -0.40 -20.65
C ALA D 8 -31.74 0.80 -19.76
N LEU D 9 -32.41 1.80 -20.32
CA LEU D 9 -32.76 3.00 -19.56
C LEU D 9 -33.80 2.69 -18.49
N HIS D 10 -34.85 1.94 -18.84
CA HIS D 10 -35.97 1.67 -17.93
C HIS D 10 -35.57 0.52 -16.99
N ASN D 11 -34.63 0.82 -16.12
CA ASN D 11 -34.26 -0.07 -15.04
C ASN D 11 -34.44 0.67 -13.72
N ASN D 12 -34.50 -0.07 -12.63
CA ASN D 12 -34.52 0.55 -11.31
C ASN D 12 -33.39 0.00 -10.44
N ASN D 13 -32.28 -0.38 -11.07
CA ASN D 13 -31.18 -0.97 -10.34
C ASN D 13 -30.41 0.10 -9.59
N VAL D 14 -30.06 -0.23 -8.36
CA VAL D 14 -29.51 0.72 -7.41
C VAL D 14 -28.44 -0.02 -6.63
N GLY D 15 -27.33 0.65 -6.32
CA GLY D 15 -26.32 0.00 -5.52
C GLY D 15 -24.89 0.43 -5.77
N PRO D 16 -23.96 -0.11 -4.97
CA PRO D 16 -22.56 0.32 -5.04
C PRO D 16 -21.76 -0.37 -6.14
N ILE D 17 -20.79 0.38 -6.66
CA ILE D 17 -19.74 -0.17 -7.53
C ILE D 17 -18.45 -0.17 -6.70
N ILE D 18 -17.97 -1.36 -6.36
CA ILE D 18 -16.83 -1.52 -5.46
C ILE D 18 -15.59 -1.83 -6.28
N ARG D 19 -14.52 -1.07 -6.10
CA ARG D 19 -13.29 -1.38 -6.83
C ARG D 19 -12.61 -2.61 -6.23
N ALA D 20 -11.82 -3.29 -7.07
CA ALA D 20 -11.07 -4.47 -6.65
C ALA D 20 -10.31 -4.20 -5.35
N GLY D 21 -10.46 -5.12 -4.41
CA GLY D 21 -9.79 -5.00 -3.13
C GLY D 21 -10.52 -5.80 -2.07
N ASP D 22 -10.19 -5.52 -0.82
CA ASP D 22 -10.71 -6.33 0.29
C ASP D 22 -12.14 -6.00 0.66
N LEU D 23 -12.81 -5.05 -0.02
CA LEU D 23 -14.20 -4.74 0.28
C LEU D 23 -15.20 -5.43 -0.65
N VAL D 24 -14.74 -6.04 -1.75
CA VAL D 24 -15.68 -6.64 -2.71
C VAL D 24 -16.50 -7.74 -2.04
N GLU D 25 -15.85 -8.72 -1.44
CA GLU D 25 -16.62 -9.84 -0.93
C GLU D 25 -17.45 -9.44 0.29
N PRO D 26 -16.93 -8.66 1.24
CA PRO D 26 -17.80 -8.25 2.36
C PRO D 26 -19.00 -7.40 1.93
N VAL D 27 -18.88 -6.58 0.88
CA VAL D 27 -20.02 -5.76 0.47
C VAL D 27 -21.10 -6.63 -0.17
N ILE D 28 -20.70 -7.60 -1.00
CA ILE D 28 -21.66 -8.56 -1.55
C ILE D 28 -22.39 -9.31 -0.44
N GLU D 29 -21.64 -9.82 0.55
CA GLU D 29 -22.28 -10.53 1.64
C GLU D 29 -23.22 -9.60 2.42
N THR D 30 -22.77 -8.38 2.69
CA THR D 30 -23.60 -7.41 3.39
C THR D 30 -24.87 -7.09 2.61
N ALA D 31 -24.75 -6.87 1.31
CA ALA D 31 -25.93 -6.59 0.51
C ALA D 31 -26.97 -7.69 0.65
N GLU D 32 -26.53 -8.95 0.63
CA GLU D 32 -27.48 -10.05 0.75
C GLU D 32 -28.08 -10.11 2.14
N ILE D 33 -27.27 -9.88 3.18
CA ILE D 33 -27.76 -10.02 4.54
C ILE D 33 -28.70 -8.87 4.90
N ASP D 34 -28.36 -7.66 4.50
CA ASP D 34 -29.08 -6.46 4.90
C ASP D 34 -30.28 -6.17 4.00
N ASN D 35 -30.47 -6.93 2.93
CA ASN D 35 -31.63 -6.78 2.05
C ASN D 35 -32.29 -8.12 1.83
N PRO D 36 -32.80 -8.75 2.88
CA PRO D 36 -33.49 -10.03 2.70
C PRO D 36 -34.76 -9.79 1.88
N GLY D 37 -35.08 -10.74 1.04
CA GLY D 37 -36.21 -10.51 0.16
C GLY D 37 -35.94 -9.61 -1.03
N LYS D 38 -34.74 -9.05 -1.16
CA LYS D 38 -34.28 -8.50 -2.43
C LYS D 38 -33.34 -9.50 -3.08
N GLU D 39 -33.43 -9.60 -4.40
CA GLU D 39 -32.47 -10.37 -5.20
C GLU D 39 -31.29 -9.45 -5.53
N ILE D 40 -30.10 -9.80 -5.03
CA ILE D 40 -28.88 -9.02 -5.26
C ILE D 40 -28.22 -9.53 -6.54
N THR D 41 -27.96 -8.62 -7.49
CA THR D 41 -27.26 -8.96 -8.72
C THR D 41 -25.82 -8.46 -8.61
N VAL D 42 -24.89 -9.25 -9.12
CA VAL D 42 -23.46 -8.96 -9.06
C VAL D 42 -22.88 -9.13 -10.46
N GLU D 43 -22.26 -8.08 -11.00
CA GLU D 43 -21.54 -8.17 -12.27
C GLU D 43 -20.07 -7.85 -12.01
N ASP D 44 -19.22 -8.83 -12.24
CA ASP D 44 -17.79 -8.77 -11.93
C ASP D 44 -17.02 -8.34 -13.18
N ARG D 45 -16.41 -7.16 -13.13
CA ARG D 45 -15.54 -6.67 -14.20
C ARG D 45 -14.07 -6.67 -13.77
N ARG D 46 -13.72 -7.55 -12.83
N ARG D 46 -13.71 -7.53 -12.81
CA ARG D 46 -12.35 -7.75 -12.31
CA ARG D 46 -12.33 -7.75 -12.36
C ARG D 46 -11.81 -6.52 -11.58
C ARG D 46 -11.75 -6.54 -11.62
N ALA D 47 -11.76 -5.37 -12.26
CA ALA D 47 -11.29 -4.15 -11.61
C ALA D 47 -12.34 -3.54 -10.69
N TYR D 48 -13.61 -3.88 -10.89
CA TYR D 48 -14.70 -3.40 -10.06
C TYR D 48 -15.83 -4.41 -10.11
N VAL D 49 -16.73 -4.33 -9.14
CA VAL D 49 -17.91 -5.19 -9.13
C VAL D 49 -19.13 -4.29 -8.99
N ARG D 50 -20.13 -4.49 -9.85
CA ARG D 50 -21.38 -3.73 -9.82
C ARG D 50 -22.41 -4.56 -9.07
N ILE D 51 -22.85 -4.05 -7.92
CA ILE D 51 -23.78 -4.74 -7.04
C ILE D 51 -25.09 -3.97 -7.06
N ALA D 52 -26.20 -4.67 -7.32
CA ALA D 52 -27.47 -3.97 -7.50
C ALA D 52 -28.63 -4.73 -6.89
N ALA D 53 -29.65 -3.96 -6.49
CA ALA D 53 -30.97 -4.48 -6.21
C ALA D 53 -31.98 -3.51 -6.82
N GLU D 54 -33.25 -3.91 -6.82
CA GLU D 54 -34.30 -3.09 -7.42
C GLU D 54 -34.81 -2.05 -6.42
N GLY D 55 -34.70 -0.77 -6.78
CA GLY D 55 -35.37 0.27 -6.00
C GLY D 55 -34.63 0.81 -4.79
N GLU D 56 -34.10 -0.08 -3.94
CA GLU D 56 -33.31 0.36 -2.80
C GLU D 56 -32.37 -0.76 -2.38
N LEU D 57 -31.21 -0.36 -1.88
CA LEU D 57 -30.21 -1.29 -1.36
C LEU D 57 -29.53 -0.61 -0.17
N ILE D 58 -29.50 -1.30 0.97
CA ILE D 58 -28.94 -0.78 2.22
C ILE D 58 -27.67 -1.56 2.53
N LEU D 59 -26.63 -0.83 2.98
CA LEU D 59 -25.44 -1.44 3.60
C LEU D 59 -25.33 -0.89 5.02
N THR D 60 -25.39 -1.75 6.02
CA THR D 60 -25.27 -1.25 7.40
C THR D 60 -23.83 -1.39 7.88
N ARG D 61 -23.42 -0.45 8.74
CA ARG D 61 -22.09 -0.50 9.32
C ARG D 61 -21.88 -1.78 10.13
N LYS D 62 -22.87 -2.15 10.95
CA LYS D 62 -22.76 -3.36 11.78
C LYS D 62 -22.47 -4.58 10.92
N THR D 63 -23.27 -4.79 9.87
CA THR D 63 -23.07 -5.99 9.04
C THR D 63 -21.75 -5.92 8.30
N LEU D 64 -21.39 -4.76 7.77
CA LEU D 64 -20.14 -4.64 7.00
C LEU D 64 -18.95 -4.96 7.88
N GLU D 65 -18.95 -4.44 9.10
CA GLU D 65 -17.85 -4.66 10.05
C GLU D 65 -17.73 -6.15 10.39
N GLU D 66 -18.86 -6.84 10.36
CA GLU D 66 -18.88 -8.28 10.68
C GLU D 66 -18.40 -9.10 9.50
N GLN D 67 -18.76 -8.68 8.29
CA GLN D 67 -18.36 -9.39 7.07
C GLN D 67 -16.89 -9.13 6.75
N LEU D 68 -16.41 -7.94 7.08
CA LEU D 68 -15.03 -7.57 6.82
C LEU D 68 -14.09 -8.23 7.80
N GLY D 69 -14.52 -8.40 9.05
CA GLY D 69 -13.69 -9.06 10.05
C GLY D 69 -12.79 -8.15 10.84
N ARG D 70 -12.99 -6.83 10.78
CA ARG D 70 -12.16 -5.87 11.49
C ARG D 70 -12.97 -4.59 11.67
N PRO D 71 -12.56 -3.71 12.60
CA PRO D 71 -13.34 -2.49 12.86
C PRO D 71 -13.53 -1.65 11.60
N PHE D 72 -14.71 -1.05 11.48
CA PHE D 72 -15.09 -0.37 10.26
C PHE D 72 -16.01 0.81 10.57
N ASN D 73 -15.67 1.97 10.02
CA ASN D 73 -16.52 3.16 10.04
C ASN D 73 -17.11 3.36 8.65
N MET D 74 -18.35 3.87 8.61
N MET D 74 -18.37 3.84 8.60
CA MET D 74 -19.05 4.04 7.34
CA MET D 74 -19.05 4.05 7.32
C MET D 74 -18.32 5.03 6.41
C MET D 74 -18.25 4.97 6.41
N GLN D 75 -17.61 6.00 6.98
CA GLN D 75 -16.91 6.98 6.16
C GLN D 75 -15.77 6.34 5.37
N GLU D 76 -15.17 5.26 5.88
CA GLU D 76 -14.11 4.54 5.14
C GLU D 76 -14.61 3.85 3.89
N LEU D 77 -15.92 3.67 3.72
CA LEU D 77 -16.41 3.04 2.49
C LEU D 77 -15.90 3.77 1.25
N GLU D 78 -15.72 5.09 1.35
CA GLU D 78 -15.20 5.92 0.28
C GLU D 78 -13.84 5.46 -0.25
N ILE D 79 -13.06 4.71 0.52
CA ILE D 79 -11.79 4.22 0.00
C ILE D 79 -12.01 3.25 -1.16
N ASN D 80 -13.16 2.59 -1.19
CA ASN D 80 -13.41 1.54 -2.19
C ASN D 80 -14.70 1.70 -2.97
N LEU D 81 -15.47 2.75 -2.72
CA LEU D 81 -16.74 3.01 -3.41
C LEU D 81 -16.41 3.82 -4.65
N ALA D 82 -16.22 3.13 -5.78
CA ALA D 82 -15.74 3.82 -6.97
C ALA D 82 -16.87 4.53 -7.71
N SER D 83 -18.09 4.04 -7.60
CA SER D 83 -19.27 4.73 -8.13
C SER D 83 -20.48 4.09 -7.47
N PHE D 84 -21.67 4.55 -7.86
CA PHE D 84 -22.89 3.90 -7.43
C PHE D 84 -24.03 4.32 -8.35
N ALA D 85 -25.03 3.47 -8.41
CA ALA D 85 -26.29 3.77 -9.06
C ALA D 85 -27.32 4.11 -8.00
N GLY D 86 -28.20 5.04 -8.31
CA GLY D 86 -29.19 5.51 -7.36
C GLY D 86 -28.75 6.78 -6.63
N GLN D 87 -29.71 7.38 -5.95
CA GLN D 87 -29.35 8.44 -5.04
C GLN D 87 -28.83 7.84 -3.73
N ILE D 88 -28.09 8.65 -2.99
CA ILE D 88 -27.36 8.15 -1.82
C ILE D 88 -27.85 8.91 -0.59
N GLN D 89 -28.09 8.16 0.50
CA GLN D 89 -28.42 8.73 1.79
C GLN D 89 -27.55 8.01 2.82
N ALA D 90 -26.54 8.70 3.34
CA ALA D 90 -25.52 8.07 4.17
C ALA D 90 -25.49 8.70 5.55
N ASP D 91 -25.26 7.88 6.57
CA ASP D 91 -25.10 8.36 7.93
C ASP D 91 -24.14 7.43 8.67
N GLU D 92 -24.02 7.64 9.98
CA GLU D 92 -23.05 6.88 10.78
C GLU D 92 -23.38 5.39 10.80
N ASP D 93 -24.65 5.02 10.62
CA ASP D 93 -25.05 3.63 10.81
C ASP D 93 -25.22 2.85 9.50
N GLN D 94 -25.40 3.51 8.37
CA GLN D 94 -25.68 2.78 7.14
C GLN D 94 -25.58 3.74 5.97
N ILE D 95 -25.53 3.16 4.78
CA ILE D 95 -25.71 3.88 3.54
C ILE D 95 -26.88 3.24 2.80
N ARG D 96 -27.70 4.07 2.16
CA ARG D 96 -28.86 3.60 1.42
C ARG D 96 -28.75 4.14 0.00
N PHE D 97 -28.84 3.25 -0.98
CA PHE D 97 -28.91 3.63 -2.39
C PHE D 97 -30.36 3.45 -2.83
N TYR D 98 -30.91 4.43 -3.55
CA TYR D 98 -32.34 4.38 -3.79
C TYR D 98 -32.71 5.28 -4.97
N PHE D 99 -33.91 5.03 -5.50
CA PHE D 99 -34.52 5.87 -6.52
C PHE D 99 -35.82 6.44 -6.00
N ASP D 100 -36.12 7.68 -6.41
CA ASP D 100 -37.40 8.29 -6.08
C ASP D 100 -38.50 7.85 -7.03
N LYS D 101 -38.18 7.61 -8.29
CA LYS D 101 -39.14 7.22 -9.30
C LYS D 101 -39.02 5.73 -9.59
N THR D 102 -40.08 5.17 -10.15
CA THR D 102 -40.14 3.77 -10.55
C THR D 102 -40.38 3.73 -12.05
N MET D 103 -39.38 3.28 -12.80
CA MET D 103 -39.52 3.15 -14.24
C MET D 103 -39.81 1.69 -14.62
N ALA E 2 10.03 22.27 20.19
CA ALA E 2 11.12 21.51 19.59
C ALA E 2 11.14 20.07 20.13
N MET E 3 11.72 19.14 19.37
CA MET E 3 11.93 17.77 19.82
C MET E 3 13.41 17.52 20.03
N HIS E 4 13.71 16.64 20.96
CA HIS E 4 15.13 16.41 21.14
C HIS E 4 15.57 15.13 20.44
N PRO E 5 16.70 15.17 19.76
CA PRO E 5 17.11 14.01 18.96
C PRO E 5 17.38 12.78 19.83
N ARG E 6 17.08 11.61 19.26
CA ARG E 6 17.22 10.34 19.97
C ARG E 6 18.59 10.18 20.63
N LYS E 7 19.67 10.61 19.97
CA LYS E 7 20.99 10.44 20.54
C LYS E 7 21.11 11.07 21.93
N ASP E 8 20.31 12.09 22.20
CA ASP E 8 20.44 12.80 23.47
C ASP E 8 19.77 12.08 24.64
N TRP E 9 18.74 11.26 24.40
CA TRP E 9 18.03 10.60 25.49
C TRP E 9 18.04 9.06 25.40
N TYR E 10 18.63 8.48 24.35
CA TYR E 10 18.56 7.04 24.18
C TYR E 10 19.20 6.29 25.34
N GLU E 11 20.33 6.80 25.87
CA GLU E 11 21.03 6.08 26.93
C GLU E 11 20.14 5.86 28.13
N LEU E 12 19.27 6.83 28.45
CA LEU E 12 18.37 6.65 29.58
C LEU E 12 17.39 5.51 29.35
N THR E 13 16.99 5.25 28.09
CA THR E 13 16.06 4.15 27.85
C THR E 13 16.65 2.79 28.19
N ARG E 14 17.98 2.65 28.16
CA ARG E 14 18.58 1.38 28.50
C ARG E 14 19.42 1.46 29.76
N ALA E 15 19.22 2.49 30.60
CA ALA E 15 19.79 2.55 31.94
C ALA E 15 18.81 1.90 32.93
N THR E 16 18.75 0.57 32.86
CA THR E 16 17.76 -0.19 33.60
C THR E 16 18.33 -1.34 34.41
N ASN E 17 19.64 -1.53 34.43
CA ASN E 17 20.20 -2.51 35.35
C ASN E 17 20.33 -1.90 36.74
N TRP E 18 20.20 -2.75 37.76
CA TRP E 18 20.39 -2.34 39.14
C TRP E 18 20.90 -3.54 39.93
N THR E 19 21.39 -3.29 41.13
CA THR E 19 21.93 -4.35 41.97
C THR E 19 20.80 -4.91 42.83
N PRO E 20 20.37 -6.15 42.60
CA PRO E 20 19.29 -6.72 43.42
C PRO E 20 19.71 -6.84 44.88
N SER E 21 18.76 -6.57 45.77
CA SER E 21 18.96 -6.61 47.19
C SER E 21 18.02 -7.55 47.91
N TYR E 22 16.79 -7.71 47.40
CA TYR E 22 15.78 -8.51 48.07
C TYR E 22 15.71 -9.93 47.52
N VAL E 23 16.36 -10.18 46.39
CA VAL E 23 16.66 -11.51 45.88
C VAL E 23 18.11 -11.48 45.41
N THR E 24 18.69 -12.66 45.19
CA THR E 24 20.05 -12.72 44.65
C THR E 24 20.03 -12.36 43.17
N GLU E 25 21.18 -11.91 42.67
CA GLU E 25 21.33 -11.74 41.21
C GLU E 25 21.02 -13.03 40.48
N GLU E 26 21.41 -14.18 41.07
CA GLU E 26 21.20 -15.46 40.44
C GLU E 26 19.73 -15.91 40.52
N GLN E 27 19.00 -15.51 41.57
CA GLN E 27 17.56 -15.77 41.58
C GLN E 27 16.84 -14.97 40.50
N LEU E 28 17.28 -13.73 40.28
CA LEU E 28 16.61 -12.86 39.30
C LEU E 28 16.93 -13.26 37.87
N PHE E 29 18.15 -13.74 37.63
CA PHE E 29 18.63 -14.16 36.31
C PHE E 29 19.22 -15.57 36.42
N PRO E 30 18.38 -16.59 36.59
CA PRO E 30 18.91 -17.94 36.75
C PRO E 30 19.58 -18.42 35.48
N GLU E 31 20.70 -19.13 35.66
CA GLU E 31 21.56 -19.53 34.54
C GLU E 31 20.79 -20.33 33.49
N ARG E 32 19.93 -21.25 33.92
CA ARG E 32 19.21 -22.08 32.94
C ARG E 32 18.23 -21.27 32.08
N MET E 33 17.79 -20.10 32.53
CA MET E 33 16.99 -19.22 31.67
C MET E 33 17.80 -18.08 31.06
N SER E 34 18.89 -17.67 31.69
CA SER E 34 19.58 -16.46 31.27
C SER E 34 20.86 -16.73 30.50
N GLY E 35 21.62 -17.76 30.88
CA GLY E 35 22.79 -18.15 30.11
C GLY E 35 23.93 -17.15 30.14
N HIS E 36 24.08 -16.41 31.24
CA HIS E 36 25.12 -15.39 31.38
C HIS E 36 26.51 -15.99 31.56
N MET E 37 26.63 -17.32 31.71
CA MET E 37 27.92 -18.01 31.82
C MET E 37 28.77 -17.49 32.98
N GLY E 38 28.12 -16.97 34.03
CA GLY E 38 28.85 -16.44 35.15
C GLY E 38 29.38 -15.03 34.98
N ILE E 39 29.08 -14.38 33.86
CA ILE E 39 29.53 -13.01 33.63
C ILE E 39 28.67 -12.09 34.47
N PRO E 40 29.26 -11.29 35.37
CA PRO E 40 28.45 -10.48 36.30
C PRO E 40 27.71 -9.36 35.60
N LEU E 41 26.67 -8.88 36.27
CA LEU E 41 25.77 -7.86 35.73
C LEU E 41 26.54 -6.67 35.16
N GLU E 42 27.52 -6.17 35.91
CA GLU E 42 28.26 -4.98 35.50
C GLU E 42 28.82 -5.11 34.08
N LYS E 43 29.31 -6.30 33.73
CA LYS E 43 29.93 -6.47 32.40
C LYS E 43 28.92 -6.39 31.26
N TRP E 44 27.63 -6.67 31.52
CA TRP E 44 26.65 -6.67 30.44
C TRP E 44 26.20 -5.27 30.04
N GLU E 45 26.59 -4.24 30.79
CA GLU E 45 26.11 -2.90 30.51
C GLU E 45 26.82 -2.24 29.33
N SER E 46 27.96 -2.78 28.90
CA SER E 46 28.62 -2.28 27.69
C SER E 46 28.00 -2.82 26.39
N TYR E 47 27.00 -3.70 26.49
CA TYR E 47 26.28 -4.18 25.32
C TYR E 47 25.64 -3.00 24.58
N ASP E 48 25.99 -2.84 23.30
CA ASP E 48 25.52 -1.70 22.52
C ASP E 48 24.94 -2.18 21.19
N GLU E 49 23.63 -2.26 21.13
CA GLU E 49 22.92 -2.65 19.91
C GLU E 49 23.23 -1.64 18.79
N PRO E 50 23.73 -2.11 17.64
CA PRO E 50 24.08 -1.16 16.56
C PRO E 50 22.90 -0.73 15.70
N TYR E 51 21.76 -1.41 15.77
CA TYR E 51 20.59 -1.06 14.96
C TYR E 51 19.48 -0.67 15.92
N LYS E 52 19.48 0.59 16.32
CA LYS E 52 18.59 1.06 17.37
C LYS E 52 17.22 1.44 16.82
N THR E 53 16.23 1.45 17.71
CA THR E 53 14.95 2.09 17.43
C THR E 53 14.34 2.48 18.77
N SER E 54 13.32 3.32 18.70
CA SER E 54 12.61 3.84 19.85
C SER E 54 11.12 3.59 19.63
N TYR E 55 10.36 3.49 20.72
CA TYR E 55 8.94 3.16 20.60
C TYR E 55 8.17 4.09 19.66
N PRO E 56 8.27 5.43 19.74
CA PRO E 56 7.52 6.24 18.76
C PRO E 56 7.91 5.95 17.31
N GLU E 57 9.19 5.79 17.01
CA GLU E 57 9.60 5.48 15.64
C GLU E 57 9.12 4.09 15.23
N TYR E 58 9.20 3.14 16.14
CA TYR E 58 8.78 1.78 15.83
C TYR E 58 7.33 1.73 15.36
N VAL E 59 6.40 2.26 16.17
CA VAL E 59 5.00 2.09 15.79
C VAL E 59 4.68 2.87 14.52
N SER E 60 5.35 4.00 14.29
CA SER E 60 5.12 4.78 13.07
C SER E 60 5.62 4.04 11.84
N ILE E 61 6.84 3.50 11.89
CA ILE E 61 7.42 2.85 10.72
C ILE E 61 6.71 1.53 10.45
N GLN E 62 6.41 0.76 11.49
CA GLN E 62 5.74 -0.53 11.26
C GLN E 62 4.31 -0.35 10.78
N ARG E 63 3.64 0.74 11.17
CA ARG E 63 2.34 1.05 10.58
C ARG E 63 2.46 1.22 9.06
N GLU E 64 3.52 1.90 8.60
CA GLU E 64 3.71 2.08 7.17
C GLU E 64 4.08 0.77 6.48
N LYS E 65 4.87 -0.08 7.13
CA LYS E 65 5.20 -1.37 6.53
C LYS E 65 3.95 -2.21 6.29
N ASP E 66 3.10 -2.33 7.31
CA ASP E 66 1.91 -3.16 7.14
C ASP E 66 0.93 -2.55 6.16
N ALA E 67 0.83 -1.22 6.11
CA ALA E 67 -0.07 -0.62 5.13
C ALA E 67 0.34 -1.03 3.73
N GLY E 68 1.65 -1.05 3.47
CA GLY E 68 2.13 -1.45 2.15
C GLY E 68 1.84 -2.91 1.86
N ALA E 69 2.15 -3.79 2.81
CA ALA E 69 1.98 -5.23 2.57
C ALA E 69 0.54 -5.58 2.27
N TYR E 70 -0.39 -5.04 3.05
CA TYR E 70 -1.80 -5.38 2.90
C TYR E 70 -2.42 -4.71 1.67
N SER E 71 -1.96 -3.49 1.32
CA SER E 71 -2.49 -2.81 0.13
C SER E 71 -2.12 -3.57 -1.14
N VAL E 72 -0.93 -4.14 -1.18
CA VAL E 72 -0.51 -4.90 -2.35
C VAL E 72 -1.32 -6.17 -2.47
N LYS E 73 -1.50 -6.88 -1.34
CA LYS E 73 -2.33 -8.08 -1.35
C LYS E 73 -3.73 -7.75 -1.85
N ALA E 74 -4.31 -6.63 -1.40
CA ALA E 74 -5.68 -6.30 -1.79
C ALA E 74 -5.75 -5.94 -3.27
N ALA E 75 -4.75 -5.23 -3.79
CA ALA E 75 -4.80 -4.79 -5.18
C ALA E 75 -4.58 -5.94 -6.15
N LEU E 76 -3.97 -7.03 -5.70
CA LEU E 76 -3.70 -8.16 -6.59
C LEU E 76 -4.62 -9.36 -6.36
N GLU E 77 -5.66 -9.21 -5.54
CA GLU E 77 -6.51 -10.36 -5.24
C GLU E 77 -7.02 -11.05 -6.50
N ARG E 78 -7.26 -10.29 -7.58
CA ARG E 78 -7.84 -10.83 -8.80
C ARG E 78 -6.80 -11.08 -9.90
N ALA E 79 -5.51 -11.03 -9.57
CA ALA E 79 -4.48 -11.29 -10.57
C ALA E 79 -4.41 -12.76 -10.99
N LYS E 80 -5.28 -13.63 -10.46
CA LYS E 80 -5.36 -15.05 -10.87
C LYS E 80 -4.04 -15.78 -10.63
N ILE E 81 -3.34 -15.42 -9.54
CA ILE E 81 -2.06 -16.06 -9.25
C ILE E 81 -2.27 -17.54 -8.96
N TYR E 82 -3.21 -17.86 -8.06
CA TYR E 82 -3.42 -19.27 -7.72
C TYR E 82 -3.85 -20.07 -8.94
N GLU E 83 -4.71 -19.50 -9.79
CA GLU E 83 -5.26 -20.24 -10.92
C GLU E 83 -4.26 -20.39 -12.05
N ASN E 84 -3.45 -19.36 -12.29
CA ASN E 84 -2.53 -19.35 -13.42
C ASN E 84 -1.11 -19.78 -13.06
N SER E 85 -0.76 -19.87 -11.78
CA SER E 85 0.60 -20.25 -11.43
C SER E 85 0.86 -21.71 -11.79
N ASP E 86 2.13 -22.01 -12.01
CA ASP E 86 2.53 -23.40 -12.12
C ASP E 86 2.24 -24.11 -10.79
N PRO E 87 1.79 -25.36 -10.82
CA PRO E 87 1.47 -26.06 -9.56
C PRO E 87 2.65 -26.15 -8.61
N GLY E 88 3.88 -26.20 -9.13
CA GLY E 88 5.04 -26.24 -8.26
C GLY E 88 5.20 -24.95 -7.49
N TRP E 89 4.80 -23.83 -8.09
CA TRP E 89 4.82 -22.58 -7.35
C TRP E 89 3.81 -22.60 -6.21
N ILE E 90 2.58 -23.06 -6.48
CA ILE E 90 1.60 -23.17 -5.40
C ILE E 90 2.13 -24.09 -4.29
N SER E 91 2.78 -25.18 -4.67
CA SER E 91 3.38 -26.07 -3.68
C SER E 91 4.43 -25.34 -2.83
N THR E 92 5.20 -24.45 -3.45
CA THR E 92 6.16 -23.65 -2.69
C THR E 92 5.47 -22.80 -1.64
N LEU E 93 4.34 -22.18 -1.98
CA LEU E 93 3.59 -21.37 -1.03
C LEU E 93 3.10 -22.22 0.13
N LYS E 94 2.57 -23.41 -0.19
CA LYS E 94 2.03 -24.30 0.83
C LYS E 94 3.12 -24.74 1.80
N SER E 95 4.30 -25.10 1.28
CA SER E 95 5.35 -25.54 2.18
C SER E 95 5.90 -24.38 2.99
N HIS E 96 6.09 -23.21 2.36
CA HIS E 96 6.58 -22.04 3.10
C HIS E 96 5.65 -21.71 4.26
N TYR E 97 4.37 -21.51 3.97
CA TYR E 97 3.47 -21.04 5.01
C TYR E 97 3.30 -22.08 6.10
N GLY E 98 3.22 -23.37 5.73
CA GLY E 98 3.11 -24.41 6.74
C GLY E 98 4.36 -24.52 7.61
N ALA E 99 5.53 -24.43 7.00
CA ALA E 99 6.79 -24.58 7.73
C ALA E 99 7.19 -23.36 8.54
N ILE E 100 6.63 -22.17 8.26
CA ILE E 100 7.15 -20.91 8.78
C ILE E 100 6.19 -20.23 9.74
N ALA E 101 4.90 -20.15 9.36
CA ALA E 101 4.00 -19.19 10.01
C ALA E 101 3.97 -19.34 11.52
N VAL E 102 3.69 -20.55 12.02
CA VAL E 102 3.59 -20.76 13.47
C VAL E 102 4.97 -20.87 14.10
N GLY E 103 6.00 -21.15 13.31
CA GLY E 103 7.36 -21.05 13.81
C GLY E 103 7.77 -19.61 14.09
N GLU E 104 7.27 -18.67 13.27
CA GLU E 104 7.45 -17.25 13.56
C GLU E 104 6.83 -16.90 14.90
N TYR E 105 5.60 -17.38 15.12
CA TYR E 105 4.96 -17.12 16.40
C TYR E 105 5.76 -17.74 17.56
N ALA E 106 6.41 -18.88 17.30
CA ALA E 106 7.31 -19.45 18.30
C ALA E 106 8.51 -18.55 18.59
N ALA E 107 9.02 -17.86 17.56
CA ALA E 107 10.13 -16.93 17.74
C ALA E 107 9.78 -15.79 18.70
N VAL E 108 8.48 -15.46 18.86
CA VAL E 108 8.08 -14.51 19.89
C VAL E 108 8.61 -14.97 21.26
N THR E 109 8.53 -16.27 21.51
CA THR E 109 8.95 -16.81 22.81
C THR E 109 10.46 -16.73 22.98
N GLY E 110 11.23 -16.98 21.92
CA GLY E 110 12.66 -16.71 21.99
C GLY E 110 12.98 -15.28 22.34
N GLU E 111 12.33 -14.33 21.67
CA GLU E 111 12.56 -12.91 21.95
C GLU E 111 12.11 -12.57 23.38
N GLY E 112 11.01 -13.19 23.82
CA GLY E 112 10.53 -12.96 25.18
C GLY E 112 11.50 -13.51 26.20
N ARG E 113 12.11 -14.66 25.92
CA ARG E 113 13.15 -15.20 26.78
C ARG E 113 14.24 -14.17 27.03
N MET E 114 14.64 -13.46 25.98
CA MET E 114 15.69 -12.46 26.09
C MET E 114 15.19 -11.19 26.80
N ALA E 115 13.94 -10.77 26.52
CA ALA E 115 13.39 -9.56 27.14
C ALA E 115 13.30 -9.69 28.65
N ARG E 116 13.03 -10.90 29.16
CA ARG E 116 13.02 -11.13 30.60
C ARG E 116 14.41 -11.49 31.16
N PHE E 117 15.15 -12.37 30.51
CA PHE E 117 16.27 -13.01 31.18
C PHE E 117 17.65 -12.58 30.70
N SER E 118 17.77 -11.72 29.70
CA SER E 118 19.10 -11.24 29.33
C SER E 118 19.59 -10.22 30.35
N LYS E 119 20.87 -10.29 30.69
CA LYS E 119 21.41 -9.34 31.64
C LYS E 119 21.77 -8.01 31.00
N ALA E 120 21.68 -7.91 29.67
CA ALA E 120 22.04 -6.68 28.97
C ALA E 120 20.81 -5.81 28.76
N PRO E 121 20.75 -4.62 29.35
CA PRO E 121 19.54 -3.80 29.22
C PRO E 121 19.17 -3.47 27.78
N GLY E 122 20.18 -3.23 26.93
CA GLY E 122 19.89 -2.95 25.54
C GLY E 122 19.27 -4.15 24.84
N ASN E 123 19.74 -5.35 25.17
CA ASN E 123 19.18 -6.59 24.63
C ASN E 123 17.72 -6.75 25.02
N ARG E 124 17.38 -6.47 26.29
CA ARG E 124 16.00 -6.63 26.74
C ARG E 124 15.05 -5.67 26.02
N ASN E 125 15.51 -4.46 25.69
CA ASN E 125 14.65 -3.55 24.92
C ASN E 125 14.55 -3.97 23.45
N MET E 126 15.69 -4.29 22.82
CA MET E 126 15.60 -4.71 21.41
C MET E 126 14.84 -6.02 21.27
N ALA E 127 14.87 -6.88 22.28
CA ALA E 127 14.08 -8.11 22.27
C ALA E 127 12.60 -7.82 22.40
N THR E 128 12.22 -6.69 23.02
CA THR E 128 10.82 -6.30 23.10
C THR E 128 10.28 -5.94 21.72
N PHE E 129 11.04 -5.17 20.94
CA PHE E 129 10.69 -4.93 19.55
C PHE E 129 10.77 -6.23 18.73
N GLY E 130 11.75 -7.08 19.04
CA GLY E 130 11.79 -8.39 18.39
C GLY E 130 10.55 -9.23 18.65
N MET E 131 10.03 -9.19 19.89
CA MET E 131 8.78 -9.90 20.19
C MET E 131 7.65 -9.40 19.29
N MET E 132 7.56 -8.07 19.15
CA MET E 132 6.56 -7.42 18.32
C MET E 132 6.74 -7.81 16.86
N ASP E 133 8.00 -7.80 16.38
CA ASP E 133 8.26 -8.18 14.99
C ASP E 133 7.82 -9.61 14.71
N GLU E 134 8.10 -10.56 15.62
CA GLU E 134 7.70 -11.94 15.33
C GLU E 134 6.20 -12.14 15.44
N LEU E 135 5.54 -11.37 16.30
CA LEU E 135 4.08 -11.32 16.26
C LEU E 135 3.59 -10.92 14.88
N ARG E 136 4.11 -9.80 14.35
CA ARG E 136 3.80 -9.39 12.97
C ARG E 136 3.99 -10.53 11.98
N HIS E 137 5.15 -11.15 12.01
CA HIS E 137 5.52 -12.17 11.04
C HIS E 137 4.56 -13.35 11.10
N GLY E 138 4.21 -13.79 12.31
CA GLY E 138 3.28 -14.90 12.47
C GLY E 138 1.88 -14.55 11.98
N GLN E 139 1.39 -13.35 12.33
CA GLN E 139 0.05 -12.94 11.93
C GLN E 139 -0.04 -12.72 10.43
N LEU E 140 0.99 -12.10 9.83
CA LEU E 140 0.98 -11.91 8.37
C LEU E 140 0.91 -13.26 7.65
N GLN E 141 1.71 -14.22 8.10
CA GLN E 141 1.83 -15.48 7.36
C GLN E 141 0.75 -16.48 7.73
N LEU E 142 -0.16 -16.12 8.65
CA LEU E 142 -1.46 -16.77 8.75
C LEU E 142 -2.52 -16.04 7.92
N PHE E 143 -2.55 -14.71 8.03
CA PHE E 143 -3.56 -13.94 7.31
C PHE E 143 -3.47 -14.16 5.81
N PHE E 144 -2.25 -14.18 5.25
CA PHE E 144 -2.10 -14.26 3.79
C PHE E 144 -2.59 -15.60 3.22
N PRO E 145 -2.14 -16.77 3.71
CA PRO E 145 -2.68 -18.03 3.15
C PRO E 145 -4.13 -18.32 3.55
N HIS E 146 -4.69 -17.62 4.52
CA HIS E 146 -6.05 -17.93 4.97
C HIS E 146 -7.04 -17.83 3.83
N GLU E 147 -6.83 -16.89 2.90
CA GLU E 147 -7.79 -16.74 1.81
C GLU E 147 -7.80 -17.93 0.87
N TYR E 148 -6.79 -18.78 0.90
CA TYR E 148 -6.73 -19.94 0.01
C TYR E 148 -7.33 -21.20 0.64
N CYS E 149 -7.70 -21.15 1.93
CA CYS E 149 -8.38 -22.27 2.55
C CYS E 149 -9.56 -22.74 1.70
N LYS E 150 -10.32 -21.81 1.14
CA LYS E 150 -11.48 -22.19 0.35
C LYS E 150 -11.10 -22.76 -1.01
N LYS E 151 -9.84 -22.67 -1.43
CA LYS E 151 -9.42 -23.30 -2.68
C LYS E 151 -8.89 -24.71 -2.46
N ASP E 152 -8.30 -24.99 -1.31
CA ASP E 152 -7.41 -26.13 -1.16
C ASP E 152 -7.21 -26.41 0.32
N ARG E 153 -7.58 -27.62 0.77
CA ARG E 153 -7.43 -28.01 2.16
C ARG E 153 -5.97 -28.01 2.61
N GLN E 154 -5.02 -28.12 1.67
CA GLN E 154 -3.61 -28.14 2.05
C GLN E 154 -3.17 -26.82 2.67
N PHE E 155 -3.85 -25.72 2.33
CA PHE E 155 -3.50 -24.45 2.95
C PHE E 155 -3.95 -24.36 4.40
N ASP E 156 -4.85 -25.24 4.83
CA ASP E 156 -5.13 -25.36 6.26
C ASP E 156 -3.86 -25.63 7.07
N TRP E 157 -2.84 -26.22 6.44
CA TRP E 157 -1.62 -26.58 7.14
C TRP E 157 -0.74 -25.37 7.45
N ALA E 158 -1.05 -24.20 6.89
CA ALA E 158 -0.45 -22.96 7.39
C ALA E 158 -0.69 -22.79 8.88
N TRP E 159 -1.89 -23.16 9.35
CA TRP E 159 -2.17 -23.20 10.77
C TRP E 159 -1.87 -24.57 11.39
N ARG E 160 -2.20 -25.66 10.70
CA ARG E 160 -2.21 -26.97 11.35
C ARG E 160 -0.84 -27.62 11.51
N ALA E 161 0.16 -27.29 10.66
CA ALA E 161 1.38 -28.09 10.61
C ALA E 161 2.03 -28.30 11.99
N TYR E 162 2.28 -27.21 12.71
CA TYR E 162 2.97 -27.32 14.00
C TYR E 162 2.12 -28.04 15.05
N HIS E 163 0.82 -28.16 14.82
CA HIS E 163 -0.07 -28.95 15.67
C HIS E 163 -0.14 -30.42 15.27
N SER E 164 0.64 -30.85 14.28
CA SER E 164 0.62 -32.23 13.79
C SER E 164 1.90 -32.94 14.20
N ASN E 165 1.88 -34.27 14.02
CA ASN E 165 3.09 -35.10 14.09
C ASN E 165 3.60 -35.46 12.71
N GLU E 166 3.31 -34.63 11.72
CA GLU E 166 3.80 -34.88 10.38
C GLU E 166 5.31 -34.69 10.38
N TRP E 167 6.03 -35.53 9.62
CA TRP E 167 7.47 -35.70 9.84
C TRP E 167 8.23 -34.40 9.60
N ALA E 168 7.81 -33.60 8.62
CA ALA E 168 8.50 -32.34 8.36
C ALA E 168 8.16 -31.27 9.40
N ALA E 169 6.93 -31.30 9.92
CA ALA E 169 6.61 -30.43 11.05
C ALA E 169 7.44 -30.80 12.28
N ILE E 170 7.65 -32.10 12.52
CA ILE E 170 8.52 -32.52 13.61
C ILE E 170 9.94 -32.02 13.39
N ALA E 171 10.43 -32.08 12.14
CA ALA E 171 11.78 -31.59 11.86
C ALA E 171 11.89 -30.09 12.11
N ALA E 172 10.86 -29.33 11.73
CA ALA E 172 10.89 -27.89 11.97
C ALA E 172 10.78 -27.57 13.45
N LYS E 173 9.88 -28.26 14.15
CA LYS E 173 9.71 -28.01 15.58
C LYS E 173 10.94 -28.44 16.38
N HIS E 174 11.55 -29.57 15.99
CA HIS E 174 12.78 -29.99 16.66
C HIS E 174 13.88 -28.95 16.52
N PHE E 175 13.99 -28.34 15.35
CA PHE E 175 14.98 -27.30 15.13
C PHE E 175 14.65 -26.04 15.92
N PHE E 176 13.45 -25.49 15.72
CA PHE E 176 13.11 -24.22 16.37
C PHE E 176 12.99 -24.37 17.87
N ASP E 177 12.56 -25.55 18.36
CA ASP E 177 12.55 -25.71 19.81
C ASP E 177 13.97 -25.82 20.35
N ASP E 178 14.93 -26.27 19.53
CA ASP E 178 16.32 -26.35 19.99
C ASP E 178 17.03 -25.00 19.96
N ILE E 179 16.69 -24.14 18.99
CA ILE E 179 17.44 -22.92 18.71
C ILE E 179 16.72 -21.73 19.33
N ILE E 180 15.39 -21.79 19.43
CA ILE E 180 14.56 -20.63 19.77
C ILE E 180 13.96 -20.76 21.16
N THR E 181 13.18 -21.82 21.40
CA THR E 181 12.31 -21.86 22.57
C THR E 181 12.83 -22.75 23.69
N GLY E 182 13.89 -23.53 23.45
CA GLY E 182 14.37 -24.49 24.42
C GLY E 182 15.68 -24.17 25.08
N ARG E 183 16.20 -22.95 24.95
CA ARG E 183 17.51 -22.62 25.52
C ARG E 183 17.45 -21.26 26.19
N ASP E 184 18.53 -20.97 26.92
CA ASP E 184 18.65 -19.76 27.70
C ASP E 184 18.80 -18.54 26.79
N ALA E 185 18.64 -17.35 27.38
CA ALA E 185 18.55 -16.11 26.60
C ALA E 185 19.80 -15.86 25.74
N ILE E 186 21.00 -16.08 26.30
CA ILE E 186 22.22 -15.83 25.55
C ILE E 186 22.36 -16.81 24.39
N SER E 187 21.99 -18.08 24.61
CA SER E 187 21.94 -19.03 23.50
C SER E 187 21.00 -18.58 22.40
N VAL E 188 19.82 -18.07 22.77
CA VAL E 188 18.91 -17.53 21.76
C VAL E 188 19.57 -16.38 21.01
N ALA E 189 20.20 -15.45 21.74
CA ALA E 189 20.85 -14.32 21.07
C ALA E 189 21.87 -14.79 20.04
N ILE E 190 22.62 -15.84 20.37
CA ILE E 190 23.71 -16.32 19.51
C ILE E 190 23.18 -17.23 18.41
N MET E 191 22.30 -18.18 18.76
CA MET E 191 21.87 -19.17 17.78
C MET E 191 20.74 -18.66 16.91
N LEU E 192 19.77 -17.94 17.49
CA LEU E 192 18.67 -17.45 16.67
C LEU E 192 19.05 -16.14 15.98
N THR E 193 19.30 -15.06 16.75
CA THR E 193 19.39 -13.76 16.10
C THR E 193 20.67 -13.64 15.28
N PHE E 194 21.78 -14.12 15.80
CA PHE E 194 23.00 -14.07 14.99
C PHE E 194 23.02 -15.16 13.93
N SER E 195 23.02 -16.43 14.34
CA SER E 195 23.33 -17.51 13.38
C SER E 195 22.22 -17.67 12.35
N PHE E 196 20.97 -17.83 12.80
CA PHE E 196 19.88 -18.11 11.87
C PHE E 196 19.41 -16.86 11.12
N GLU E 197 19.23 -15.75 11.83
CA GLU E 197 18.57 -14.60 11.25
C GLU E 197 19.51 -13.64 10.53
N THR E 198 20.83 -13.84 10.56
CA THR E 198 21.70 -13.17 9.59
C THR E 198 22.22 -14.16 8.55
N GLY E 199 21.79 -15.41 8.60
CA GLY E 199 22.20 -16.41 7.63
C GLY E 199 21.05 -16.98 6.84
N PHE E 200 20.52 -18.10 7.32
CA PHE E 200 19.60 -18.88 6.49
C PHE E 200 18.26 -18.19 6.28
N THR E 201 17.84 -17.30 7.19
CA THR E 201 16.60 -16.58 6.97
C THR E 201 16.61 -15.81 5.64
N ASN E 202 17.79 -15.42 5.15
CA ASN E 202 17.85 -14.68 3.89
C ASN E 202 17.65 -15.59 2.69
N MET E 203 18.06 -16.86 2.80
CA MET E 203 17.74 -17.82 1.76
C MET E 203 16.23 -17.93 1.56
N GLN E 204 15.49 -18.00 2.67
CA GLN E 204 14.05 -18.26 2.58
C GLN E 204 13.24 -16.99 2.28
N PHE E 205 13.63 -15.84 2.82
CA PHE E 205 12.80 -14.65 2.68
C PHE E 205 13.27 -13.69 1.59
N LEU E 206 14.52 -13.78 1.15
CA LEU E 206 14.97 -12.99 0.01
C LEU E 206 15.30 -13.83 -1.21
N GLY E 207 16.00 -14.95 -1.04
CA GLY E 207 16.24 -15.82 -2.18
C GLY E 207 14.94 -16.30 -2.80
N LEU E 208 13.98 -16.71 -1.97
CA LEU E 208 12.68 -17.11 -2.48
C LEU E 208 11.90 -15.92 -3.02
N ALA E 209 12.14 -14.71 -2.50
CA ALA E 209 11.45 -13.54 -3.04
C ALA E 209 11.87 -13.30 -4.47
N ALA E 210 13.16 -13.48 -4.76
CA ALA E 210 13.65 -13.32 -6.13
C ALA E 210 12.98 -14.33 -7.07
N ASP E 211 12.83 -15.58 -6.65
CA ASP E 211 12.08 -16.54 -7.48
C ASP E 211 10.61 -16.13 -7.60
N ALA E 212 9.99 -15.68 -6.51
CA ALA E 212 8.60 -15.25 -6.56
C ALA E 212 8.40 -14.09 -7.53
N ALA E 213 9.35 -13.15 -7.57
CA ALA E 213 9.24 -12.04 -8.49
C ALA E 213 9.37 -12.52 -9.93
N GLU E 214 10.25 -13.50 -10.18
CA GLU E 214 10.36 -14.06 -11.52
C GLU E 214 9.07 -14.77 -11.90
N ALA E 215 8.46 -15.49 -10.95
CA ALA E 215 7.22 -16.21 -11.20
C ALA E 215 6.02 -15.29 -11.31
N GLY E 216 6.17 -14.01 -10.97
CA GLY E 216 5.08 -13.07 -11.05
C GLY E 216 4.20 -12.98 -9.83
N ASP E 217 4.61 -13.53 -8.68
CA ASP E 217 3.80 -13.47 -7.46
C ASP E 217 4.30 -12.31 -6.59
N TYR E 218 3.83 -11.10 -6.91
CA TYR E 218 4.32 -9.93 -6.19
C TYR E 218 3.69 -9.77 -4.81
N THR E 219 2.49 -10.32 -4.59
CA THR E 219 1.96 -10.33 -3.23
C THR E 219 2.91 -11.04 -2.28
N PHE E 220 3.38 -12.23 -2.69
CA PHE E 220 4.28 -13.01 -1.87
C PHE E 220 5.68 -12.37 -1.79
N ALA E 221 6.22 -11.94 -2.93
CA ALA E 221 7.56 -11.36 -2.91
C ALA E 221 7.61 -10.10 -2.04
N ASN E 222 6.61 -9.24 -2.18
CA ASN E 222 6.54 -8.02 -1.39
C ASN E 222 6.38 -8.35 0.10
N LEU E 223 5.59 -9.39 0.42
CA LEU E 223 5.38 -9.83 1.79
C LEU E 223 6.69 -10.26 2.45
N ILE E 224 7.38 -11.23 1.85
CA ILE E 224 8.52 -11.81 2.55
C ILE E 224 9.73 -10.88 2.55
N SER E 225 9.84 -9.99 1.55
CA SER E 225 10.92 -9.01 1.61
C SER E 225 10.64 -7.92 2.65
N SER E 226 9.37 -7.58 2.89
CA SER E 226 9.01 -6.70 4.01
C SER E 226 9.35 -7.35 5.34
N ILE E 227 9.08 -8.65 5.47
CA ILE E 227 9.42 -9.36 6.69
C ILE E 227 10.94 -9.30 6.93
N ALA E 228 11.72 -9.46 5.88
CA ALA E 228 13.17 -9.45 6.05
C ALA E 228 13.70 -8.11 6.58
N THR E 229 13.05 -6.98 6.25
CA THR E 229 13.48 -5.70 6.81
C THR E 229 13.38 -5.67 8.34
N ASP E 230 12.42 -6.38 8.94
CA ASP E 230 12.39 -6.46 10.40
C ASP E 230 13.53 -7.33 10.91
N GLU E 231 13.72 -8.49 10.27
CA GLU E 231 14.79 -9.38 10.67
CA GLU E 231 14.80 -9.39 10.63
C GLU E 231 16.13 -8.66 10.68
N SER E 232 16.37 -7.80 9.68
CA SER E 232 17.64 -7.08 9.59
C SER E 232 17.90 -6.23 10.83
N ARG E 233 16.85 -5.69 11.45
CA ARG E 233 17.05 -4.91 12.67
C ARG E 233 17.23 -5.81 13.90
N HIS E 234 16.27 -6.70 14.17
CA HIS E 234 16.42 -7.42 15.44
C HIS E 234 17.45 -8.54 15.38
N ALA E 235 17.89 -8.96 14.19
CA ALA E 235 19.00 -9.92 14.16
C ALA E 235 20.29 -9.31 14.71
N GLN E 236 20.40 -7.98 14.71
CA GLN E 236 21.58 -7.31 15.21
C GLN E 236 21.72 -7.40 16.75
N GLN E 237 20.88 -8.16 17.44
CA GLN E 237 21.08 -8.41 18.86
C GLN E 237 22.20 -9.40 19.16
N GLY E 238 22.53 -10.26 18.21
CA GLY E 238 23.50 -11.31 18.42
C GLY E 238 24.95 -10.89 18.39
N GLY E 239 25.31 -9.99 17.48
CA GLY E 239 26.68 -9.51 17.37
C GLY E 239 27.27 -8.98 18.67
N PRO E 240 26.58 -8.05 19.34
CA PRO E 240 27.14 -7.51 20.59
C PRO E 240 27.18 -8.53 21.71
N ALA E 241 26.26 -9.50 21.73
CA ALA E 241 26.35 -10.59 22.71
C ALA E 241 27.59 -11.44 22.43
N LEU E 242 27.82 -11.77 21.17
N LEU E 242 27.82 -11.77 21.16
CA LEU E 242 29.02 -12.51 20.78
CA LEU E 242 29.00 -12.52 20.75
C LEU E 242 30.28 -11.78 21.19
C LEU E 242 30.28 -11.78 21.17
N GLN E 243 30.34 -10.47 20.91
CA GLN E 243 31.50 -9.68 21.27
C GLN E 243 31.71 -9.69 22.78
N LEU E 244 30.62 -9.56 23.54
N LEU E 244 30.62 -9.56 23.54
CA LEU E 244 30.73 -9.58 25.00
CA LEU E 244 30.72 -9.59 24.99
C LEU E 244 31.29 -10.91 25.48
C LEU E 244 31.29 -10.91 25.48
N LEU E 245 30.81 -12.03 24.94
CA LEU E 245 31.33 -13.32 25.37
C LEU E 245 32.80 -13.49 24.99
N ILE E 246 33.20 -13.09 23.78
CA ILE E 246 34.62 -13.18 23.42
C ILE E 246 35.46 -12.36 24.37
N GLU E 247 35.03 -11.13 24.70
CA GLU E 247 35.90 -10.32 25.53
C GLU E 247 35.91 -10.77 26.99
N ASN E 248 34.99 -11.65 27.39
CA ASN E 248 34.98 -12.15 28.76
C ASN E 248 35.43 -13.62 28.85
N GLY E 249 36.24 -14.06 27.89
CA GLY E 249 36.85 -15.37 27.96
C GLY E 249 36.00 -16.52 27.47
N LYS E 250 34.88 -16.26 26.79
CA LYS E 250 33.96 -17.33 26.41
C LYS E 250 33.95 -17.58 24.90
N ARG E 251 35.08 -17.32 24.23
CA ARG E 251 35.10 -17.50 22.78
C ARG E 251 34.76 -18.92 22.37
N GLU E 252 35.33 -19.91 23.07
CA GLU E 252 35.11 -21.31 22.72
C GLU E 252 33.63 -21.67 22.80
N GLU E 253 32.95 -21.23 23.86
CA GLU E 253 31.54 -21.53 24.00
C GLU E 253 30.71 -20.82 22.92
N ALA E 254 31.08 -19.58 22.60
CA ALA E 254 30.39 -18.86 21.53
C ALA E 254 30.55 -19.57 20.19
N GLN E 255 31.79 -19.98 19.87
CA GLN E 255 32.06 -20.70 18.62
C GLN E 255 31.23 -21.98 18.54
N LYS E 256 31.19 -22.76 19.62
CA LYS E 256 30.42 -24.01 19.58
C LYS E 256 28.94 -23.75 19.30
N LYS E 257 28.35 -22.75 19.94
CA LYS E 257 26.93 -22.48 19.73
C LYS E 257 26.67 -22.06 18.30
N VAL E 258 27.54 -21.22 17.72
CA VAL E 258 27.34 -20.81 16.33
C VAL E 258 27.49 -22.02 15.41
N ASP E 259 28.52 -22.83 15.63
CA ASP E 259 28.77 -24.01 14.82
C ASP E 259 27.53 -24.92 14.81
N MET E 260 27.00 -25.18 15.99
CA MET E 260 25.83 -26.01 16.13
C MET E 260 24.58 -25.42 15.41
N ALA E 261 24.30 -24.17 15.67
CA ALA E 261 23.16 -23.50 15.10
C ALA E 261 23.17 -23.48 13.59
N ILE E 262 24.32 -23.20 12.99
CA ILE E 262 24.46 -23.13 11.54
C ILE E 262 24.17 -24.50 10.92
N TRP E 263 24.74 -25.54 11.49
CA TRP E 263 24.55 -26.87 10.91
C TRP E 263 23.09 -27.32 11.01
N ARG E 264 22.47 -27.12 12.18
CA ARG E 264 21.08 -27.51 12.34
C ARG E 264 20.18 -26.79 11.34
N ALA E 265 20.43 -25.50 11.12
CA ALA E 265 19.64 -24.74 10.15
C ALA E 265 19.89 -25.23 8.73
N TRP E 266 21.14 -25.55 8.41
CA TRP E 266 21.49 -26.05 7.08
C TRP E 266 20.69 -27.31 6.74
N ARG E 267 20.67 -28.30 7.63
CA ARG E 267 19.96 -29.52 7.32
C ARG E 267 18.46 -29.27 7.10
N LEU E 268 17.84 -28.41 7.91
CA LEU E 268 16.42 -28.15 7.71
C LEU E 268 16.19 -27.36 6.43
N PHE E 269 17.02 -26.37 6.15
CA PHE E 269 16.77 -25.57 4.96
C PHE E 269 17.14 -26.30 3.68
N ALA E 270 17.95 -27.34 3.77
CA ALA E 270 18.21 -28.16 2.60
C ALA E 270 16.98 -28.94 2.18
N VAL E 271 16.13 -29.34 3.14
CA VAL E 271 14.95 -30.11 2.78
C VAL E 271 13.77 -29.21 2.42
N LEU E 272 13.75 -27.97 2.90
CA LEU E 272 12.63 -27.07 2.59
C LEU E 272 12.91 -26.16 1.40
N THR E 273 14.04 -25.46 1.42
CA THR E 273 14.35 -24.47 0.39
C THR E 273 15.03 -25.08 -0.82
N GLY E 274 15.83 -26.13 -0.63
CA GLY E 274 16.55 -26.78 -1.69
C GLY E 274 15.66 -27.30 -2.82
N PRO E 275 14.69 -28.15 -2.48
CA PRO E 275 13.75 -28.62 -3.52
C PRO E 275 12.96 -27.49 -4.17
N VAL E 276 12.54 -26.49 -3.39
CA VAL E 276 11.83 -25.33 -3.94
C VAL E 276 12.67 -24.65 -5.03
N MET E 277 13.94 -24.35 -4.73
CA MET E 277 14.69 -23.55 -5.69
C MET E 277 15.18 -24.35 -6.89
N ASP E 278 15.43 -25.66 -6.74
CA ASP E 278 15.93 -26.44 -7.88
C ASP E 278 14.90 -27.36 -8.51
N TYR E 279 13.71 -27.52 -7.94
CA TYR E 279 12.76 -28.44 -8.55
C TYR E 279 11.33 -27.91 -8.60
N TYR E 280 10.84 -27.25 -7.54
CA TYR E 280 9.44 -26.82 -7.55
C TYR E 280 9.26 -25.56 -8.41
N THR E 281 10.17 -24.61 -8.26
CA THR E 281 10.09 -23.37 -9.03
C THR E 281 10.23 -23.72 -10.50
N PRO E 282 9.32 -23.25 -11.37
CA PRO E 282 9.48 -23.50 -12.81
C PRO E 282 10.86 -23.06 -13.29
N LEU E 283 11.40 -23.79 -14.27
CA LEU E 283 12.75 -23.53 -14.78
C LEU E 283 12.94 -22.05 -15.11
N GLU E 284 12.07 -21.48 -15.94
CA GLU E 284 12.22 -20.09 -16.37
C GLU E 284 12.22 -19.09 -15.22
N ASP E 285 11.81 -19.50 -14.01
CA ASP E 285 11.74 -18.60 -12.86
C ASP E 285 12.86 -18.82 -11.86
N ARG E 286 13.79 -19.73 -12.13
CA ARG E 286 14.92 -19.97 -11.22
C ARG E 286 15.95 -18.86 -11.43
N SER E 287 15.92 -17.86 -10.53
CA SER E 287 16.82 -16.71 -10.61
C SER E 287 18.28 -17.16 -10.46
N GLN E 288 18.53 -18.10 -9.55
CA GLN E 288 19.81 -18.77 -9.37
C GLN E 288 19.53 -20.17 -8.89
N SER E 289 20.56 -21.01 -8.86
CA SER E 289 20.41 -22.33 -8.27
C SER E 289 20.51 -22.24 -6.74
N PHE E 290 20.06 -23.31 -6.08
CA PHE E 290 20.17 -23.39 -4.63
C PHE E 290 21.62 -23.20 -4.18
N LYS E 291 22.56 -23.82 -4.89
CA LYS E 291 23.96 -23.66 -4.50
C LYS E 291 24.44 -22.24 -4.75
N GLU E 292 24.03 -21.62 -5.84
CA GLU E 292 24.47 -20.25 -6.10
C GLU E 292 23.93 -19.28 -5.06
N PHE E 293 22.67 -19.46 -4.65
CA PHE E 293 22.13 -18.68 -3.54
C PHE E 293 22.89 -18.94 -2.24
N MET E 294 23.20 -20.21 -1.94
CA MET E 294 24.03 -20.54 -0.78
C MET E 294 25.35 -19.78 -0.80
N TYR E 295 26.01 -19.75 -1.96
CA TYR E 295 27.32 -19.10 -2.01
C TYR E 295 27.18 -17.58 -1.86
N GLU E 296 26.03 -17.04 -2.27
CA GLU E 296 25.78 -15.61 -2.07
C GLU E 296 25.51 -15.31 -0.60
N TRP E 297 24.56 -16.03 0.01
CA TRP E 297 24.03 -15.59 1.28
C TRP E 297 24.77 -16.17 2.48
N ILE E 298 25.20 -17.42 2.40
CA ILE E 298 25.82 -18.09 3.54
C ILE E 298 27.33 -18.01 3.48
N ILE E 299 27.92 -18.33 2.34
CA ILE E 299 29.37 -18.30 2.24
C ILE E 299 29.87 -16.87 2.05
N GLY E 300 29.35 -16.17 1.05
CA GLY E 300 29.82 -14.84 0.75
C GLY E 300 29.47 -13.81 1.82
N GLN E 301 28.23 -13.84 2.32
CA GLN E 301 27.81 -12.81 3.27
C GLN E 301 27.95 -13.28 4.72
N PHE E 302 27.26 -14.34 5.11
CA PHE E 302 27.21 -14.70 6.54
C PHE E 302 28.59 -15.13 7.05
N GLU E 303 29.25 -16.06 6.36
CA GLU E 303 30.53 -16.56 6.88
C GLU E 303 31.58 -15.45 6.96
N ARG E 304 31.57 -14.51 6.02
CA ARG E 304 32.49 -13.38 6.11
C ARG E 304 32.17 -12.49 7.31
N SER E 305 30.89 -12.28 7.61
CA SER E 305 30.54 -11.49 8.80
C SER E 305 30.96 -12.20 10.08
N LEU E 306 30.92 -13.53 10.07
CA LEU E 306 31.39 -14.34 11.18
C LEU E 306 32.87 -14.07 11.47
N ILE E 307 33.69 -14.11 10.44
CA ILE E 307 35.12 -13.84 10.60
C ILE E 307 35.35 -12.40 11.07
N ASP E 308 34.56 -11.45 10.58
CA ASP E 308 34.79 -10.06 10.98
C ASP E 308 34.54 -9.83 12.46
N LEU E 309 33.63 -10.58 13.06
CA LEU E 309 33.34 -10.46 14.48
C LEU E 309 34.37 -11.13 15.36
N GLY E 310 35.34 -11.82 14.78
CA GLY E 310 36.37 -12.48 15.55
C GLY E 310 36.23 -13.97 15.73
N LEU E 311 35.28 -14.63 15.07
CA LEU E 311 35.13 -16.07 15.15
C LEU E 311 35.85 -16.74 13.99
N ASP E 312 35.93 -18.07 14.04
CA ASP E 312 36.62 -18.83 13.03
C ASP E 312 35.62 -19.56 12.14
N LYS E 313 36.09 -19.98 10.97
CA LYS E 313 35.33 -20.91 10.16
C LYS E 313 35.01 -22.15 10.99
N PRO E 314 33.83 -22.73 10.83
CA PRO E 314 33.50 -23.93 11.60
C PRO E 314 34.44 -25.08 11.26
N TRP E 315 34.63 -25.96 12.26
CA TRP E 315 35.46 -27.14 12.07
C TRP E 315 34.97 -28.04 10.94
N TYR E 316 33.70 -27.94 10.55
CA TYR E 316 33.14 -28.82 9.53
C TYR E 316 33.07 -28.15 8.16
N TRP E 317 33.84 -27.11 7.94
CA TRP E 317 33.71 -26.27 6.75
C TRP E 317 33.70 -27.06 5.45
N ASP E 318 34.69 -27.93 5.25
CA ASP E 318 34.73 -28.69 4.00
C ASP E 318 33.60 -29.72 3.90
N LEU E 319 33.19 -30.31 5.01
CA LEU E 319 31.99 -31.15 5.00
C LEU E 319 30.77 -30.36 4.50
N PHE E 320 30.67 -29.11 4.93
CA PHE E 320 29.53 -28.26 4.59
C PHE E 320 29.50 -27.94 3.10
N LEU E 321 30.67 -27.61 2.54
CA LEU E 321 30.74 -27.32 1.09
C LEU E 321 30.37 -28.54 0.26
N LYS E 322 30.83 -29.72 0.65
CA LYS E 322 30.45 -30.92 -0.09
C LYS E 322 28.94 -31.17 0.02
N ASP E 323 28.37 -31.00 1.22
CA ASP E 323 26.92 -31.17 1.39
C ASP E 323 26.12 -30.27 0.46
N ILE E 324 26.66 -29.08 0.18
CA ILE E 324 25.91 -28.12 -0.63
C ILE E 324 25.66 -28.67 -2.02
N ASP E 325 26.61 -29.43 -2.56
CA ASP E 325 26.49 -30.04 -3.88
C ASP E 325 25.56 -31.25 -3.94
N GLU E 326 25.19 -31.83 -2.80
CA GLU E 326 24.62 -33.17 -2.88
C GLU E 326 23.37 -33.36 -2.03
N LEU E 327 23.31 -32.74 -0.84
CA LEU E 327 22.29 -33.12 0.14
C LEU E 327 20.87 -32.92 -0.39
N HIS E 328 20.56 -31.71 -0.89
CA HIS E 328 19.18 -31.37 -1.21
C HIS E 328 18.62 -32.17 -2.39
N HIS E 329 19.49 -32.63 -3.30
CA HIS E 329 19.04 -33.53 -4.37
C HIS E 329 18.48 -34.82 -3.80
N SER E 330 19.07 -35.31 -2.72
CA SER E 330 18.57 -36.54 -2.12
C SER E 330 17.38 -36.27 -1.21
N TYR E 331 17.38 -35.13 -0.51
CA TYR E 331 16.20 -34.71 0.23
C TYR E 331 14.99 -34.56 -0.70
N HIS E 332 15.20 -33.99 -1.90
CA HIS E 332 14.11 -33.82 -2.84
C HIS E 332 13.52 -35.17 -3.23
N MET E 333 14.38 -36.12 -3.60
CA MET E 333 13.93 -37.45 -3.99
C MET E 333 13.11 -38.09 -2.87
N GLY E 334 13.58 -37.96 -1.64
CA GLY E 334 12.85 -38.52 -0.52
C GLY E 334 11.48 -37.89 -0.33
N VAL E 335 11.44 -36.54 -0.29
CA VAL E 335 10.18 -35.82 -0.13
C VAL E 335 9.23 -36.17 -1.26
N TRP E 336 9.74 -36.28 -2.48
CA TRP E 336 8.89 -36.65 -3.60
C TRP E 336 8.41 -38.10 -3.47
N TYR E 337 9.34 -39.05 -3.29
CA TYR E 337 8.92 -40.45 -3.27
C TYR E 337 7.91 -40.71 -2.15
N TRP E 338 8.08 -40.04 -1.00
CA TRP E 338 7.13 -40.12 0.11
C TRP E 338 6.17 -38.92 0.13
N ARG E 339 5.77 -38.43 -1.04
CA ARG E 339 4.93 -37.23 -1.13
C ARG E 339 3.62 -37.38 -0.36
N THR E 340 3.09 -38.61 -0.21
N THR E 340 3.10 -38.60 -0.21
CA THR E 340 1.85 -38.80 0.53
CA THR E 340 1.84 -38.73 0.51
C THR E 340 1.96 -38.24 1.94
C THR E 340 1.96 -38.30 1.96
N THR E 341 3.17 -38.24 2.51
CA THR E 341 3.39 -37.79 3.87
C THR E 341 3.58 -36.28 3.97
N ALA E 342 3.63 -35.56 2.86
CA ALA E 342 3.73 -34.10 2.85
C ALA E 342 2.35 -33.46 2.77
N TRP E 343 2.26 -32.20 3.25
CA TRP E 343 1.04 -31.40 3.10
C TRP E 343 1.07 -30.50 1.87
N TRP E 344 2.10 -30.61 1.03
CA TRP E 344 2.13 -29.93 -0.25
C TRP E 344 2.34 -30.98 -1.33
N ASN E 345 2.28 -30.55 -2.59
CA ASN E 345 2.41 -31.50 -3.70
C ASN E 345 3.77 -31.30 -4.35
N PRO E 346 4.77 -32.12 -4.03
CA PRO E 346 6.11 -31.92 -4.59
C PRO E 346 6.09 -32.07 -6.11
N ALA E 347 6.83 -31.20 -6.77
CA ALA E 347 7.05 -31.30 -8.21
C ALA E 347 8.31 -32.13 -8.42
N ALA E 348 8.21 -33.15 -9.25
CA ALA E 348 9.36 -34.03 -9.48
C ALA E 348 10.51 -33.26 -10.15
N GLY E 349 10.20 -32.41 -11.12
CA GLY E 349 11.19 -31.52 -11.70
C GLY E 349 12.27 -32.20 -12.52
N VAL E 350 11.95 -33.29 -13.22
CA VAL E 350 12.95 -34.02 -14.00
C VAL E 350 12.52 -34.26 -15.45
N THR E 351 11.88 -33.26 -16.09
CA THR E 351 11.82 -33.28 -17.55
C THR E 351 13.23 -33.13 -18.13
N PRO E 352 13.44 -33.52 -19.41
CA PRO E 352 14.78 -33.32 -20.02
C PRO E 352 15.31 -31.90 -19.90
N GLU E 353 14.49 -30.90 -20.19
CA GLU E 353 14.88 -29.50 -20.02
C GLU E 353 15.42 -29.24 -18.63
N GLU E 354 14.69 -29.72 -17.61
CA GLU E 354 15.14 -29.52 -16.24
C GLU E 354 16.37 -30.37 -15.94
N ARG E 355 16.45 -31.58 -16.50
CA ARG E 355 17.63 -32.39 -16.24
C ARG E 355 18.88 -31.77 -16.87
N ASP E 356 18.73 -31.08 -18.00
CA ASP E 356 19.86 -30.35 -18.58
C ASP E 356 20.34 -29.23 -17.66
N TRP E 357 19.40 -28.47 -17.09
CA TRP E 357 19.77 -27.39 -16.17
C TRP E 357 20.43 -27.95 -14.92
N LEU E 358 19.85 -29.00 -14.34
CA LEU E 358 20.45 -29.65 -13.17
C LEU E 358 21.87 -30.13 -13.47
N GLU E 359 22.10 -30.68 -14.66
CA GLU E 359 23.44 -31.13 -15.02
C GLU E 359 24.41 -29.94 -15.13
N GLU E 360 23.95 -28.82 -15.68
CA GLU E 360 24.83 -27.66 -15.78
C GLU E 360 25.11 -27.04 -14.42
N LYS E 361 24.13 -27.09 -13.49
CA LYS E 361 24.33 -26.51 -12.17
C LYS E 361 25.06 -27.47 -11.22
N TYR E 362 24.96 -28.77 -11.47
CA TYR E 362 25.63 -29.78 -10.65
C TYR E 362 26.20 -30.85 -11.59
N PRO E 363 27.38 -30.62 -12.17
CA PRO E 363 27.98 -31.61 -13.06
C PRO E 363 28.01 -32.99 -12.42
N GLY E 364 27.58 -34.00 -13.19
CA GLY E 364 27.46 -35.36 -12.70
C GLY E 364 26.09 -35.73 -12.15
N TRP E 365 25.12 -34.81 -12.21
CA TRP E 365 23.78 -35.07 -11.66
C TRP E 365 23.13 -36.29 -12.31
N ASN E 366 23.27 -36.42 -13.63
CA ASN E 366 22.56 -37.47 -14.35
C ASN E 366 23.09 -38.86 -14.00
N LYS E 367 24.38 -38.98 -13.69
CA LYS E 367 25.00 -40.24 -13.29
C LYS E 367 24.69 -40.61 -11.84
N ARG E 368 24.06 -39.71 -11.08
CA ARG E 368 23.80 -39.93 -9.67
C ARG E 368 22.27 -39.99 -9.49
N TRP E 369 21.63 -38.89 -9.07
CA TRP E 369 20.18 -38.88 -8.87
C TRP E 369 19.44 -39.15 -10.17
N GLY E 370 20.06 -38.82 -11.32
CA GLY E 370 19.46 -39.18 -12.61
C GLY E 370 19.19 -40.66 -12.77
N ARG E 371 20.03 -41.52 -12.17
CA ARG E 371 19.81 -42.96 -12.27
C ARG E 371 18.53 -43.40 -11.59
N CYS E 372 18.20 -42.80 -10.44
CA CYS E 372 16.95 -43.13 -9.76
C CYS E 372 15.75 -42.59 -10.53
N TRP E 373 15.84 -41.35 -11.02
CA TRP E 373 14.72 -40.74 -11.73
C TRP E 373 14.43 -41.47 -13.03
N ASP E 374 15.45 -42.14 -13.61
CA ASP E 374 15.24 -42.97 -14.79
C ASP E 374 14.32 -44.14 -14.49
N VAL E 375 14.57 -44.83 -13.37
CA VAL E 375 13.72 -45.97 -13.00
C VAL E 375 12.31 -45.50 -12.70
N ILE E 376 12.18 -44.37 -11.99
CA ILE E 376 10.87 -43.81 -11.67
C ILE E 376 10.14 -43.42 -12.95
N THR E 377 10.84 -42.77 -13.88
CA THR E 377 10.23 -42.30 -15.12
C THR E 377 9.71 -43.47 -15.95
N GLU E 378 10.51 -44.54 -16.04
N GLU E 378 10.48 -44.56 -16.04
CA GLU E 378 10.09 -45.75 -16.75
CA GLU E 378 10.01 -45.71 -16.80
C GLU E 378 8.79 -46.30 -16.16
C GLU E 378 8.77 -46.32 -16.17
N ASN E 379 8.71 -46.37 -14.82
CA ASN E 379 7.52 -46.92 -14.18
C ASN E 379 6.29 -46.06 -14.44
N VAL E 380 6.45 -44.73 -14.46
CA VAL E 380 5.32 -43.85 -14.78
C VAL E 380 4.87 -44.08 -16.22
N LEU E 381 5.83 -44.22 -17.15
CA LEU E 381 5.51 -44.43 -18.55
C LEU E 381 4.84 -45.78 -18.78
N ASP E 382 5.12 -46.75 -17.92
CA ASP E 382 4.51 -48.08 -18.03
C ASP E 382 3.23 -48.21 -17.22
N ASP E 383 2.78 -47.14 -16.57
CA ASP E 383 1.59 -47.14 -15.72
C ASP E 383 1.73 -48.10 -14.54
N ARG E 384 2.97 -48.25 -14.03
CA ARG E 384 3.20 -49.02 -12.81
C ARG E 384 3.28 -48.08 -11.60
N MET E 385 2.14 -47.42 -11.35
CA MET E 385 2.08 -46.42 -10.29
C MET E 385 2.30 -47.02 -8.91
N ASP E 386 2.10 -48.34 -8.74
CA ASP E 386 2.43 -48.95 -7.46
C ASP E 386 3.93 -48.88 -7.16
N LEU E 387 4.77 -48.77 -8.20
CA LEU E 387 6.21 -48.71 -8.03
C LEU E 387 6.72 -47.31 -7.72
N VAL E 388 5.83 -46.31 -7.76
N VAL E 388 5.86 -46.28 -7.77
CA VAL E 388 6.19 -44.92 -7.48
CA VAL E 388 6.28 -44.93 -7.43
C VAL E 388 5.74 -44.48 -6.09
C VAL E 388 5.65 -44.45 -6.12
N SER E 389 5.08 -45.37 -5.33
CA SER E 389 4.64 -45.09 -3.97
C SER E 389 5.25 -46.09 -3.01
N PRO E 390 5.69 -45.65 -1.84
CA PRO E 390 6.41 -46.53 -0.92
C PRO E 390 5.48 -47.41 -0.10
N GLU E 391 6.04 -48.54 0.35
CA GLU E 391 5.37 -49.44 1.27
C GLU E 391 6.07 -49.52 2.62
N THR E 392 7.11 -48.72 2.84
CA THR E 392 7.84 -48.71 4.11
C THR E 392 8.18 -47.26 4.43
N LEU E 393 8.82 -47.04 5.59
CA LEU E 393 9.25 -45.71 5.94
C LEU E 393 10.75 -45.57 5.78
N PRO E 394 11.25 -44.38 5.47
CA PRO E 394 12.71 -44.17 5.50
C PRO E 394 13.22 -44.12 6.93
N SER E 395 14.48 -44.53 7.09
CA SER E 395 15.17 -44.30 8.35
C SER E 395 15.45 -42.81 8.52
N VAL E 396 15.33 -42.32 9.75
CA VAL E 396 15.31 -40.90 10.01
C VAL E 396 16.41 -40.53 10.99
N CYS E 397 17.10 -39.40 10.73
CA CYS E 397 18.18 -38.93 11.60
C CYS E 397 17.65 -38.63 13.00
N ASN E 398 18.39 -39.09 14.02
CA ASN E 398 17.95 -38.77 15.38
C ASN E 398 18.23 -37.31 15.76
N MET E 399 18.84 -36.52 14.89
CA MET E 399 19.03 -35.09 15.17
C MET E 399 18.07 -34.28 14.30
N SER E 400 18.28 -34.27 12.99
CA SER E 400 17.52 -33.38 12.12
C SER E 400 16.07 -33.84 11.92
N GLN E 401 15.74 -35.09 12.27
CA GLN E 401 14.41 -35.67 12.03
C GLN E 401 14.09 -35.80 10.54
N ILE E 402 15.13 -35.87 9.70
CA ILE E 402 15.00 -35.97 8.25
C ILE E 402 15.58 -37.32 7.81
N PRO E 403 15.04 -37.94 6.75
CA PRO E 403 15.57 -39.25 6.30
C PRO E 403 17.08 -39.24 6.08
N LEU E 404 17.69 -40.39 6.41
CA LEU E 404 19.13 -40.63 6.21
C LEU E 404 19.39 -40.92 4.75
N VAL E 405 20.21 -40.09 4.11
CA VAL E 405 20.37 -40.13 2.66
C VAL E 405 21.85 -40.15 2.33
N GLY E 406 22.13 -40.44 1.07
CA GLY E 406 23.45 -40.30 0.50
C GLY E 406 23.37 -40.04 -1.00
N VAL E 407 24.45 -40.32 -1.71
CA VAL E 407 24.53 -40.11 -3.16
C VAL E 407 24.20 -41.44 -3.85
N PRO E 408 23.18 -41.50 -4.69
CA PRO E 408 22.86 -42.75 -5.38
C PRO E 408 23.60 -42.91 -6.71
N GLY E 409 23.29 -43.97 -7.45
CA GLY E 409 23.79 -44.10 -8.80
C GLY E 409 25.23 -44.56 -8.91
N ASP E 410 25.96 -43.97 -9.86
CA ASP E 410 27.21 -44.59 -10.33
C ASP E 410 28.29 -44.65 -9.25
N ASP E 411 28.46 -43.58 -8.46
CA ASP E 411 29.44 -43.66 -7.37
C ASP E 411 28.76 -43.64 -6.00
N TRP E 412 27.81 -44.56 -5.83
CA TRP E 412 26.98 -44.67 -4.63
C TRP E 412 27.80 -44.59 -3.36
N ASN E 413 27.40 -43.71 -2.46
CA ASN E 413 28.00 -43.69 -1.14
C ASN E 413 26.99 -43.14 -0.15
N ILE E 414 26.78 -43.87 0.93
CA ILE E 414 25.89 -43.45 2.00
C ILE E 414 26.54 -43.82 3.32
N GLU E 415 26.50 -42.91 4.28
CA GLU E 415 27.05 -43.18 5.59
C GLU E 415 26.08 -42.76 6.67
N VAL E 416 25.79 -43.69 7.58
CA VAL E 416 25.09 -43.39 8.82
C VAL E 416 26.16 -43.29 9.91
N PHE E 417 26.03 -42.29 10.76
CA PHE E 417 26.93 -42.10 11.88
C PHE E 417 26.16 -42.46 13.14
N SER E 418 26.49 -43.61 13.71
CA SER E 418 25.69 -44.12 14.82
C SER E 418 26.38 -43.85 16.16
N LEU E 419 25.61 -43.98 17.23
CA LEU E 419 26.11 -43.64 18.55
C LEU E 419 25.38 -44.45 19.60
N GLU E 420 26.13 -45.20 20.39
CA GLU E 420 25.57 -45.82 21.57
C GLU E 420 25.65 -44.80 22.70
N HIS E 421 24.53 -44.59 23.39
CA HIS E 421 24.52 -43.63 24.47
C HIS E 421 23.48 -44.04 25.51
N ASN E 422 23.93 -44.31 26.73
CA ASN E 422 23.04 -44.64 27.85
C ASN E 422 22.10 -45.79 27.49
N GLY E 423 22.65 -46.84 26.87
CA GLY E 423 21.87 -48.02 26.56
C GLY E 423 20.96 -47.90 25.36
N ARG E 424 21.08 -46.83 24.58
CA ARG E 424 20.29 -46.65 23.37
C ARG E 424 21.21 -46.47 22.16
N LEU E 425 20.81 -47.01 21.02
CA LEU E 425 21.52 -46.83 19.77
C LEU E 425 20.82 -45.75 18.94
N TYR E 426 21.55 -44.68 18.63
CA TYR E 426 21.06 -43.57 17.81
C TYR E 426 21.75 -43.59 16.45
N HIS E 427 21.09 -43.04 15.45
CA HIS E 427 21.62 -42.94 14.08
C HIS E 427 21.51 -41.50 13.60
N PHE E 428 22.60 -40.98 13.02
CA PHE E 428 22.64 -39.59 12.53
C PHE E 428 23.06 -39.57 11.07
N GLY E 429 22.59 -38.53 10.37
CA GLY E 429 22.84 -38.36 8.95
C GLY E 429 24.17 -37.73 8.59
N SER E 430 24.94 -37.28 9.58
CA SER E 430 26.21 -36.63 9.31
C SER E 430 27.08 -36.74 10.56
N GLU E 431 28.39 -36.54 10.35
CA GLU E 431 29.34 -36.35 11.43
C GLU E 431 28.92 -35.22 12.37
N VAL E 432 28.46 -34.10 11.79
CA VAL E 432 28.18 -32.92 12.59
C VAL E 432 26.95 -33.15 13.46
N ASP E 433 25.94 -33.80 12.88
CA ASP E 433 24.72 -34.10 13.65
C ASP E 433 25.01 -34.98 14.85
N ARG E 434 25.84 -36.01 14.66
CA ARG E 434 26.32 -36.80 15.81
C ARG E 434 27.02 -35.89 16.83
N TRP E 435 27.89 -34.99 16.35
CA TRP E 435 28.59 -34.06 17.23
C TRP E 435 27.63 -33.14 17.97
N VAL E 436 26.59 -32.65 17.28
CA VAL E 436 25.63 -31.77 17.93
C VAL E 436 24.96 -32.49 19.09
N PHE E 437 24.59 -33.75 18.87
CA PHE E 437 24.01 -34.56 19.95
C PHE E 437 24.98 -34.65 21.14
N GLN E 438 26.25 -34.93 20.86
CA GLN E 438 27.21 -35.06 21.95
C GLN E 438 27.50 -33.75 22.67
N GLN E 439 27.22 -32.60 22.07
CA GLN E 439 27.42 -31.34 22.78
C GLN E 439 26.42 -31.15 23.92
N ASP E 440 25.24 -31.79 23.82
CA ASP E 440 24.18 -31.52 24.79
C ASP E 440 23.21 -32.70 24.88
N PRO E 441 23.66 -33.86 25.37
CA PRO E 441 22.82 -35.07 25.27
C PRO E 441 21.50 -34.94 25.99
N VAL E 442 21.47 -34.25 27.15
CA VAL E 442 20.24 -34.16 27.93
C VAL E 442 19.15 -33.43 27.13
N GLN E 443 19.54 -32.57 26.19
CA GLN E 443 18.57 -31.92 25.32
C GLN E 443 17.82 -32.92 24.43
N TYR E 444 18.46 -34.04 24.08
CA TYR E 444 18.00 -34.89 22.99
C TYR E 444 17.78 -36.36 23.34
N GLN E 445 18.37 -36.87 24.43
CA GLN E 445 18.61 -38.31 24.50
C GLN E 445 17.32 -39.12 24.60
N ASN E 446 16.26 -38.58 25.16
CA ASN E 446 15.03 -39.36 25.29
C ASN E 446 13.96 -38.96 24.28
N HIS E 447 14.27 -38.05 23.37
CA HIS E 447 13.40 -37.79 22.24
C HIS E 447 13.32 -39.02 21.34
N MET E 448 12.15 -39.26 20.78
CA MET E 448 11.95 -40.37 19.86
C MET E 448 11.51 -39.82 18.51
N ASN E 449 12.24 -40.17 17.47
CA ASN E 449 11.84 -39.68 16.16
C ASN E 449 10.63 -40.49 15.68
N ILE E 450 10.07 -40.12 14.51
CA ILE E 450 8.84 -40.75 14.05
C ILE E 450 9.02 -42.25 13.82
N VAL E 451 10.21 -42.67 13.39
CA VAL E 451 10.45 -44.09 13.19
C VAL E 451 10.65 -44.80 14.52
N ASP E 452 11.33 -44.15 15.48
CA ASP E 452 11.39 -44.68 16.83
C ASP E 452 9.99 -44.96 17.37
N ARG E 453 9.06 -44.02 17.17
CA ARG E 453 7.69 -44.22 17.62
C ARG E 453 7.01 -45.36 16.87
N PHE E 454 7.26 -45.45 15.55
CA PHE E 454 6.69 -46.51 14.72
C PHE E 454 7.04 -47.89 15.28
N LEU E 455 8.31 -48.11 15.62
CA LEU E 455 8.76 -49.40 16.10
C LEU E 455 8.42 -49.65 17.57
N ALA E 456 8.08 -48.60 18.32
CA ALA E 456 7.72 -48.72 19.72
C ALA E 456 6.23 -48.99 19.94
N GLY E 457 5.43 -49.13 18.89
CA GLY E 457 4.02 -49.41 19.03
C GLY E 457 3.11 -48.19 19.17
N GLN E 458 3.67 -46.98 19.10
CA GLN E 458 2.91 -45.74 19.26
C GLN E 458 2.10 -45.37 18.03
N ILE E 459 2.32 -46.02 16.89
CA ILE E 459 1.64 -45.72 15.64
C ILE E 459 0.86 -46.95 15.23
N GLN E 460 -0.47 -46.88 15.34
CA GLN E 460 -1.34 -48.03 15.09
C GLN E 460 -2.41 -47.64 14.08
N PRO E 461 -2.64 -48.44 13.02
CA PRO E 461 -1.87 -49.65 12.72
C PRO E 461 -0.45 -49.32 12.31
N MET E 462 0.45 -50.28 12.43
CA MET E 462 1.86 -50.08 12.10
C MET E 462 2.07 -50.27 10.61
N THR E 463 1.43 -49.39 9.84
CA THR E 463 1.45 -49.39 8.39
C THR E 463 1.64 -47.96 7.92
N LEU E 464 1.91 -47.80 6.63
CA LEU E 464 2.01 -46.45 6.06
C LEU E 464 0.71 -45.68 6.28
N ASP E 465 -0.44 -46.30 6.00
CA ASP E 465 -1.73 -45.71 6.28
C ASP E 465 -1.86 -45.28 7.75
N GLY E 466 -1.37 -46.11 8.67
CA GLY E 466 -1.48 -45.75 10.08
C GLY E 466 -0.61 -44.56 10.43
N ALA E 467 0.58 -44.48 9.84
CA ALA E 467 1.44 -43.33 10.04
C ALA E 467 0.79 -42.05 9.54
N LEU E 468 0.03 -42.14 8.43
CA LEU E 468 -0.62 -40.94 7.89
C LEU E 468 -1.70 -40.43 8.82
N LYS E 469 -2.49 -41.33 9.42
CA LYS E 469 -3.44 -40.90 10.44
C LYS E 469 -2.72 -40.29 11.64
N TYR E 470 -1.63 -40.92 12.07
CA TYR E 470 -0.84 -40.37 13.17
C TYR E 470 -0.29 -38.98 12.82
N MET E 471 0.14 -38.78 11.57
CA MET E 471 0.68 -37.48 11.18
C MET E 471 -0.37 -36.37 11.10
N GLY E 472 -1.66 -36.68 11.21
CA GLY E 472 -2.68 -35.63 11.32
C GLY E 472 -3.44 -35.33 10.06
N PHE E 473 -3.29 -36.13 9.00
CA PHE E 473 -4.05 -35.90 7.78
C PHE E 473 -5.52 -36.24 8.01
N GLN E 474 -6.40 -35.33 7.57
CA GLN E 474 -7.82 -35.45 7.83
C GLN E 474 -8.66 -35.75 6.59
N SER E 475 -8.05 -35.77 5.40
CA SER E 475 -8.76 -36.14 4.19
C SER E 475 -7.74 -36.52 3.12
N ILE E 476 -8.23 -37.24 2.10
CA ILE E 476 -7.39 -37.65 0.98
C ILE E 476 -6.76 -36.43 0.30
N GLU E 477 -7.50 -35.32 0.25
CA GLU E 477 -7.04 -34.14 -0.48
C GLU E 477 -5.78 -33.54 0.14
N GLU E 478 -5.60 -33.66 1.47
CA GLU E 478 -4.47 -32.99 2.07
C GLU E 478 -3.14 -33.72 1.87
N MET E 479 -3.17 -35.02 1.57
CA MET E 479 -1.94 -35.76 1.32
C MET E 479 -1.31 -35.29 0.03
N GLY E 480 0.00 -35.17 0.01
CA GLY E 480 0.72 -34.74 -1.15
C GLY E 480 0.66 -35.71 -2.32
N LYS E 481 0.65 -35.15 -3.51
CA LYS E 481 0.63 -35.89 -4.75
C LYS E 481 1.65 -35.20 -5.65
N ASP E 482 1.96 -35.79 -6.79
CA ASP E 482 2.89 -35.14 -7.72
C ASP E 482 2.25 -33.82 -8.15
N ALA E 483 3.01 -32.75 -8.16
CA ALA E 483 2.42 -31.44 -8.43
C ALA E 483 1.70 -31.36 -9.77
N HIS E 484 2.17 -32.08 -10.79
CA HIS E 484 1.59 -32.00 -12.13
C HIS E 484 0.78 -33.23 -12.51
N ASP E 485 0.44 -34.08 -11.54
N ASP E 485 0.48 -34.09 -11.54
CA ASP E 485 -0.15 -35.40 -11.80
CA ASP E 485 -0.16 -35.38 -11.81
C ASP E 485 0.62 -36.12 -12.91
C ASP E 485 0.60 -36.14 -12.89
N PHE E 486 1.94 -36.09 -12.80
CA PHE E 486 2.86 -36.79 -13.69
C PHE E 486 2.77 -36.34 -15.14
N ALA E 487 2.18 -35.16 -15.40
CA ALA E 487 2.15 -34.64 -16.75
C ALA E 487 3.55 -34.40 -17.30
N TRP E 488 4.56 -34.30 -16.43
CA TRP E 488 5.92 -34.14 -16.91
C TRP E 488 6.42 -35.36 -17.65
N ALA E 489 5.82 -36.53 -17.44
CA ALA E 489 6.25 -37.74 -18.14
C ALA E 489 5.94 -37.67 -19.63
N ASP E 490 4.97 -36.85 -20.05
CA ASP E 490 4.74 -36.61 -21.47
C ASP E 490 5.96 -36.01 -22.17
N LYS E 491 6.87 -35.40 -21.41
CA LYS E 491 8.09 -34.80 -21.94
C LYS E 491 9.25 -35.77 -22.06
N CYS E 492 9.12 -36.99 -21.53
CA CYS E 492 10.26 -37.90 -21.44
C CYS E 492 10.27 -38.99 -22.53
N SER F 2 -10.15 -46.20 6.16
CA SER F 2 -9.14 -45.37 5.51
C SER F 2 -9.53 -43.89 5.56
N PHE F 3 -9.17 -43.15 4.52
CA PHE F 3 -9.38 -41.72 4.49
C PHE F 3 -10.59 -41.37 3.62
N GLU F 4 -11.21 -40.24 3.94
CA GLU F 4 -12.42 -39.79 3.26
C GLU F 4 -12.13 -38.51 2.50
N SER F 5 -12.91 -38.27 1.45
CA SER F 5 -12.80 -37.03 0.69
C SER F 5 -13.60 -35.94 1.40
N LYS F 6 -13.01 -34.76 1.55
CA LYS F 6 -13.74 -33.65 2.15
C LYS F 6 -13.51 -32.39 1.33
N LYS F 7 -14.46 -31.47 1.43
CA LYS F 7 -14.43 -30.20 0.71
C LYS F 7 -13.53 -29.19 1.43
N PRO F 8 -12.97 -28.22 0.71
CA PRO F 8 -12.26 -27.13 1.39
C PRO F 8 -13.18 -26.41 2.37
N MET F 9 -12.56 -25.83 3.38
CA MET F 9 -13.25 -25.07 4.41
C MET F 9 -13.06 -23.57 4.16
N ARG F 10 -14.01 -22.77 4.66
CA ARG F 10 -13.90 -21.34 4.48
C ARG F 10 -12.87 -20.69 5.41
N THR F 11 -12.40 -21.41 6.42
CA THR F 11 -11.46 -20.88 7.40
C THR F 11 -10.62 -22.03 7.92
N TRP F 12 -9.80 -21.78 8.95
CA TRP F 12 -9.02 -22.85 9.54
C TRP F 12 -9.94 -23.96 10.06
N SER F 13 -9.41 -25.20 10.04
CA SER F 13 -10.21 -26.32 10.52
C SER F 13 -10.72 -26.09 11.93
N HIS F 14 -9.90 -25.50 12.80
CA HIS F 14 -10.32 -25.31 14.18
C HIS F 14 -11.35 -24.21 14.35
N LEU F 15 -11.56 -23.37 13.34
CA LEU F 15 -12.60 -22.34 13.41
C LEU F 15 -13.86 -22.69 12.62
N ALA F 16 -13.85 -23.81 11.87
CA ALA F 16 -14.93 -24.07 10.93
C ALA F 16 -16.29 -24.27 11.61
N GLU F 17 -16.32 -24.52 12.91
CA GLU F 17 -17.58 -24.72 13.63
C GLU F 17 -18.11 -23.46 14.29
N MET F 18 -17.43 -22.33 14.15
CA MET F 18 -17.98 -21.06 14.61
C MET F 18 -19.29 -20.78 13.91
N ARG F 19 -20.21 -20.16 14.66
CA ARG F 19 -21.49 -19.78 14.07
C ARG F 19 -21.32 -18.67 13.03
N LYS F 20 -20.42 -17.73 13.29
CA LYS F 20 -20.24 -16.55 12.46
C LYS F 20 -18.96 -16.65 11.63
N LYS F 21 -18.79 -15.69 10.74
CA LYS F 21 -17.57 -15.60 9.94
C LYS F 21 -16.39 -15.20 10.84
N PRO F 22 -15.26 -15.89 10.77
CA PRO F 22 -14.14 -15.56 11.66
C PRO F 22 -13.56 -14.17 11.38
N SER F 23 -13.23 -13.46 12.45
CA SER F 23 -12.63 -12.14 12.39
C SER F 23 -11.14 -12.25 12.08
N GLU F 24 -10.54 -11.13 11.62
CA GLU F 24 -9.09 -11.04 11.51
C GLU F 24 -8.42 -11.50 12.81
N TYR F 25 -8.95 -11.05 13.95
CA TYR F 25 -8.41 -11.47 15.24
C TYR F 25 -8.46 -13.00 15.40
N ASP F 26 -9.59 -13.62 15.09
CA ASP F 26 -9.71 -15.08 15.19
C ASP F 26 -8.68 -15.78 14.32
N ILE F 27 -8.53 -15.32 13.08
CA ILE F 27 -7.67 -15.96 12.10
C ILE F 27 -6.21 -15.94 12.55
N VAL F 28 -5.73 -14.81 13.06
CA VAL F 28 -4.29 -14.65 13.29
C VAL F 28 -3.87 -14.85 14.73
N SER F 29 -4.80 -15.04 15.68
CA SER F 29 -4.44 -15.08 17.09
C SER F 29 -4.73 -16.40 17.81
N ARG F 30 -5.66 -17.23 17.32
CA ARG F 30 -6.18 -18.31 18.15
C ARG F 30 -5.42 -19.62 17.96
N LYS F 31 -5.18 -20.31 19.09
CA LYS F 31 -4.65 -21.68 19.10
C LYS F 31 -3.30 -21.81 18.38
N LEU F 32 -2.36 -20.94 18.74
CA LEU F 32 -1.05 -21.00 18.10
C LEU F 32 0.02 -21.67 18.97
N HIS F 33 -0.23 -21.87 20.26
CA HIS F 33 0.75 -22.52 21.14
C HIS F 33 0.67 -24.02 20.90
N TYR F 34 1.56 -24.55 20.09
CA TYR F 34 1.62 -26.00 19.98
C TYR F 34 2.27 -26.64 21.19
N SER F 35 2.93 -25.86 22.04
CA SER F 35 3.61 -26.40 23.22
C SER F 35 2.65 -26.86 24.31
N THR F 36 1.34 -26.65 24.14
CA THR F 36 0.35 -27.20 25.06
C THR F 36 -0.24 -28.52 24.57
N ASN F 37 0.19 -29.02 23.40
CA ASN F 37 -0.45 -30.22 22.85
C ASN F 37 -0.04 -31.49 23.58
N ASN F 38 1.25 -31.65 23.87
N ASN F 38 1.25 -31.65 23.87
CA ASN F 38 1.77 -32.86 24.51
CA ASN F 38 1.75 -32.88 24.49
C ASN F 38 2.11 -32.58 25.96
C ASN F 38 2.13 -32.63 25.95
N PRO F 39 1.37 -33.13 26.92
CA PRO F 39 1.71 -32.89 28.33
C PRO F 39 3.10 -33.36 28.73
N ASP F 40 3.60 -34.44 28.11
CA ASP F 40 4.91 -34.99 28.48
C ASP F 40 6.07 -34.18 27.89
N SER F 41 5.89 -33.64 26.69
CA SER F 41 6.95 -32.89 25.99
C SER F 41 6.33 -31.64 25.41
N PRO F 42 6.24 -30.57 26.20
CA PRO F 42 5.81 -29.27 25.63
C PRO F 42 6.54 -28.93 24.35
N TRP F 43 7.86 -29.02 24.36
CA TRP F 43 8.71 -28.74 23.23
C TRP F 43 9.23 -30.03 22.62
N GLU F 44 9.52 -29.97 21.32
CA GLU F 44 9.87 -31.15 20.52
C GLU F 44 11.33 -31.54 20.76
N LEU F 45 11.63 -31.88 22.01
CA LEU F 45 12.96 -32.28 22.44
C LEU F 45 12.81 -33.46 23.41
N SER F 46 13.89 -33.79 24.11
CA SER F 46 13.82 -34.84 25.11
C SER F 46 12.80 -34.43 26.15
N PRO F 47 11.88 -35.32 26.56
CA PRO F 47 10.83 -34.88 27.51
C PRO F 47 11.39 -34.32 28.80
N ASP F 48 12.62 -34.66 29.19
CA ASP F 48 13.21 -34.08 30.39
C ASP F 48 14.37 -33.13 30.07
N SER F 49 14.37 -32.54 28.87
CA SER F 49 15.25 -31.42 28.62
C SER F 49 14.94 -30.28 29.61
N PRO F 50 15.91 -29.41 29.90
CA PRO F 50 15.68 -28.41 30.95
C PRO F 50 14.46 -27.54 30.71
N MET F 51 14.22 -27.13 29.46
CA MET F 51 13.11 -26.22 29.22
C MET F 51 11.77 -26.96 29.27
N ASN F 52 11.74 -28.24 28.87
CA ASN F 52 10.54 -29.06 29.08
C ASN F 52 10.22 -29.22 30.57
N LEU F 53 11.23 -29.43 31.39
CA LEU F 53 11.01 -29.49 32.85
C LEU F 53 10.48 -28.16 33.37
N TRP F 54 11.05 -27.04 32.91
CA TRP F 54 10.58 -25.72 33.33
C TRP F 54 9.10 -25.54 33.03
N TYR F 55 8.68 -25.87 31.79
CA TYR F 55 7.28 -25.64 31.41
C TYR F 55 6.33 -26.61 32.11
N LYS F 56 6.78 -27.84 32.35
CA LYS F 56 5.90 -28.76 33.07
C LYS F 56 5.70 -28.32 34.52
N GLN F 57 6.73 -27.75 35.13
CA GLN F 57 6.58 -27.23 36.50
C GLN F 57 5.77 -25.93 36.53
N TYR F 58 6.12 -24.97 35.67
CA TYR F 58 5.65 -23.59 35.84
C TYR F 58 4.46 -23.22 34.97
N ARG F 59 4.13 -24.00 33.96
CA ARG F 59 2.89 -23.82 33.24
C ARG F 59 1.92 -24.97 33.49
N ASN F 60 2.28 -26.20 33.08
CA ASN F 60 1.31 -27.30 33.15
C ASN F 60 0.86 -27.56 34.58
N ALA F 61 1.77 -27.47 35.55
CA ALA F 61 1.46 -27.78 36.95
C ALA F 61 0.92 -26.59 37.74
N SER F 62 0.62 -25.47 37.09
CA SER F 62 0.06 -24.33 37.80
C SER F 62 -1.26 -24.73 38.47
N PRO F 63 -1.48 -24.30 39.72
CA PRO F 63 -2.78 -24.60 40.36
C PRO F 63 -3.93 -23.88 39.70
N LEU F 64 -3.68 -22.88 38.86
CA LEU F 64 -4.73 -22.23 38.07
C LEU F 64 -5.01 -23.10 36.85
N LYS F 65 -6.22 -23.65 36.77
CA LYS F 65 -6.54 -24.71 35.81
C LYS F 65 -7.78 -24.37 35.01
N HIS F 66 -7.76 -24.73 33.73
CA HIS F 66 -8.89 -24.56 32.84
C HIS F 66 -8.72 -25.56 31.71
N ASP F 67 -9.80 -26.23 31.31
CA ASP F 67 -9.68 -27.22 30.25
C ASP F 67 -9.59 -26.59 28.86
N ASN F 68 -9.87 -25.29 28.72
CA ASN F 68 -9.81 -24.63 27.42
C ASN F 68 -9.33 -23.18 27.54
N TRP F 69 -8.08 -23.00 27.98
CA TRP F 69 -7.47 -21.68 27.98
C TRP F 69 -7.50 -21.02 26.60
N ASP F 70 -7.45 -21.81 25.53
CA ASP F 70 -7.39 -21.25 24.18
C ASP F 70 -8.64 -20.47 23.82
N ALA F 71 -9.76 -20.73 24.50
CA ALA F 71 -10.99 -20.03 24.24
C ALA F 71 -10.95 -18.58 24.70
N PHE F 72 -9.93 -18.17 25.45
CA PHE F 72 -9.85 -16.80 25.93
C PHE F 72 -9.86 -15.82 24.76
N THR F 73 -10.54 -14.69 24.95
CA THR F 73 -10.63 -13.66 23.91
C THR F 73 -10.25 -12.31 24.48
N ASP F 74 -9.30 -11.64 23.83
CA ASP F 74 -9.03 -10.24 24.14
C ASP F 74 -10.30 -9.43 23.92
N PRO F 75 -10.83 -8.77 24.96
CA PRO F 75 -12.06 -7.99 24.76
C PRO F 75 -11.89 -6.87 23.74
N ASP F 76 -10.67 -6.37 23.55
CA ASP F 76 -10.40 -5.39 22.50
C ASP F 76 -10.08 -6.03 21.14
N GLN F 77 -9.90 -7.35 21.09
CA GLN F 77 -9.57 -8.09 19.86
C GLN F 77 -8.46 -7.43 19.06
N LEU F 78 -7.41 -6.99 19.75
CA LEU F 78 -6.29 -6.33 19.07
C LEU F 78 -5.40 -7.34 18.39
N VAL F 79 -4.94 -6.98 17.18
CA VAL F 79 -3.88 -7.69 16.49
C VAL F 79 -2.72 -6.71 16.29
N TYR F 80 -1.60 -7.21 15.80
CA TYR F 80 -0.44 -6.35 15.61
C TYR F 80 -0.79 -5.13 14.76
N ARG F 81 -1.47 -5.36 13.64
CA ARG F 81 -1.83 -4.27 12.74
C ARG F 81 -2.64 -3.18 13.46
N THR F 82 -3.69 -3.57 14.20
CA THR F 82 -4.53 -2.54 14.81
C THR F 82 -3.91 -1.95 16.07
N TYR F 83 -3.03 -2.68 16.75
CA TYR F 83 -2.28 -2.09 17.85
C TYR F 83 -1.42 -0.93 17.35
N ASN F 84 -0.66 -1.14 16.26
CA ASN F 84 0.19 -0.08 15.73
C ASN F 84 -0.62 1.09 15.22
N LEU F 85 -1.75 0.81 14.56
CA LEU F 85 -2.62 1.89 14.12
C LEU F 85 -3.04 2.73 15.31
N MET F 86 -3.55 2.06 16.35
CA MET F 86 -3.98 2.75 17.56
C MET F 86 -2.84 3.53 18.19
N GLN F 87 -1.70 2.87 18.39
CA GLN F 87 -0.64 3.50 19.16
C GLN F 87 0.10 4.55 18.38
N ASP F 88 0.15 4.43 17.05
CA ASP F 88 0.77 5.52 16.30
C ASP F 88 -0.04 6.80 16.48
N GLY F 89 -1.37 6.68 16.55
CA GLY F 89 -2.19 7.85 16.84
C GLY F 89 -1.95 8.43 18.22
N GLN F 90 -1.98 7.58 19.25
CA GLN F 90 -1.72 8.04 20.61
C GLN F 90 -0.30 8.56 20.77
N GLU F 91 0.68 7.86 20.20
CA GLU F 91 2.05 8.28 20.45
C GLU F 91 2.40 9.53 19.64
N SER F 92 1.79 9.72 18.47
CA SER F 92 2.04 10.98 17.77
C SER F 92 1.35 12.13 18.47
N TYR F 93 0.18 11.89 19.08
CA TYR F 93 -0.41 12.86 19.99
C TYR F 93 0.54 13.24 21.13
N VAL F 94 1.12 12.25 21.81
CA VAL F 94 2.02 12.55 22.94
C VAL F 94 3.23 13.32 22.45
N GLN F 95 3.79 12.92 21.31
CA GLN F 95 4.97 13.62 20.79
C GLN F 95 4.63 15.04 20.37
N SER F 96 3.41 15.27 19.89
CA SER F 96 3.00 16.64 19.55
C SER F 96 2.86 17.48 20.81
N LEU F 97 2.38 16.89 21.90
CA LEU F 97 2.35 17.57 23.19
C LEU F 97 3.76 17.96 23.63
N PHE F 98 4.68 16.99 23.60
CA PHE F 98 6.07 17.28 23.96
C PHE F 98 6.60 18.46 23.16
N ASP F 99 6.37 18.47 21.85
CA ASP F 99 6.87 19.53 20.99
C ASP F 99 6.29 20.88 21.40
N GLN F 100 4.97 20.95 21.55
CA GLN F 100 4.31 22.24 21.78
C GLN F 100 4.59 22.76 23.18
N PHE F 101 4.66 21.88 24.16
CA PHE F 101 4.96 22.34 25.51
C PHE F 101 6.40 22.79 25.62
N ASN F 102 7.30 22.21 24.84
CA ASN F 102 8.68 22.71 24.81
C ASN F 102 8.76 24.08 24.12
N GLU F 103 7.99 24.27 23.05
CA GLU F 103 7.95 25.59 22.42
C GLU F 103 7.44 26.64 23.37
N ARG F 104 6.53 26.26 24.26
N ARG F 104 6.53 26.25 24.27
CA ARG F 104 5.94 27.16 25.25
CA ARG F 104 5.94 27.15 25.25
C ARG F 104 6.84 27.40 26.44
C ARG F 104 6.79 27.33 26.49
N GLU F 105 7.94 26.66 26.58
CA GLU F 105 8.83 26.78 27.73
C GLU F 105 8.11 26.37 29.01
N HIS F 106 7.26 25.34 28.90
CA HIS F 106 6.43 24.92 30.03
C HIS F 106 7.29 24.61 31.27
N ASP F 107 8.40 23.90 31.08
CA ASP F 107 9.19 23.46 32.24
C ASP F 107 9.72 24.64 33.05
N GLN F 108 9.93 25.80 32.41
CA GLN F 108 10.41 26.97 33.12
C GLN F 108 9.39 27.53 34.11
N MET F 109 8.10 27.23 33.93
CA MET F 109 7.02 27.87 34.67
C MET F 109 6.41 26.98 35.75
N VAL F 110 6.96 25.80 35.98
CA VAL F 110 6.50 24.97 37.10
C VAL F 110 6.86 25.64 38.42
N ARG F 111 6.10 25.30 39.46
CA ARG F 111 6.31 25.90 40.76
C ARG F 111 7.72 25.58 41.27
N GLU F 112 8.31 26.52 42.01
CA GLU F 112 9.68 26.36 42.45
C GLU F 112 9.85 25.08 43.26
N GLY F 113 10.91 24.33 42.96
CA GLY F 113 11.19 23.08 43.61
C GLY F 113 10.62 21.85 42.93
N TRP F 114 9.72 22.02 41.96
CA TRP F 114 9.09 20.87 41.34
C TRP F 114 10.12 19.98 40.63
N GLU F 115 11.20 20.57 40.12
CA GLU F 115 12.22 19.78 39.47
C GLU F 115 12.88 18.80 40.44
N HIS F 116 12.94 19.16 41.72
CA HIS F 116 13.49 18.22 42.70
C HIS F 116 12.49 17.12 43.04
N THR F 117 11.19 17.44 43.05
CA THR F 117 10.19 16.39 43.22
C THR F 117 10.23 15.40 42.05
N MET F 118 10.35 15.92 40.82
CA MET F 118 10.46 15.05 39.65
C MET F 118 11.72 14.19 39.72
N ALA F 119 12.87 14.78 40.03
CA ALA F 119 14.11 14.02 40.09
C ALA F 119 13.99 12.86 41.07
N ARG F 120 13.25 13.05 42.15
CA ARG F 120 13.12 12.09 43.23
C ARG F 120 12.02 11.06 42.96
N CYS F 121 10.85 11.53 42.50
CA CYS F 121 9.64 10.74 42.47
C CYS F 121 9.18 10.34 41.08
N TYR F 122 9.76 10.93 40.03
CA TYR F 122 9.31 10.64 38.67
C TYR F 122 10.39 9.96 37.85
N SER F 123 11.58 10.56 37.74
CA SER F 123 12.59 9.98 36.87
C SER F 123 12.98 8.54 37.25
N PRO F 124 13.00 8.12 38.52
CA PRO F 124 13.30 6.69 38.79
C PRO F 124 12.19 5.74 38.37
N LEU F 125 11.05 6.22 37.88
CA LEU F 125 10.03 5.31 37.37
C LEU F 125 10.50 4.49 36.18
N ARG F 126 11.58 4.90 35.51
CA ARG F 126 12.05 4.07 34.40
C ARG F 126 12.46 2.68 34.88
N TYR F 127 12.92 2.56 36.13
CA TYR F 127 13.23 1.25 36.68
C TYR F 127 11.96 0.43 36.92
N LEU F 128 10.96 1.06 37.52
CA LEU F 128 9.69 0.37 37.76
C LEU F 128 9.04 -0.04 36.46
N PHE F 129 9.04 0.85 35.46
CA PHE F 129 8.41 0.52 34.19
C PHE F 129 9.18 -0.59 33.47
N HIS F 130 10.50 -0.60 33.60
CA HIS F 130 11.24 -1.71 33.00
C HIS F 130 10.95 -3.03 33.70
N CYS F 131 10.73 -3.03 35.02
CA CYS F 131 10.32 -4.27 35.69
C CYS F 131 8.98 -4.77 35.17
N LEU F 132 8.01 -3.85 34.92
CA LEU F 132 6.75 -4.27 34.32
C LEU F 132 6.95 -4.85 32.93
N GLN F 133 7.86 -4.24 32.15
CA GLN F 133 8.20 -4.76 30.84
C GLN F 133 8.77 -6.19 30.92
N MET F 134 9.75 -6.41 31.80
CA MET F 134 10.31 -7.75 31.97
C MET F 134 9.27 -8.73 32.49
N SER F 135 8.43 -8.28 33.43
CA SER F 135 7.43 -9.16 34.00
C SER F 135 6.37 -9.53 32.97
N SER F 136 5.94 -8.56 32.15
CA SER F 136 4.98 -8.86 31.10
C SER F 136 5.56 -9.84 30.08
N ALA F 137 6.84 -9.69 29.73
CA ALA F 137 7.48 -10.63 28.82
C ALA F 137 7.47 -12.04 29.39
N TYR F 138 7.64 -12.18 30.71
CA TYR F 138 7.60 -13.52 31.29
C TYR F 138 6.21 -14.14 31.21
N VAL F 139 5.16 -13.37 31.54
CA VAL F 139 3.82 -13.95 31.45
C VAL F 139 3.53 -14.35 30.01
N GLN F 140 4.00 -13.53 29.06
CA GLN F 140 3.89 -13.86 27.64
C GLN F 140 4.41 -15.25 27.32
N GLN F 141 5.66 -15.55 27.72
CA GLN F 141 6.26 -16.80 27.29
C GLN F 141 5.68 -17.99 28.05
N MET F 142 5.13 -17.78 29.24
CA MET F 142 4.58 -18.87 30.04
C MET F 142 3.08 -19.10 29.87
N ALA F 143 2.33 -18.13 29.33
CA ALA F 143 0.87 -18.27 29.35
C ALA F 143 0.45 -19.46 28.49
N PRO F 144 -0.62 -20.16 28.89
CA PRO F 144 -0.98 -21.40 28.19
C PRO F 144 -1.92 -21.22 27.00
N ALA F 145 -2.03 -20.01 26.46
CA ALA F 145 -2.84 -19.82 25.25
C ALA F 145 -2.31 -18.62 24.48
N SER F 146 -2.31 -18.70 23.14
CA SER F 146 -1.77 -17.59 22.36
C SER F 146 -2.56 -16.32 22.53
N THR F 147 -3.89 -16.40 22.71
CA THR F 147 -4.64 -15.16 22.91
C THR F 147 -4.25 -14.47 24.22
N ILE F 148 -3.88 -15.23 25.26
CA ILE F 148 -3.37 -14.60 26.47
C ILE F 148 -2.00 -13.98 26.20
N SER F 149 -1.11 -14.76 25.58
CA SER F 149 0.25 -14.30 25.29
C SER F 149 0.24 -13.03 24.46
N ASN F 150 -0.65 -12.95 23.47
CA ASN F 150 -0.71 -11.76 22.62
C ASN F 150 -1.03 -10.52 23.45
N CYS F 151 -1.94 -10.63 24.40
CA CYS F 151 -2.22 -9.49 25.29
C CYS F 151 -0.98 -9.10 26.06
N CYS F 152 -0.18 -10.10 26.48
CA CYS F 152 1.04 -9.85 27.21
C CYS F 152 2.11 -9.21 26.33
N ILE F 153 2.20 -9.61 25.05
CA ILE F 153 3.15 -8.94 24.14
C ILE F 153 2.85 -7.45 24.05
N LEU F 154 1.58 -7.11 23.83
CA LEU F 154 1.24 -5.71 23.67
C LEU F 154 1.44 -4.95 24.98
N GLN F 155 1.21 -5.61 26.11
CA GLN F 155 1.44 -4.98 27.40
C GLN F 155 2.94 -4.78 27.64
N THR F 156 3.78 -5.72 27.15
CA THR F 156 5.24 -5.52 27.20
C THR F 156 5.64 -4.30 26.38
N ALA F 157 5.10 -4.16 25.17
CA ALA F 157 5.40 -2.98 24.35
C ALA F 157 4.91 -1.70 25.03
N ASP F 158 3.72 -1.74 25.67
CA ASP F 158 3.23 -0.54 26.36
C ASP F 158 4.14 -0.16 27.52
N SER F 159 4.69 -1.16 28.23
CA SER F 159 5.60 -0.84 29.33
C SER F 159 6.84 -0.13 28.83
N LEU F 160 7.39 -0.60 27.70
CA LEU F 160 8.53 0.09 27.11
C LEU F 160 8.14 1.50 26.66
N ARG F 161 6.92 1.67 26.16
CA ARG F 161 6.41 3.00 25.82
C ARG F 161 6.49 3.95 27.00
N TRP F 162 6.01 3.49 28.18
CA TRP F 162 6.06 4.32 29.38
C TRP F 162 7.49 4.58 29.81
N LEU F 163 8.33 3.56 29.76
CA LEU F 163 9.75 3.75 30.05
C LEU F 163 10.34 4.84 29.16
N THR F 164 9.99 4.82 27.87
CA THR F 164 10.57 5.76 26.92
C THR F 164 10.07 7.20 27.16
N HIS F 165 8.77 7.36 27.48
CA HIS F 165 8.25 8.66 27.93
C HIS F 165 9.10 9.22 29.07
N THR F 166 9.36 8.40 30.07
CA THR F 166 10.06 8.84 31.26
C THR F 166 11.49 9.22 30.95
N ALA F 167 12.16 8.42 30.11
CA ALA F 167 13.52 8.74 29.68
C ALA F 167 13.55 10.05 28.91
N TYR F 168 12.62 10.23 27.97
CA TYR F 168 12.56 11.47 27.20
C TYR F 168 12.37 12.68 28.11
N ARG F 169 11.41 12.60 29.03
CA ARG F 169 11.09 13.75 29.87
C ARG F 169 12.18 14.03 30.90
N THR F 170 12.84 12.98 31.39
CA THR F 170 13.95 13.15 32.33
C THR F 170 15.06 13.97 31.68
N HIS F 171 15.41 13.62 30.45
CA HIS F 171 16.43 14.36 29.73
C HIS F 171 15.97 15.79 29.44
N GLU F 172 14.73 15.94 28.96
CA GLU F 172 14.26 17.28 28.62
C GLU F 172 14.20 18.17 29.87
N LEU F 173 13.69 17.63 30.98
CA LEU F 173 13.69 18.39 32.22
C LEU F 173 15.11 18.76 32.65
N SER F 174 16.07 17.86 32.44
CA SER F 174 17.47 18.15 32.78
C SER F 174 18.02 19.38 32.05
N LEU F 175 17.44 19.73 30.91
CA LEU F 175 17.97 20.84 30.12
C LEU F 175 17.59 22.18 30.71
N THR F 176 16.42 22.27 31.33
CA THR F 176 16.04 23.47 32.07
C THR F 176 16.58 23.46 33.49
N TYR F 177 16.76 22.28 34.10
CA TYR F 177 17.19 22.16 35.49
C TYR F 177 18.42 21.26 35.57
N PRO F 178 19.60 21.78 35.22
CA PRO F 178 20.80 20.92 35.14
C PRO F 178 21.41 20.58 36.49
N ASP F 179 20.94 21.17 37.59
CA ASP F 179 21.55 20.97 38.91
C ASP F 179 20.64 20.19 39.86
N ALA F 180 19.90 19.21 39.34
CA ALA F 180 18.97 18.45 40.15
C ALA F 180 19.21 16.95 40.13
N GLY F 181 20.26 16.47 39.43
CA GLY F 181 20.52 15.05 39.30
C GLY F 181 19.64 14.30 38.33
N LEU F 182 18.88 15.01 37.50
CA LEU F 182 18.02 14.38 36.50
C LEU F 182 18.86 13.66 35.45
N GLY F 183 18.61 12.37 35.28
CA GLY F 183 19.41 11.58 34.36
C GLY F 183 20.76 11.15 34.89
N GLU F 184 21.03 11.38 36.17
CA GLU F 184 22.30 11.00 36.76
C GLU F 184 22.15 10.08 37.96
N HIS F 185 21.15 10.30 38.80
CA HIS F 185 21.13 9.64 40.10
C HIS F 185 19.97 8.64 40.25
N GLU F 186 19.26 8.31 39.17
CA GLU F 186 18.05 7.49 39.34
C GLU F 186 18.36 6.08 39.85
N ARG F 187 19.47 5.48 39.39
CA ARG F 187 19.81 4.15 39.89
C ARG F 187 20.04 4.16 41.39
N GLU F 188 20.74 5.17 41.90
CA GLU F 188 20.99 5.25 43.33
C GLU F 188 19.70 5.46 44.12
N LEU F 189 18.76 6.25 43.57
CA LEU F 189 17.49 6.44 44.26
C LEU F 189 16.70 5.13 44.29
N TRP F 190 16.62 4.45 43.16
CA TRP F 190 15.93 3.17 43.09
C TRP F 190 16.53 2.17 44.08
N GLU F 191 17.86 2.17 44.20
CA GLU F 191 18.50 1.19 45.07
C GLU F 191 18.49 1.59 46.54
N LYS F 192 18.57 2.89 46.86
CA LYS F 192 18.83 3.31 48.23
C LYS F 192 17.75 4.19 48.87
N GLU F 193 16.92 4.87 48.10
CA GLU F 193 15.97 5.82 48.70
C GLU F 193 14.80 5.07 49.34
N PRO F 194 14.46 5.37 50.60
CA PRO F 194 13.36 4.62 51.27
C PRO F 194 12.07 4.56 50.47
N GLY F 195 11.62 5.69 49.91
CA GLY F 195 10.36 5.73 49.18
C GLY F 195 10.29 4.76 48.01
N TRP F 196 11.44 4.33 47.48
CA TRP F 196 11.47 3.37 46.38
C TRP F 196 11.67 1.92 46.83
N GLN F 197 12.04 1.68 48.10
CA GLN F 197 12.43 0.33 48.49
C GLN F 197 11.23 -0.61 48.61
N GLY F 198 10.04 -0.11 48.93
CA GLY F 198 8.87 -0.96 48.91
C GLY F 198 8.53 -1.44 47.50
N LEU F 199 8.62 -0.53 46.52
CA LEU F 199 8.39 -0.93 45.13
C LEU F 199 9.50 -1.86 44.62
N ARG F 200 10.76 -1.56 44.95
CA ARG F 200 11.83 -2.41 44.42
C ARG F 200 11.78 -3.80 45.05
N GLU F 201 11.44 -3.89 46.34
CA GLU F 201 11.25 -5.19 46.97
C GLU F 201 10.12 -5.96 46.30
N LEU F 202 9.00 -5.28 46.01
CA LEU F 202 7.87 -5.93 45.36
C LEU F 202 8.22 -6.48 43.98
N MET F 203 8.92 -5.69 43.15
CA MET F 203 9.21 -6.19 41.80
C MET F 203 10.27 -7.27 41.80
N GLU F 204 11.30 -7.13 42.64
CA GLU F 204 12.33 -8.18 42.68
C GLU F 204 11.70 -9.52 43.06
N LYS F 205 10.79 -9.51 44.03
CA LYS F 205 10.09 -10.73 44.41
C LYS F 205 9.12 -11.16 43.32
N GLN F 206 8.37 -10.21 42.74
CA GLN F 206 7.39 -10.58 41.71
C GLN F 206 8.09 -11.19 40.50
N LEU F 207 9.27 -10.69 40.15
CA LEU F 207 10.01 -11.22 39.01
C LEU F 207 10.53 -12.62 39.26
N THR F 208 10.48 -13.12 40.49
CA THR F 208 10.93 -14.48 40.79
C THR F 208 9.76 -15.42 41.09
N ALA F 209 8.53 -14.99 40.79
CA ALA F 209 7.36 -15.85 40.83
C ALA F 209 7.23 -16.49 39.45
N PHE F 210 7.68 -17.74 39.33
CA PHE F 210 7.80 -18.31 38.00
C PHE F 210 6.56 -19.09 37.57
N ASP F 211 5.65 -19.40 38.48
CA ASP F 211 4.39 -20.01 38.07
C ASP F 211 3.58 -19.01 37.25
N TRP F 212 3.12 -19.44 36.06
CA TRP F 212 2.48 -18.49 35.15
C TRP F 212 1.25 -17.84 35.77
N GLY F 213 0.45 -18.62 36.51
CA GLY F 213 -0.74 -18.06 37.11
C GLY F 213 -0.41 -17.05 38.18
N GLU F 214 0.55 -17.38 39.05
CA GLU F 214 0.93 -16.43 40.08
C GLU F 214 1.60 -15.20 39.47
N ALA F 215 2.40 -15.41 38.42
CA ALA F 215 3.01 -14.28 37.71
C ALA F 215 1.93 -13.35 37.17
N PHE F 216 0.92 -13.91 36.49
CA PHE F 216 -0.19 -13.10 35.98
C PHE F 216 -0.96 -12.39 37.10
N VAL F 217 -1.32 -13.11 38.16
CA VAL F 217 -2.15 -12.51 39.20
C VAL F 217 -1.39 -11.38 39.91
N SER F 218 -0.16 -11.66 40.32
CA SER F 218 0.62 -10.65 41.02
C SER F 218 0.88 -9.44 40.13
N LEU F 219 1.19 -9.67 38.85
CA LEU F 219 1.49 -8.55 37.96
C LEU F 219 0.23 -7.75 37.64
N ASN F 220 -0.81 -8.42 37.13
CA ASN F 220 -1.93 -7.69 36.57
C ASN F 220 -3.04 -7.40 37.56
N LEU F 221 -3.22 -8.24 38.56
CA LEU F 221 -4.28 -7.97 39.51
C LEU F 221 -3.80 -7.30 40.78
N VAL F 222 -2.49 -7.24 41.06
CA VAL F 222 -2.02 -6.60 42.28
C VAL F 222 -1.10 -5.42 41.97
N VAL F 223 0.01 -5.68 41.28
CA VAL F 223 0.99 -4.63 41.02
C VAL F 223 0.38 -3.52 40.18
N LYS F 224 -0.10 -3.85 38.99
CA LYS F 224 -0.50 -2.82 38.04
C LYS F 224 -1.64 -1.95 38.56
N PRO F 225 -2.71 -2.48 39.18
CA PRO F 225 -3.73 -1.59 39.79
C PRO F 225 -3.18 -0.68 40.88
N MET F 226 -2.23 -1.18 41.68
CA MET F 226 -1.59 -0.34 42.70
C MET F 226 -0.86 0.84 42.05
N ILE F 227 -0.18 0.61 40.93
CA ILE F 227 0.55 1.68 40.27
C ILE F 227 -0.42 2.75 39.77
N VAL F 228 -1.56 2.32 39.23
CA VAL F 228 -2.59 3.28 38.82
C VAL F 228 -3.06 4.11 40.01
N GLU F 229 -3.43 3.43 41.10
CA GLU F 229 -4.07 4.13 42.22
C GLU F 229 -3.07 4.97 43.02
N SER F 230 -1.84 4.48 43.18
CA SER F 230 -0.91 5.05 44.14
C SER F 230 0.28 5.77 43.53
N ILE F 231 0.47 5.73 42.21
CA ILE F 231 1.57 6.44 41.58
C ILE F 231 1.05 7.39 40.51
N PHE F 232 0.32 6.85 39.53
CA PHE F 232 -0.14 7.66 38.41
C PHE F 232 -1.06 8.79 38.89
N LYS F 233 -2.10 8.45 39.64
CA LYS F 233 -3.08 9.48 40.00
C LYS F 233 -2.53 10.48 41.02
N PRO F 234 -1.79 10.04 42.07
CA PRO F 234 -1.17 11.04 42.96
C PRO F 234 -0.18 11.95 42.25
N LEU F 235 0.54 11.46 41.24
CA LEU F 235 1.44 12.31 40.47
C LEU F 235 0.66 13.38 39.70
N GLN F 236 -0.49 13.01 39.12
CA GLN F 236 -1.34 14.01 38.47
C GLN F 236 -1.79 15.08 39.43
N GLN F 237 -2.21 14.69 40.64
CA GLN F 237 -2.63 15.67 41.64
C GLN F 237 -1.49 16.61 42.01
N GLN F 238 -0.30 16.06 42.26
CA GLN F 238 0.83 16.89 42.64
C GLN F 238 1.24 17.81 41.50
N ALA F 239 1.20 17.31 40.25
CA ALA F 239 1.51 18.16 39.11
C ALA F 239 0.56 19.35 39.07
N TYR F 240 -0.74 19.10 39.28
CA TYR F 240 -1.73 20.17 39.32
C TYR F 240 -1.36 21.22 40.35
N GLU F 241 -0.91 20.78 41.53
CA GLU F 241 -0.55 21.70 42.59
C GLU F 241 0.74 22.46 42.32
N ASN F 242 1.54 22.03 41.32
CA ASN F 242 2.82 22.63 41.04
C ASN F 242 2.92 23.23 39.63
N ASN F 243 1.77 23.52 39.01
CA ASN F 243 1.68 24.13 37.67
C ASN F 243 2.44 23.35 36.60
N ASP F 244 2.47 22.02 36.74
CA ASP F 244 2.91 21.14 35.66
C ASP F 244 1.65 20.71 34.93
N THR F 245 1.41 21.29 33.75
CA THR F 245 0.24 20.92 32.96
C THR F 245 0.56 19.86 31.90
N LEU F 246 1.85 19.55 31.69
CA LEU F 246 2.17 18.49 30.75
C LEU F 246 1.96 17.11 31.36
N LEU F 247 2.50 16.91 32.57
CA LEU F 247 2.47 15.57 33.17
C LEU F 247 1.07 15.00 33.31
N PRO F 248 0.02 15.74 33.69
CA PRO F 248 -1.31 15.13 33.74
C PRO F 248 -1.81 14.64 32.39
N LEU F 249 -1.51 15.37 31.30
CA LEU F 249 -1.91 14.91 29.97
C LEU F 249 -1.14 13.64 29.57
N LEU F 250 0.17 13.60 29.83
CA LEU F 250 0.95 12.42 29.51
C LEU F 250 0.44 11.21 30.28
N ILE F 251 0.18 11.39 31.58
CA ILE F 251 -0.27 10.26 32.39
C ILE F 251 -1.66 9.80 31.95
N ASP F 252 -2.52 10.73 31.50
CA ASP F 252 -3.80 10.30 30.97
C ASP F 252 -3.62 9.39 29.74
N SER F 253 -2.60 9.64 28.92
CA SER F 253 -2.36 8.72 27.80
C SER F 253 -1.86 7.36 28.31
N GLN F 254 -0.97 7.36 29.29
CA GLN F 254 -0.51 6.08 29.82
C GLN F 254 -1.65 5.34 30.53
N LEU F 255 -2.56 6.08 31.19
CA LEU F 255 -3.68 5.45 31.86
C LEU F 255 -4.62 4.77 30.87
N LYS F 256 -4.65 5.25 29.63
CA LYS F 256 -5.40 4.54 28.60
C LYS F 256 -4.83 3.15 28.36
N ASP F 257 -3.50 3.04 28.24
CA ASP F 257 -2.89 1.72 28.15
C ASP F 257 -3.21 0.89 29.38
N ALA F 258 -3.11 1.50 30.57
CA ALA F 258 -3.29 0.71 31.79
C ALA F 258 -4.72 0.21 31.93
N GLU F 259 -5.71 0.98 31.44
CA GLU F 259 -7.08 0.46 31.48
CA GLU F 259 -7.09 0.50 31.44
C GLU F 259 -7.25 -0.68 30.48
N ARG F 260 -6.60 -0.61 29.32
CA ARG F 260 -6.62 -1.75 28.40
C ARG F 260 -6.03 -2.99 29.06
N HIS F 261 -4.94 -2.84 29.83
CA HIS F 261 -4.37 -4.01 30.50
C HIS F 261 -5.34 -4.55 31.55
N SER F 262 -6.02 -3.66 32.27
CA SER F 262 -7.01 -4.10 33.25
C SER F 262 -8.17 -4.81 32.57
N ARG F 263 -8.58 -4.35 31.38
CA ARG F 263 -9.69 -4.97 30.67
C ARG F 263 -9.38 -6.42 30.28
N TRP F 264 -8.23 -6.67 29.64
CA TRP F 264 -7.97 -8.07 29.27
C TRP F 264 -7.71 -8.91 30.51
N SER F 265 -7.04 -8.34 31.52
CA SER F 265 -6.82 -9.06 32.79
C SER F 265 -8.12 -9.52 33.42
N LYS F 266 -9.09 -8.61 33.57
N LYS F 266 -9.09 -8.61 33.57
CA LYS F 266 -10.37 -8.98 34.18
CA LYS F 266 -10.37 -8.98 34.18
C LYS F 266 -11.11 -10.00 33.33
C LYS F 266 -11.11 -10.00 33.33
N ALA F 267 -10.98 -9.90 32.00
CA ALA F 267 -11.56 -10.88 31.10
C ALA F 267 -10.97 -12.27 31.34
N LEU F 268 -9.64 -12.35 31.55
CA LEU F 268 -9.04 -13.65 31.82
C LEU F 268 -9.48 -14.23 33.16
N VAL F 269 -9.59 -13.37 34.18
CA VAL F 269 -10.11 -13.79 35.47
C VAL F 269 -11.50 -14.40 35.31
N LYS F 270 -12.38 -13.71 34.56
CA LYS F 270 -13.73 -14.21 34.35
C LYS F 270 -13.72 -15.56 33.65
N HIS F 271 -12.88 -15.69 32.61
CA HIS F 271 -12.65 -16.97 31.96
C HIS F 271 -12.20 -18.03 32.96
N ALA F 272 -11.22 -17.69 33.80
CA ALA F 272 -10.70 -18.68 34.75
C ALA F 272 -11.76 -19.07 35.78
N LEU F 273 -12.64 -18.14 36.16
CA LEU F 273 -13.65 -18.45 37.17
C LEU F 273 -14.76 -19.36 36.64
N GLU F 274 -14.73 -19.73 35.36
CA GLU F 274 -15.63 -20.79 34.89
C GLU F 274 -15.32 -22.10 35.59
N ASN F 275 -14.07 -22.27 36.06
CA ASN F 275 -13.73 -23.40 36.91
C ASN F 275 -13.84 -22.93 38.35
N PRO F 276 -14.79 -23.45 39.13
CA PRO F 276 -15.00 -22.93 40.51
C PRO F 276 -13.78 -23.06 41.41
N ASP F 277 -12.88 -24.01 41.14
CA ASP F 277 -11.68 -24.16 41.98
C ASP F 277 -10.77 -22.93 41.89
N ASN F 278 -10.85 -22.18 40.80
CA ASN F 278 -9.88 -21.11 40.59
C ASN F 278 -10.12 -19.89 41.46
N HIS F 279 -11.33 -19.72 42.00
CA HIS F 279 -11.60 -18.56 42.84
C HIS F 279 -10.68 -18.55 44.07
N ALA F 280 -10.57 -19.70 44.75
CA ALA F 280 -9.68 -19.79 45.92
C ALA F 280 -8.23 -19.57 45.53
N VAL F 281 -7.80 -20.12 44.39
CA VAL F 281 -6.41 -19.98 43.95
C VAL F 281 -6.06 -18.51 43.73
N ILE F 282 -6.93 -17.78 43.04
CA ILE F 282 -6.62 -16.39 42.71
C ILE F 282 -6.72 -15.51 43.95
N GLU F 283 -7.75 -15.72 44.76
CA GLU F 283 -7.87 -14.95 46.00
C GLU F 283 -6.68 -15.17 46.91
N GLY F 284 -6.17 -16.41 46.95
CA GLY F 284 -4.99 -16.68 47.77
C GLY F 284 -3.76 -15.94 47.29
N TRP F 285 -3.51 -15.94 45.97
CA TRP F 285 -2.38 -15.18 45.46
C TRP F 285 -2.58 -13.69 45.69
N ILE F 286 -3.81 -13.19 45.53
CA ILE F 286 -4.06 -11.77 45.76
C ILE F 286 -3.76 -11.40 47.21
N GLU F 287 -4.22 -12.22 48.16
CA GLU F 287 -3.93 -11.95 49.57
C GLU F 287 -2.45 -12.08 49.87
N LYS F 288 -1.74 -12.98 49.16
CA LYS F 288 -0.31 -13.14 49.39
C LYS F 288 0.49 -11.90 48.97
N TRP F 289 0.11 -11.26 47.85
CA TRP F 289 0.88 -10.16 47.29
C TRP F 289 0.36 -8.79 47.71
N ARG F 290 -0.90 -8.68 48.13
CA ARG F 290 -1.43 -7.40 48.60
C ARG F 290 -0.57 -6.69 49.63
N PRO F 291 -0.06 -7.34 50.69
CA PRO F 291 0.73 -6.61 51.69
C PRO F 291 1.99 -5.96 51.12
N LEU F 292 2.73 -6.68 50.27
CA LEU F 292 3.89 -6.07 49.60
C LEU F 292 3.48 -4.89 48.73
N ALA F 293 2.33 -4.99 48.06
CA ALA F 293 1.88 -3.88 47.23
C ALA F 293 1.48 -2.68 48.08
N ASP F 294 0.80 -2.92 49.20
CA ASP F 294 0.40 -1.81 50.06
C ASP F 294 1.60 -1.11 50.67
N ARG F 295 2.60 -1.88 51.14
CA ARG F 295 3.80 -1.27 51.67
C ARG F 295 4.53 -0.47 50.60
N ALA F 296 4.58 -1.01 49.38
CA ALA F 296 5.17 -0.27 48.27
C ALA F 296 4.49 1.09 48.11
N ALA F 297 3.17 1.11 48.01
CA ALA F 297 2.43 2.34 47.81
C ALA F 297 2.63 3.32 48.97
N GLU F 298 2.51 2.81 50.20
CA GLU F 298 2.68 3.65 51.39
C GLU F 298 4.02 4.34 51.37
N ALA F 299 5.10 3.60 51.11
CA ALA F 299 6.43 4.20 51.11
C ALA F 299 6.56 5.22 50.00
N TYR F 300 6.07 4.90 48.80
CA TYR F 300 6.10 5.86 47.71
C TYR F 300 5.35 7.15 48.07
N LEU F 301 4.11 7.01 48.55
CA LEU F 301 3.30 8.18 48.84
C LEU F 301 3.92 9.03 49.95
N SER F 302 4.54 8.37 50.94
CA SER F 302 5.28 9.11 51.96
C SER F 302 6.35 10.00 51.33
N MET F 303 7.10 9.43 50.37
CA MET F 303 8.18 10.18 49.75
C MET F 303 7.64 11.32 48.89
N LEU F 304 6.53 11.07 48.18
CA LEU F 304 5.94 12.11 47.35
C LEU F 304 5.43 13.28 48.19
N SER F 305 5.07 13.01 49.45
CA SER F 305 4.50 14.03 50.35
C SER F 305 5.56 14.89 51.04
N SER F 306 6.77 14.39 51.22
CA SER F 306 7.78 15.06 52.04
C SER F 306 8.35 16.31 51.37
N SER G 2 10.22 -64.25 14.65
CA SER G 2 9.54 -63.04 15.12
C SER G 2 10.12 -61.80 14.42
N ALA G 3 9.44 -60.67 14.56
CA ALA G 3 9.83 -59.45 13.86
C ALA G 3 11.22 -59.01 14.32
N PHE G 4 12.00 -58.50 13.35
CA PHE G 4 13.36 -58.05 13.61
C PHE G 4 13.60 -56.86 12.69
N PRO G 5 13.47 -55.64 13.19
CA PRO G 5 13.65 -54.45 12.33
C PRO G 5 15.12 -54.15 12.10
N VAL G 6 15.45 -53.84 10.84
CA VAL G 6 16.78 -53.39 10.46
C VAL G 6 16.63 -52.09 9.69
N HIS G 7 17.71 -51.29 9.69
CA HIS G 7 17.84 -50.17 8.77
C HIS G 7 18.78 -50.61 7.67
N ALA G 8 18.34 -50.55 6.42
CA ALA G 8 19.08 -51.15 5.33
C ALA G 8 19.30 -50.14 4.21
N ALA G 9 20.52 -50.07 3.73
CA ALA G 9 20.87 -49.25 2.57
C ALA G 9 21.19 -50.19 1.43
N PHE G 10 20.50 -50.01 0.31
CA PHE G 10 20.68 -50.90 -0.85
C PHE G 10 21.62 -50.23 -1.85
N GLU G 11 22.52 -51.03 -2.42
CA GLU G 11 23.53 -50.50 -3.34
C GLU G 11 22.88 -49.73 -4.47
N LYS G 12 23.24 -48.45 -4.56
CA LYS G 12 22.91 -47.46 -5.61
C LYS G 12 21.60 -46.72 -5.30
N ASP G 13 20.89 -47.07 -4.24
CA ASP G 13 19.76 -46.28 -3.79
C ASP G 13 20.26 -44.99 -3.15
N PHE G 14 19.33 -44.11 -2.77
CA PHE G 14 19.68 -42.81 -2.21
C PHE G 14 19.48 -42.72 -0.70
N LEU G 15 19.04 -43.79 -0.03
CA LEU G 15 18.60 -43.62 1.35
C LEU G 15 18.68 -44.96 2.09
N VAL G 16 18.46 -44.87 3.40
CA VAL G 16 18.36 -46.01 4.30
C VAL G 16 16.89 -46.14 4.68
N GLN G 17 16.38 -47.36 4.63
CA GLN G 17 14.96 -47.61 4.92
C GLN G 17 14.81 -48.58 6.07
N LEU G 18 13.69 -48.44 6.77
CA LEU G 18 13.24 -49.46 7.70
C LEU G 18 12.74 -50.67 6.93
N VAL G 19 13.30 -51.85 7.21
CA VAL G 19 12.83 -53.12 6.67
C VAL G 19 12.73 -54.10 7.83
N VAL G 20 11.56 -54.67 8.06
CA VAL G 20 11.40 -55.63 9.14
C VAL G 20 11.53 -57.03 8.56
N VAL G 21 12.55 -57.76 9.02
CA VAL G 21 12.77 -59.16 8.65
C VAL G 21 12.44 -60.02 9.85
N ASP G 22 12.77 -61.29 9.78
CA ASP G 22 12.48 -62.20 10.88
C ASP G 22 13.77 -62.76 11.44
N LEU G 23 13.71 -63.13 12.72
CA LEU G 23 14.89 -63.56 13.47
C LEU G 23 15.57 -64.76 12.84
N ASN G 24 14.82 -65.59 12.10
CA ASN G 24 15.36 -66.80 11.52
C ASN G 24 15.51 -66.72 10.01
N ASP G 25 15.38 -65.53 9.42
CA ASP G 25 15.67 -65.32 8.01
C ASP G 25 17.16 -65.52 7.72
N SER G 26 17.46 -66.26 6.65
CA SER G 26 18.80 -66.29 6.11
C SER G 26 19.16 -64.93 5.51
N MET G 27 20.47 -64.71 5.33
CA MET G 27 20.94 -63.48 4.70
C MET G 27 20.36 -63.31 3.29
N ASP G 28 20.25 -64.41 2.53
CA ASP G 28 19.61 -64.36 1.22
C ASP G 28 18.17 -63.87 1.34
N GLN G 29 17.45 -64.32 2.36
CA GLN G 29 16.06 -63.88 2.56
C GLN G 29 16.01 -62.42 3.00
N VAL G 30 16.97 -61.99 3.82
CA VAL G 30 17.03 -60.59 4.22
C VAL G 30 17.22 -59.69 3.00
N ALA G 31 18.22 -60.01 2.17
CA ALA G 31 18.52 -59.20 1.00
C ALA G 31 17.30 -59.08 0.08
N GLU G 32 16.55 -60.18 -0.10
CA GLU G 32 15.37 -60.11 -0.96
C GLU G 32 14.29 -59.22 -0.35
N LYS G 33 14.13 -59.26 0.97
CA LYS G 33 13.13 -58.41 1.62
C LYS G 33 13.50 -56.93 1.50
N VAL G 34 14.80 -56.61 1.53
CA VAL G 34 15.22 -55.23 1.29
C VAL G 34 15.04 -54.84 -0.17
N ALA G 35 15.40 -55.75 -1.08
CA ALA G 35 15.31 -55.46 -2.52
C ALA G 35 13.88 -55.18 -2.96
N TYR G 36 12.89 -55.71 -2.21
CA TYR G 36 11.49 -55.45 -2.54
C TYR G 36 11.17 -53.95 -2.48
N HIS G 37 11.85 -53.22 -1.60
CA HIS G 37 11.60 -51.80 -1.41
C HIS G 37 12.52 -50.89 -2.21
N CYS G 38 13.34 -51.44 -3.12
N CYS G 38 13.30 -51.45 -3.14
CA CYS G 38 14.38 -50.68 -3.80
CA CYS G 38 14.37 -50.69 -3.79
C CYS G 38 14.47 -50.98 -5.27
C CYS G 38 14.44 -50.99 -5.27
N VAL G 39 14.69 -52.25 -5.62
CA VAL G 39 14.88 -52.62 -7.02
C VAL G 39 13.58 -52.47 -7.78
N ASN G 40 13.67 -51.90 -8.98
CA ASN G 40 12.55 -51.59 -9.87
C ASN G 40 11.71 -50.44 -9.33
N ARG G 41 12.11 -49.84 -8.21
CA ARG G 41 11.52 -48.63 -7.68
C ARG G 41 12.42 -47.43 -7.94
N ARG G 42 13.67 -47.52 -7.48
CA ARG G 42 14.65 -46.48 -7.68
C ARG G 42 15.99 -47.01 -8.15
N VAL G 43 16.16 -48.34 -8.23
CA VAL G 43 17.42 -48.99 -8.57
CA VAL G 43 17.42 -48.92 -8.65
C VAL G 43 17.13 -49.98 -9.70
N ALA G 44 17.92 -49.95 -10.76
CA ALA G 44 17.73 -50.87 -11.87
C ALA G 44 18.01 -52.31 -11.42
N PRO G 45 17.27 -53.28 -11.96
CA PRO G 45 17.63 -54.68 -11.70
C PRO G 45 18.96 -55.00 -12.37
N ARG G 46 19.71 -55.91 -11.75
CA ARG G 46 20.96 -56.36 -12.35
C ARG G 46 21.23 -57.82 -11.96
N GLU G 47 22.14 -58.42 -12.72
CA GLU G 47 22.60 -59.78 -12.48
C GLU G 47 23.67 -59.80 -11.38
N GLY G 48 23.77 -60.93 -10.68
CA GLY G 48 24.70 -61.09 -9.58
C GLY G 48 24.00 -61.50 -8.31
N VAL G 49 24.81 -61.87 -7.32
CA VAL G 49 24.33 -62.37 -6.03
C VAL G 49 24.36 -61.25 -5.01
N MET G 50 23.25 -61.08 -4.29
CA MET G 50 23.10 -60.02 -3.30
C MET G 50 23.69 -60.48 -1.97
N ARG G 51 24.55 -59.65 -1.39
CA ARG G 51 25.23 -59.97 -0.13
C ARG G 51 24.85 -58.94 0.93
N VAL G 52 24.88 -59.36 2.18
CA VAL G 52 24.50 -58.50 3.30
C VAL G 52 25.73 -58.30 4.19
N ARG G 53 25.92 -57.07 4.65
CA ARG G 53 27.03 -56.78 5.54
C ARG G 53 26.58 -55.72 6.53
N LYS G 54 27.25 -55.71 7.65
CA LYS G 54 27.09 -54.62 8.57
C LYS G 54 27.57 -53.32 7.90
N HIS G 55 26.80 -52.24 8.10
CA HIS G 55 27.02 -51.00 7.36
C HIS G 55 28.49 -50.53 7.44
N ARG G 56 29.09 -50.33 6.27
CA ARG G 56 30.44 -49.77 6.03
C ARG G 56 31.56 -50.78 6.27
N SER G 57 31.28 -51.99 6.75
CA SER G 57 32.37 -52.90 7.08
C SER G 57 32.85 -53.63 5.83
N THR G 58 33.95 -54.37 6.01
CA THR G 58 34.61 -55.02 4.88
C THR G 58 34.11 -56.44 4.63
N GLU G 59 33.62 -57.13 5.65
CA GLU G 59 33.25 -58.54 5.55
C GLU G 59 31.76 -58.70 5.26
N LEU G 60 31.45 -59.73 4.48
CA LEU G 60 30.08 -60.08 4.11
C LEU G 60 29.58 -61.22 4.98
N PHE G 61 28.33 -61.13 5.41
CA PHE G 61 27.73 -62.25 6.14
C PHE G 61 27.59 -63.45 5.19
N PRO G 62 27.83 -64.67 5.68
CA PRO G 62 27.52 -65.85 4.87
C PRO G 62 26.06 -65.88 4.43
N ARG G 63 25.82 -66.37 3.21
CA ARG G 63 24.49 -66.29 2.63
C ARG G 63 23.50 -67.15 3.42
N ASP G 64 23.97 -68.28 3.94
CA ASP G 64 23.14 -69.21 4.69
C ASP G 64 22.92 -68.79 6.14
N MET G 65 23.73 -67.85 6.65
CA MET G 65 23.59 -67.43 8.04
C MET G 65 22.25 -66.76 8.26
N THR G 66 21.65 -67.02 9.43
CA THR G 66 20.40 -66.36 9.79
C THR G 66 20.68 -65.10 10.62
N ILE G 67 19.64 -64.29 10.79
CA ILE G 67 19.77 -63.08 11.61
C ILE G 67 20.10 -63.46 13.06
N ALA G 68 19.50 -64.55 13.55
CA ALA G 68 19.80 -64.99 14.92
C ALA G 68 21.26 -65.42 15.07
N GLU G 69 21.80 -66.13 14.07
CA GLU G 69 23.18 -66.59 14.17
C GLU G 69 24.15 -65.44 13.93
N SER G 70 23.77 -64.44 13.14
CA SER G 70 24.59 -63.25 12.96
C SER G 70 24.82 -62.55 14.31
N GLY G 71 25.72 -61.58 14.29
CA GLY G 71 25.84 -60.81 15.51
C GLY G 71 24.85 -59.67 15.67
N LEU G 72 23.90 -59.53 14.73
CA LEU G 72 23.14 -58.29 14.62
C LEU G 72 22.12 -58.14 15.74
N ASN G 73 21.94 -56.88 16.20
CA ASN G 73 20.95 -56.37 17.13
C ASN G 73 19.84 -55.64 16.37
N PRO G 74 18.60 -55.68 16.88
CA PRO G 74 17.52 -54.95 16.21
C PRO G 74 17.85 -53.47 16.05
N THR G 75 17.43 -52.92 14.90
CA THR G 75 17.63 -51.53 14.48
C THR G 75 19.08 -51.21 14.12
N GLU G 76 19.96 -52.20 14.00
CA GLU G 76 21.28 -51.92 13.47
C GLU G 76 21.20 -51.68 11.97
N VAL G 77 22.25 -51.04 11.41
CA VAL G 77 22.27 -50.67 9.99
C VAL G 77 23.05 -51.73 9.23
N ILE G 78 22.47 -52.21 8.13
CA ILE G 78 23.13 -53.13 7.23
C ILE G 78 23.17 -52.52 5.82
N ASP G 79 24.12 -52.99 5.02
CA ASP G 79 24.15 -52.72 3.58
C ASP G 79 23.78 -54.01 2.83
N VAL G 80 23.04 -53.87 1.73
CA VAL G 80 22.83 -54.97 0.77
C VAL G 80 23.56 -54.57 -0.50
N VAL G 81 24.62 -55.32 -0.84
CA VAL G 81 25.49 -55.00 -1.97
C VAL G 81 25.69 -56.26 -2.81
N PHE G 82 26.33 -56.07 -3.97
CA PHE G 82 26.57 -57.15 -4.92
C PHE G 82 28.06 -57.50 -4.94
N GLU G 83 28.35 -58.75 -5.29
CA GLU G 83 29.73 -59.18 -5.48
C GLU G 83 30.28 -58.66 -6.81
N SER H 2 36.39 -26.08 -3.96
CA SER H 2 36.76 -25.47 -2.68
C SER H 2 37.49 -24.16 -2.89
N THR H 3 38.12 -23.98 -4.05
CA THR H 3 38.71 -22.69 -4.37
C THR H 3 37.64 -21.68 -4.80
N LEU H 4 36.52 -22.16 -5.35
CA LEU H 4 35.39 -21.26 -5.57
C LEU H 4 34.82 -20.78 -4.24
N ALA H 5 34.81 -21.65 -3.22
CA ALA H 5 34.31 -21.27 -1.89
C ALA H 5 35.29 -20.36 -1.18
N GLN H 6 36.60 -20.58 -1.35
CA GLN H 6 37.62 -19.70 -0.79
C GLN H 6 37.43 -18.27 -1.28
N GLN H 7 37.27 -18.10 -2.58
CA GLN H 7 37.16 -16.76 -3.16
C GLN H 7 35.84 -16.11 -2.84
N ALA H 8 34.77 -16.90 -2.64
CA ALA H 8 33.51 -16.32 -2.19
C ALA H 8 33.64 -15.80 -0.77
N LEU H 9 34.35 -16.53 0.09
CA LEU H 9 34.51 -16.12 1.48
C LEU H 9 35.48 -14.95 1.61
N HIS H 10 36.56 -14.95 0.85
CA HIS H 10 37.60 -13.92 0.95
C HIS H 10 37.21 -12.70 0.12
N ASN H 11 36.18 -12.02 0.61
CA ASN H 11 35.70 -10.77 0.03
C ASN H 11 35.65 -9.72 1.14
N ASN H 12 35.61 -8.45 0.72
CA ASN H 12 35.43 -7.36 1.67
C ASN H 12 34.25 -6.48 1.25
N ASN H 13 33.22 -7.07 0.65
CA ASN H 13 32.11 -6.28 0.15
C ASN H 13 31.14 -5.95 1.27
N VAL H 14 30.77 -4.67 1.36
CA VAL H 14 29.82 -4.18 2.35
C VAL H 14 28.81 -3.32 1.64
N GLY H 15 27.59 -3.28 2.19
CA GLY H 15 26.59 -2.36 1.71
C GLY H 15 25.19 -2.91 1.85
N PRO H 16 24.20 -2.13 1.42
CA PRO H 16 22.79 -2.49 1.64
C PRO H 16 22.23 -3.43 0.59
N ILE H 17 21.32 -4.29 1.03
CA ILE H 17 20.43 -5.02 0.13
C ILE H 17 19.08 -4.31 0.19
N ILE H 18 18.68 -3.67 -0.90
CA ILE H 18 17.45 -2.89 -0.98
C ILE H 18 16.36 -3.71 -1.66
N ARG H 19 15.20 -3.82 -1.03
CA ARG H 19 14.14 -4.57 -1.69
C ARG H 19 13.52 -3.74 -2.81
N ALA H 20 12.92 -4.44 -3.78
CA ALA H 20 12.19 -3.81 -4.86
C ALA H 20 11.25 -2.73 -4.34
N GLY H 21 11.32 -1.57 -4.97
CA GLY H 21 10.54 -0.43 -4.51
C GLY H 21 11.21 0.86 -4.95
N ASP H 22 10.72 1.96 -4.38
CA ASP H 22 11.18 3.27 -4.82
C ASP H 22 12.52 3.69 -4.23
N LEU H 23 13.16 2.84 -3.41
CA LEU H 23 14.44 3.22 -2.82
C LEU H 23 15.64 2.66 -3.59
N VAL H 24 15.42 1.77 -4.55
CA VAL H 24 16.54 1.08 -5.20
C VAL H 24 17.43 2.07 -5.94
N GLU H 25 16.85 2.84 -6.85
CA GLU H 25 17.69 3.73 -7.66
C GLU H 25 18.23 4.91 -6.85
N PRO H 26 17.45 5.51 -5.94
CA PRO H 26 18.04 6.54 -5.06
C PRO H 26 19.19 6.04 -4.22
N VAL H 27 19.12 4.82 -3.68
CA VAL H 27 20.24 4.30 -2.89
C VAL H 27 21.47 4.05 -3.77
N ILE H 28 21.28 3.54 -4.99
CA ILE H 28 22.41 3.32 -5.89
C ILE H 28 23.10 4.65 -6.20
N GLU H 29 22.30 5.67 -6.55
CA GLU H 29 22.85 6.99 -6.84
C GLU H 29 23.56 7.58 -5.62
N THR H 30 22.93 7.44 -4.45
CA THR H 30 23.55 7.93 -3.22
C THR H 30 24.88 7.23 -2.94
N ALA H 31 24.90 5.91 -3.11
CA ALA H 31 26.13 5.16 -2.86
C ALA H 31 27.26 5.68 -3.75
N GLU H 32 26.97 5.92 -5.03
CA GLU H 32 27.98 6.45 -5.93
C GLU H 32 28.44 7.84 -5.51
N ILE H 33 27.50 8.70 -5.13
CA ILE H 33 27.82 10.10 -4.84
C ILE H 33 28.59 10.21 -3.54
N ASP H 34 28.16 9.47 -2.52
CA ASP H 34 28.69 9.63 -1.17
C ASP H 34 29.97 8.84 -0.95
N ASN H 35 30.39 8.04 -1.92
CA ASN H 35 31.64 7.28 -1.84
C ASN H 35 32.44 7.51 -3.12
N PRO H 36 32.88 8.74 -3.37
CA PRO H 36 33.71 8.98 -4.55
C PRO H 36 35.02 8.20 -4.41
N GLY H 37 35.46 7.61 -5.52
CA GLY H 37 36.65 6.79 -5.42
C GLY H 37 36.46 5.42 -4.82
N LYS H 38 35.22 4.97 -4.65
CA LYS H 38 34.92 3.57 -4.54
C LYS H 38 34.17 3.12 -5.79
N GLU H 39 34.45 1.92 -6.26
CA GLU H 39 33.64 1.29 -7.29
C GLU H 39 32.41 0.67 -6.63
N ILE H 40 31.23 1.07 -7.07
CA ILE H 40 29.97 0.56 -6.51
C ILE H 40 29.49 -0.59 -7.40
N THR H 41 29.33 -1.78 -6.83
CA THR H 41 28.83 -2.92 -7.56
C THR H 41 27.34 -3.10 -7.29
N VAL H 42 26.60 -3.56 -8.30
CA VAL H 42 25.16 -3.69 -8.19
C VAL H 42 24.74 -5.04 -8.78
N GLU H 43 24.12 -5.89 -7.96
CA GLU H 43 23.56 -7.14 -8.47
C GLU H 43 22.05 -7.10 -8.32
N ASP H 44 21.35 -7.19 -9.45
CA ASP H 44 19.90 -7.05 -9.51
C ASP H 44 19.25 -8.44 -9.51
N ARG H 45 18.50 -8.73 -8.46
CA ARG H 45 17.76 -9.98 -8.38
C ARG H 45 16.26 -9.74 -8.42
N ARG H 46 15.85 -8.60 -8.97
CA ARG H 46 14.47 -8.22 -9.21
C ARG H 46 13.64 -8.01 -7.94
N ALA H 47 13.62 -8.98 -7.02
CA ALA H 47 12.97 -8.74 -5.74
C ALA H 47 13.83 -7.90 -4.80
N TYR H 48 15.13 -7.84 -5.05
CA TYR H 48 16.05 -7.05 -4.25
C TYR H 48 17.26 -6.73 -5.11
N VAL H 49 18.04 -5.75 -4.65
CA VAL H 49 19.29 -5.38 -5.30
CA VAL H 49 19.29 -5.36 -5.30
C VAL H 49 20.38 -5.34 -4.24
N ARG H 50 21.52 -5.98 -4.54
CA ARG H 50 22.67 -6.04 -3.64
C ARG H 50 23.65 -4.96 -4.07
N ILE H 51 23.86 -3.96 -3.22
CA ILE H 51 24.71 -2.82 -3.52
C ILE H 51 25.95 -2.90 -2.63
N ALA H 52 27.15 -2.82 -3.23
CA ALA H 52 28.35 -3.09 -2.44
C ALA H 52 29.52 -2.21 -2.84
N ALA H 53 30.42 -2.01 -1.88
CA ALA H 53 31.73 -1.46 -2.13
C ALA H 53 32.73 -2.17 -1.22
N GLU H 54 34.01 -2.02 -1.55
CA GLU H 54 35.08 -2.66 -0.79
C GLU H 54 35.34 -1.91 0.50
N GLY H 55 35.15 -2.59 1.63
CA GLY H 55 35.61 -2.12 2.94
C GLY H 55 34.70 -1.20 3.71
N GLU H 56 34.12 -0.19 3.03
CA GLU H 56 33.27 0.79 3.68
C GLU H 56 32.34 1.43 2.64
N LEU H 57 31.08 1.65 3.02
CA LEU H 57 30.11 2.30 2.16
C LEU H 57 29.21 3.16 3.03
N ILE H 58 29.10 4.44 2.70
CA ILE H 58 28.31 5.41 3.46
C ILE H 58 27.10 5.83 2.65
N LEU H 59 25.94 5.95 3.30
CA LEU H 59 24.79 6.65 2.74
C LEU H 59 24.43 7.81 3.67
N THR H 60 24.49 9.04 3.16
CA THR H 60 24.11 10.15 4.01
C THR H 60 22.64 10.49 3.78
N ARG H 61 22.00 10.98 4.84
CA ARG H 61 20.60 11.35 4.77
C ARG H 61 20.39 12.46 3.75
N LYS H 62 21.28 13.45 3.74
CA LYS H 62 21.12 14.59 2.84
C LYS H 62 21.11 14.15 1.37
N THR H 63 22.09 13.33 0.97
CA THR H 63 22.16 12.87 -0.42
C THR H 63 20.98 11.97 -0.76
N LEU H 64 20.61 11.07 0.14
CA LEU H 64 19.47 10.19 -0.12
C LEU H 64 18.19 10.99 -0.28
N GLU H 65 18.00 12.02 0.55
CA GLU H 65 16.84 12.89 0.38
C GLU H 65 16.82 13.56 -1.00
N GLU H 66 17.98 14.04 -1.45
CA GLU H 66 17.99 14.71 -2.75
C GLU H 66 17.81 13.70 -3.89
N GLN H 67 18.35 12.49 -3.75
CA GLN H 67 18.17 11.50 -4.82
C GLN H 67 16.77 10.90 -4.82
N LEU H 68 16.15 10.75 -3.63
CA LEU H 68 14.77 10.27 -3.56
C LEU H 68 13.77 11.31 -4.03
N GLY H 69 14.06 12.58 -3.81
CA GLY H 69 13.17 13.64 -4.27
C GLY H 69 12.05 14.02 -3.34
N ARG H 70 12.10 13.60 -2.08
CA ARG H 70 11.06 13.91 -1.11
C ARG H 70 11.69 13.89 0.27
N PRO H 71 11.07 14.55 1.26
CA PRO H 71 11.65 14.56 2.60
C PRO H 71 11.87 13.15 3.12
N PHE H 72 12.99 12.95 3.81
CA PHE H 72 13.42 11.60 4.18
C PHE H 72 14.18 11.62 5.50
N ASN H 73 13.79 10.75 6.43
CA ASN H 73 14.51 10.51 7.68
C ASN H 73 15.29 9.20 7.57
N MET H 74 16.48 9.17 8.17
CA MET H 74 17.34 7.99 8.06
C MET H 74 16.67 6.73 8.60
N GLN H 75 15.87 6.86 9.65
CA GLN H 75 15.23 5.69 10.26
C GLN H 75 14.25 5.02 9.29
N GLU H 76 13.67 5.79 8.37
CA GLU H 76 12.77 5.25 7.35
C GLU H 76 13.43 4.25 6.41
N LEU H 77 14.76 4.26 6.33
CA LEU H 77 15.40 3.31 5.41
C LEU H 77 15.03 1.87 5.75
N GLU H 78 14.66 1.61 7.00
CA GLU H 78 14.34 0.23 7.33
C GLU H 78 13.05 -0.25 6.69
N ILE H 79 12.25 0.66 6.10
CA ILE H 79 11.13 0.19 5.28
C ILE H 79 11.62 -0.63 4.10
N ASN H 80 12.84 -0.36 3.61
CA ASN H 80 13.35 -1.00 2.40
C ASN H 80 14.71 -1.66 2.52
N LEU H 81 15.33 -1.62 3.68
CA LEU H 81 16.63 -2.27 3.89
C LEU H 81 16.37 -3.72 4.27
N ALA H 82 16.41 -4.62 3.29
CA ALA H 82 16.02 -6.01 3.55
C ALA H 82 17.15 -6.82 4.16
N SER H 83 18.40 -6.44 3.92
CA SER H 83 19.55 -7.04 4.58
C SER H 83 20.72 -6.11 4.33
N PHE H 84 21.91 -6.50 4.80
CA PHE H 84 23.10 -5.74 4.45
C PHE H 84 24.31 -6.59 4.76
N ALA H 85 25.40 -6.32 4.04
CA ALA H 85 26.71 -6.87 4.31
C ALA H 85 27.55 -5.84 5.03
N GLY H 86 28.41 -6.32 5.94
CA GLY H 86 29.22 -5.46 6.76
C GLY H 86 28.57 -5.20 8.11
N GLN H 87 29.36 -4.64 9.01
CA GLN H 87 28.80 -4.12 10.25
C GLN H 87 28.12 -2.78 9.99
N ILE H 88 27.17 -2.42 10.83
CA ILE H 88 26.38 -1.23 10.59
C ILE H 88 26.62 -0.22 11.71
N GLN H 89 26.74 1.05 11.33
CA GLN H 89 26.83 2.16 12.28
C GLN H 89 25.89 3.23 11.76
N ALA H 90 24.80 3.48 12.48
CA ALA H 90 23.70 4.28 11.99
C ALA H 90 23.36 5.40 12.97
N ASP H 91 23.02 6.55 12.42
CA ASP H 91 22.59 7.70 13.20
C ASP H 91 21.66 8.54 12.32
N GLU H 92 21.27 9.69 12.85
CA GLU H 92 20.32 10.56 12.16
C GLU H 92 20.87 11.13 10.85
N ASP H 93 22.19 11.20 10.70
CA ASP H 93 22.83 11.86 9.56
C ASP H 93 23.22 10.89 8.45
N GLN H 94 23.47 9.63 8.78
CA GLN H 94 24.00 8.70 7.79
C GLN H 94 23.95 7.30 8.35
N ILE H 95 24.18 6.34 7.46
CA ILE H 95 24.42 4.96 7.83
C ILE H 95 25.73 4.54 7.17
N ARG H 96 26.57 3.83 7.92
CA ARG H 96 27.85 3.38 7.42
C ARG H 96 27.91 1.86 7.52
N PHE H 97 28.21 1.20 6.41
CA PHE H 97 28.44 -0.24 6.37
C PHE H 97 29.94 -0.44 6.25
N TYR H 98 30.52 -1.31 7.09
CA TYR H 98 31.97 -1.39 7.15
C TYR H 98 32.42 -2.74 7.71
N PHE H 99 33.66 -3.08 7.42
CA PHE H 99 34.32 -4.25 7.99
C PHE H 99 35.50 -3.79 8.83
N ASP H 100 35.73 -4.46 9.95
CA ASP H 100 36.92 -4.15 10.72
C ASP H 100 38.16 -4.91 10.27
N LYS H 101 37.99 -6.04 9.58
CA LYS H 101 39.13 -6.81 9.09
C LYS H 101 39.20 -6.75 7.57
N THR H 102 40.38 -7.03 7.04
CA THR H 102 40.61 -7.09 5.60
C THR H 102 40.97 -8.53 5.24
N MET H 103 40.22 -9.12 4.33
CA MET H 103 40.46 -10.51 3.92
C MET H 103 41.13 -10.61 2.54
#